data_8DBK
#
_entry.id   8DBK
#
_cell.length_a   1.00
_cell.length_b   1.00
_cell.length_c   1.00
_cell.angle_alpha   90.00
_cell.angle_beta   90.00
_cell.angle_gamma   90.00
#
_symmetry.space_group_name_H-M   'P 1'
#
loop_
_entity.id
_entity.type
_entity.pdbx_description
1 polymer 'Ribose-phosphate pyrophosphokinase 1'
2 non-polymer "ADENOSINE-5'-TRIPHOSPHATE"
3 non-polymer 5-O-phosphono-alpha-D-ribofuranose
4 non-polymer 'PHOSPHATE ION'
5 non-polymer 'MAGNESIUM ION'
6 non-polymer 1-O-pyrophosphono-5-O-phosphono-alpha-D-ribofuranose
7 non-polymer 'ADENOSINE MONOPHOSPHATE'
8 water water
#
_entity_poly.entity_id   1
_entity_poly.type   'polypeptide(L)'
_entity_poly.pdbx_seq_one_letter_code
;SPNIKIFSGSSHQDLSQKIADRLGLELGKVVTKKFSNQETCVEIGESVRGEDVYIVQSGCGEINDNLMELLIMINACKIA
SASRVTAVIPCFPYARQDKKDKSRAPISAKLVANMLSVAGADHIITMDLHASQIQGFFDIPVDNLYAEPAVLKWIRENIS
EWRNCTIVSPDAGGAKRVTSIADRLNVDFALIHKERKKANEVDRMVLVGDVKDRVAILVDDMADTCGTICHAADKLLSAG
ATRVYAILTHGIFSGPAISRINNACFEAVVVTNTIPQEDKMKHCSKIQVIDISMILAEAIRRTHNGESVSYLFSHVPL
;
_entity_poly.pdbx_strand_id   A,B,C,D,E,F
#
loop_
_chem_comp.id
_chem_comp.type
_chem_comp.name
_chem_comp.formula
AMP non-polymer 'ADENOSINE MONOPHOSPHATE' 'C10 H14 N5 O7 P'
ATP non-polymer ADENOSINE-5'-TRIPHOSPHATE 'C10 H16 N5 O13 P3'
HSX D-saccharide, alpha linking 5-O-phosphono-alpha-D-ribofuranose 'C5 H11 O8 P'
MG non-polymer 'MAGNESIUM ION' 'Mg 2'
PO4 non-polymer 'PHOSPHATE ION' 'O4 P -3'
PRP D-saccharide 1-O-pyrophosphono-5-O-phosphono-alpha-D-ribofuranose 'C5 H13 O14 P3'
#
# COMPACT_ATOMS: atom_id res chain seq x y z
N PRO A 2 -16.45 -9.72 -20.45
CA PRO A 2 -16.69 -10.57 -19.27
C PRO A 2 -18.16 -10.93 -19.08
N ASN A 3 -18.41 -12.16 -18.69
CA ASN A 3 -19.73 -12.64 -18.32
C ASN A 3 -19.85 -12.75 -16.81
N ILE A 4 -21.09 -12.67 -16.33
CA ILE A 4 -21.34 -12.83 -14.91
C ILE A 4 -21.13 -14.29 -14.52
N LYS A 5 -20.36 -14.51 -13.46
CA LYS A 5 -20.30 -15.79 -12.79
C LYS A 5 -20.72 -15.60 -11.34
N ILE A 6 -21.70 -16.38 -10.91
CA ILE A 6 -22.22 -16.31 -9.54
C ILE A 6 -21.74 -17.55 -8.80
N PHE A 7 -21.09 -17.33 -7.66
CA PHE A 7 -20.64 -18.42 -6.79
C PHE A 7 -21.31 -18.25 -5.44
N SER A 8 -21.71 -19.38 -4.85
CA SER A 8 -22.31 -19.40 -3.53
C SER A 8 -21.29 -19.91 -2.52
N GLY A 9 -21.17 -19.20 -1.41
CA GLY A 9 -20.58 -19.77 -0.23
C GLY A 9 -21.56 -20.73 0.42
N SER A 10 -21.14 -21.32 1.53
CA SER A 10 -21.99 -22.28 2.22
C SER A 10 -23.00 -21.62 3.16
N SER A 11 -22.97 -20.30 3.34
CA SER A 11 -23.82 -19.68 4.34
C SER A 11 -25.28 -19.62 3.89
N HIS A 12 -25.54 -19.23 2.63
CA HIS A 12 -26.91 -19.04 2.16
C HIS A 12 -26.98 -19.56 0.71
N GLN A 13 -27.21 -20.87 0.57
CA GLN A 13 -27.25 -21.43 -0.78
C GLN A 13 -28.57 -21.11 -1.47
N ASP A 14 -29.67 -21.10 -0.71
CA ASP A 14 -30.97 -20.81 -1.28
C ASP A 14 -31.01 -19.41 -1.90
N LEU A 15 -30.48 -18.43 -1.19
CA LEU A 15 -30.46 -17.06 -1.71
C LEU A 15 -29.64 -16.98 -2.99
N SER A 16 -28.48 -17.63 -3.02
CA SER A 16 -27.65 -17.60 -4.22
C SER A 16 -28.38 -18.25 -5.40
N GLN A 17 -29.07 -19.36 -5.14
CA GLN A 17 -29.84 -20.00 -6.20
C GLN A 17 -30.94 -19.09 -6.73
N LYS A 18 -31.65 -18.41 -5.82
CA LYS A 18 -32.69 -17.48 -6.24
C LYS A 18 -32.11 -16.35 -7.09
N ILE A 19 -30.97 -15.80 -6.68
CA ILE A 19 -30.33 -14.73 -7.43
C ILE A 19 -29.92 -15.23 -8.80
N ALA A 20 -29.29 -16.40 -8.87
CA ALA A 20 -28.85 -16.96 -10.13
C ALA A 20 -30.02 -17.20 -11.06
N ASP A 21 -31.13 -17.69 -10.52
CA ASP A 21 -32.33 -17.91 -11.32
C ASP A 21 -32.86 -16.61 -11.89
N ARG A 22 -32.87 -15.56 -11.08
CA ARG A 22 -33.36 -14.27 -11.57
C ARG A 22 -32.48 -13.72 -12.68
N LEU A 23 -31.20 -14.05 -12.68
CA LEU A 23 -30.27 -13.62 -13.72
C LEU A 23 -30.19 -14.60 -14.89
N GLY A 24 -30.97 -15.66 -14.87
CA GLY A 24 -30.91 -16.66 -15.93
C GLY A 24 -29.58 -17.37 -16.01
N LEU A 25 -29.00 -17.72 -14.87
CA LEU A 25 -27.68 -18.32 -14.81
C LEU A 25 -27.69 -19.55 -13.91
N GLU A 26 -26.73 -20.42 -14.16
CA GLU A 26 -26.40 -21.48 -13.21
C GLU A 26 -25.38 -20.96 -12.21
N LEU A 27 -25.46 -21.45 -10.98
CA LEU A 27 -24.40 -21.18 -10.01
C LEU A 27 -23.10 -21.79 -10.49
N GLY A 28 -22.00 -21.07 -10.27
CA GLY A 28 -20.71 -21.58 -10.68
C GLY A 28 -20.31 -22.81 -9.88
N LYS A 29 -19.46 -23.64 -10.50
CA LYS A 29 -18.99 -24.86 -9.87
C LYS A 29 -17.90 -24.51 -8.86
N VAL A 30 -18.14 -24.85 -7.61
CA VAL A 30 -17.14 -24.63 -6.56
C VAL A 30 -17.34 -25.67 -5.48
N VAL A 31 -16.23 -26.19 -4.99
CA VAL A 31 -16.20 -27.07 -3.83
C VAL A 31 -15.79 -26.24 -2.63
N THR A 32 -16.67 -26.17 -1.63
CA THR A 32 -16.39 -25.45 -0.39
C THR A 32 -16.72 -26.42 0.74
N LYS A 33 -15.70 -27.00 1.34
CA LYS A 33 -15.87 -27.99 2.40
C LYS A 33 -14.81 -27.74 3.46
N LYS A 34 -14.62 -28.71 4.35
CA LYS A 34 -13.60 -28.64 5.38
C LYS A 34 -12.61 -29.78 5.23
N PHE A 35 -11.33 -29.48 5.43
CA PHE A 35 -10.35 -30.51 5.66
C PHE A 35 -10.63 -31.19 7.01
N SER A 36 -9.89 -32.26 7.27
CA SER A 36 -10.09 -33.02 8.50
C SER A 36 -9.91 -32.15 9.74
N ASN A 37 -8.92 -31.25 9.71
CA ASN A 37 -8.63 -30.38 10.84
C ASN A 37 -9.44 -29.08 10.82
N GLN A 38 -10.52 -29.05 10.04
CA GLN A 38 -11.49 -27.95 9.99
C GLN A 38 -10.95 -26.69 9.32
N GLU A 39 -9.86 -26.77 8.59
CA GLU A 39 -9.51 -25.68 7.69
C GLU A 39 -10.43 -25.70 6.48
N THR A 40 -10.81 -24.50 6.02
CA THR A 40 -11.68 -24.37 4.86
C THR A 40 -10.96 -24.83 3.60
N CYS A 41 -11.60 -25.68 2.82
CA CYS A 41 -11.11 -26.15 1.54
C CYS A 41 -11.99 -25.56 0.44
N VAL A 42 -11.36 -24.89 -0.52
CA VAL A 42 -12.06 -24.28 -1.64
C VAL A 42 -11.38 -24.71 -2.93
N GLU A 43 -12.20 -25.08 -3.92
CA GLU A 43 -11.69 -25.40 -5.26
C GLU A 43 -12.67 -24.87 -6.28
N ILE A 44 -12.24 -23.90 -7.08
CA ILE A 44 -13.09 -23.36 -8.14
C ILE A 44 -13.14 -24.37 -9.28
N GLY A 45 -14.34 -24.89 -9.55
CA GLY A 45 -14.51 -25.96 -10.51
C GLY A 45 -14.61 -25.56 -11.96
N GLU A 46 -14.49 -24.27 -12.28
CA GLU A 46 -14.49 -23.83 -13.66
C GLU A 46 -13.59 -22.62 -13.79
N SER A 47 -13.14 -22.37 -15.01
CA SER A 47 -12.33 -21.20 -15.28
C SER A 47 -13.15 -19.93 -15.04
N VAL A 48 -12.54 -18.97 -14.35
CA VAL A 48 -13.11 -17.65 -14.19
C VAL A 48 -12.25 -16.58 -14.84
N ARG A 49 -11.26 -17.00 -15.64
CA ARG A 49 -10.33 -16.08 -16.27
C ARG A 49 -11.07 -15.05 -17.12
N GLY A 50 -10.84 -13.78 -16.81
CA GLY A 50 -11.50 -12.71 -17.52
C GLY A 50 -12.98 -12.55 -17.25
N GLU A 51 -13.52 -13.20 -16.22
CA GLU A 51 -14.93 -13.15 -15.91
C GLU A 51 -15.23 -12.13 -14.81
N ASP A 52 -16.50 -11.74 -14.74
CA ASP A 52 -17.02 -10.88 -13.68
C ASP A 52 -17.63 -11.77 -12.62
N VAL A 53 -16.96 -11.90 -11.48
CA VAL A 53 -17.29 -12.93 -10.49
C VAL A 53 -18.01 -12.28 -9.32
N TYR A 54 -19.13 -12.86 -8.93
CA TYR A 54 -19.91 -12.42 -7.78
C TYR A 54 -20.00 -13.58 -6.80
N ILE A 55 -19.51 -13.37 -5.59
CA ILE A 55 -19.52 -14.38 -4.55
C ILE A 55 -20.54 -13.96 -3.52
N VAL A 56 -21.51 -14.83 -3.26
CA VAL A 56 -22.60 -14.54 -2.34
C VAL A 56 -22.34 -15.29 -1.05
N GLN A 57 -22.22 -14.54 0.04
CA GLN A 57 -21.97 -15.11 1.35
C GLN A 57 -22.50 -14.13 2.38
N SER A 58 -23.39 -14.58 3.24
CA SER A 58 -23.93 -13.72 4.28
C SER A 58 -23.18 -13.95 5.59
N GLY A 59 -23.08 -12.89 6.39
CA GLY A 59 -22.46 -12.94 7.69
C GLY A 59 -23.42 -13.50 8.72
N CYS A 60 -23.61 -14.81 8.68
CA CYS A 60 -24.56 -15.48 9.55
C CYS A 60 -24.06 -16.88 9.85
N GLY A 61 -24.85 -17.64 10.59
CA GLY A 61 -24.47 -19.00 10.93
C GLY A 61 -23.16 -19.02 11.69
N GLU A 62 -22.24 -19.85 11.22
CA GLU A 62 -20.88 -19.91 11.75
C GLU A 62 -20.11 -18.76 11.12
N ILE A 63 -20.17 -17.60 11.77
CA ILE A 63 -19.77 -16.35 11.14
C ILE A 63 -18.31 -16.37 10.73
N ASN A 64 -17.42 -16.85 11.62
CA ASN A 64 -16.00 -16.84 11.29
C ASN A 64 -15.68 -17.84 10.19
N ASP A 65 -16.29 -19.03 10.25
CA ASP A 65 -16.15 -19.99 9.17
C ASP A 65 -16.59 -19.39 7.83
N ASN A 66 -17.76 -18.75 7.82
CA ASN A 66 -18.28 -18.18 6.59
C ASN A 66 -17.41 -17.06 6.07
N LEU A 67 -16.92 -16.19 6.96
CA LEU A 67 -16.07 -15.09 6.54
C LEU A 67 -14.76 -15.60 5.97
N MET A 68 -14.14 -16.59 6.64
CA MET A 68 -12.92 -17.19 6.09
C MET A 68 -13.18 -17.84 4.75
N GLU A 69 -14.31 -18.53 4.61
CA GLU A 69 -14.64 -19.14 3.34
C GLU A 69 -14.76 -18.09 2.25
N LEU A 70 -15.42 -16.97 2.55
CA LEU A 70 -15.57 -15.90 1.58
C LEU A 70 -14.22 -15.32 1.17
N LEU A 71 -13.33 -15.08 2.15
CA LEU A 71 -12.02 -14.53 1.84
C LEU A 71 -11.21 -15.51 1.00
N ILE A 72 -11.30 -16.80 1.30
CA ILE A 72 -10.56 -17.80 0.54
C ILE A 72 -11.11 -17.91 -0.87
N MET A 73 -12.43 -17.82 -1.02
CA MET A 73 -13.01 -17.84 -2.36
C MET A 73 -12.60 -16.61 -3.17
N ILE A 74 -12.59 -15.43 -2.54
CA ILE A 74 -12.15 -14.23 -3.23
C ILE A 74 -10.72 -14.37 -3.69
N ASN A 75 -9.85 -14.87 -2.81
CA ASN A 75 -8.45 -15.05 -3.18
C ASN A 75 -8.30 -16.06 -4.32
N ALA A 76 -9.03 -17.16 -4.26
CA ALA A 76 -8.96 -18.17 -5.31
C ALA A 76 -9.40 -17.60 -6.66
N CYS A 77 -10.47 -16.79 -6.66
CA CYS A 77 -10.91 -16.17 -7.90
C CYS A 77 -9.90 -15.13 -8.40
N LYS A 78 -9.30 -14.38 -7.48
CA LYS A 78 -8.40 -13.31 -7.87
C LYS A 78 -7.12 -13.84 -8.47
N ILE A 79 -6.56 -14.91 -7.89
CA ILE A 79 -5.35 -15.49 -8.48
C ILE A 79 -5.66 -16.46 -9.61
N ALA A 80 -6.94 -16.75 -9.87
CA ALA A 80 -7.35 -17.44 -11.08
C ALA A 80 -7.63 -16.47 -12.22
N SER A 81 -7.24 -15.20 -12.07
CA SER A 81 -7.29 -14.18 -13.13
C SER A 81 -8.73 -13.78 -13.48
N ALA A 82 -9.59 -13.67 -12.48
CA ALA A 82 -10.90 -13.06 -12.72
C ALA A 82 -10.73 -11.59 -13.11
N SER A 83 -11.54 -11.14 -14.05
CA SER A 83 -11.48 -9.73 -14.43
C SER A 83 -11.90 -8.82 -13.28
N ARG A 84 -12.82 -9.27 -12.45
CA ARG A 84 -13.34 -8.47 -11.35
C ARG A 84 -14.02 -9.41 -10.36
N VAL A 85 -13.82 -9.14 -9.07
CA VAL A 85 -14.40 -9.95 -8.01
C VAL A 85 -15.25 -9.05 -7.12
N THR A 86 -16.51 -9.41 -6.96
CA THR A 86 -17.45 -8.67 -6.14
C THR A 86 -17.94 -9.55 -5.02
N ALA A 87 -17.86 -9.06 -3.79
CA ALA A 87 -18.40 -9.74 -2.63
C ALA A 87 -19.84 -9.28 -2.46
N VAL A 88 -20.78 -10.20 -2.64
CA VAL A 88 -22.18 -9.96 -2.34
C VAL A 88 -22.42 -10.48 -0.94
N ILE A 89 -22.46 -9.57 0.03
CA ILE A 89 -22.58 -9.93 1.44
C ILE A 89 -23.87 -9.32 1.97
N PRO A 90 -25.00 -10.05 1.89
CA PRO A 90 -26.28 -9.44 2.27
C PRO A 90 -26.32 -8.93 3.70
N CYS A 91 -25.78 -9.66 4.65
CA CYS A 91 -25.68 -9.20 6.03
C CYS A 91 -24.20 -9.09 6.39
N PHE A 92 -23.71 -7.87 6.54
CA PHE A 92 -22.28 -7.65 6.76
C PHE A 92 -21.88 -8.10 8.15
N PRO A 93 -20.88 -8.98 8.27
CA PRO A 93 -20.45 -9.44 9.59
C PRO A 93 -19.61 -8.41 10.32
N TYR A 94 -19.72 -8.47 11.66
CA TYR A 94 -19.07 -7.54 12.58
C TYR A 94 -19.47 -6.10 12.35
N ALA A 95 -20.63 -5.87 11.72
CA ALA A 95 -21.06 -4.52 11.43
C ALA A 95 -21.34 -3.73 12.69
N ARG A 96 -21.75 -4.39 13.76
CA ARG A 96 -22.04 -3.70 15.01
C ARG A 96 -20.79 -3.28 15.78
N GLN A 97 -19.63 -3.80 15.41
CA GLN A 97 -18.37 -3.33 15.97
C GLN A 97 -17.73 -2.31 15.04
N ASP A 98 -18.41 -1.19 14.89
CA ASP A 98 -18.01 -0.14 13.97
C ASP A 98 -17.31 1.03 14.66
N LYS A 99 -17.04 0.93 15.96
CA LYS A 99 -16.40 2.00 16.70
C LYS A 99 -15.88 1.48 18.04
N LYS A 100 -15.03 2.27 18.68
CA LYS A 100 -14.44 1.91 19.96
C LYS A 100 -15.25 2.43 21.14
N ASP A 101 -15.65 3.71 21.01
CA ASP A 101 -16.36 4.46 22.08
C ASP A 101 -15.30 4.81 23.12
N LYS A 102 -15.52 4.40 24.37
CA LYS A 102 -14.53 4.63 25.44
C LYS A 102 -13.99 3.28 25.86
N SER A 103 -13.60 2.43 24.91
CA SER A 103 -13.24 1.07 25.26
C SER A 103 -12.00 0.67 24.48
N ARG A 104 -11.13 -0.14 25.11
CA ARG A 104 -9.94 -0.70 24.42
C ARG A 104 -10.46 -1.89 23.63
N ALA A 105 -11.23 -1.62 22.59
CA ALA A 105 -11.89 -2.61 21.76
C ALA A 105 -11.37 -2.52 20.33
N PRO A 106 -11.49 -3.59 19.57
CA PRO A 106 -11.19 -3.50 18.14
C PRO A 106 -12.32 -2.78 17.40
N ILE A 107 -11.99 -2.23 16.24
CA ILE A 107 -13.01 -1.86 15.26
C ILE A 107 -13.07 -3.02 14.27
N SER A 108 -13.83 -4.02 14.62
CA SER A 108 -13.84 -5.28 13.88
C SER A 108 -14.37 -5.11 12.47
N ALA A 109 -15.34 -4.22 12.27
CA ALA A 109 -15.86 -3.98 10.93
C ALA A 109 -14.78 -3.43 10.00
N LYS A 110 -13.94 -2.53 10.51
CA LYS A 110 -12.83 -2.03 9.70
C LYS A 110 -11.82 -3.14 9.38
N LEU A 111 -11.55 -4.00 10.34
CA LEU A 111 -10.66 -5.13 10.08
C LEU A 111 -11.24 -6.05 9.02
N VAL A 112 -12.56 -6.28 9.05
CA VAL A 112 -13.22 -7.08 8.02
C VAL A 112 -13.09 -6.42 6.66
N ALA A 113 -13.26 -5.09 6.61
CA ALA A 113 -13.10 -4.37 5.35
C ALA A 113 -11.68 -4.52 4.80
N ASN A 114 -10.68 -4.39 5.67
CA ASN A 114 -9.29 -4.55 5.27
C ASN A 114 -9.04 -5.96 4.75
N MET A 115 -9.60 -6.95 5.44
CA MET A 115 -9.42 -8.34 5.03
C MET A 115 -10.04 -8.59 3.66
N LEU A 116 -11.25 -8.07 3.44
CA LEU A 116 -11.89 -8.22 2.14
C LEU A 116 -11.06 -7.55 1.04
N SER A 117 -10.53 -6.36 1.32
CA SER A 117 -9.72 -5.68 0.32
C SER A 117 -8.44 -6.45 0.02
N VAL A 118 -7.76 -6.95 1.06
CA VAL A 118 -6.49 -7.64 0.82
C VAL A 118 -6.73 -8.99 0.16
N ALA A 119 -7.88 -9.63 0.40
CA ALA A 119 -8.19 -10.87 -0.32
C ALA A 119 -8.33 -10.61 -1.81
N GLY A 120 -8.72 -9.41 -2.20
CA GLY A 120 -8.79 -9.07 -3.61
C GLY A 120 -10.11 -8.52 -4.10
N ALA A 121 -11.10 -8.38 -3.22
CA ALA A 121 -12.39 -7.88 -3.64
C ALA A 121 -12.26 -6.51 -4.27
N ASP A 122 -12.91 -6.33 -5.42
CA ASP A 122 -12.97 -5.04 -6.09
C ASP A 122 -14.25 -4.28 -5.82
N HIS A 123 -15.28 -4.95 -5.29
CA HIS A 123 -16.59 -4.34 -5.14
C HIS A 123 -17.33 -5.08 -4.04
N ILE A 124 -18.06 -4.33 -3.23
CA ILE A 124 -18.89 -4.89 -2.17
C ILE A 124 -20.33 -4.51 -2.47
N ILE A 125 -21.21 -5.50 -2.43
CA ILE A 125 -22.65 -5.28 -2.46
C ILE A 125 -23.23 -5.85 -1.17
N THR A 126 -23.86 -5.00 -0.39
CA THR A 126 -24.43 -5.40 0.89
C THR A 126 -25.81 -4.78 1.02
N MET A 127 -26.56 -5.20 2.03
CA MET A 127 -27.90 -4.68 2.25
C MET A 127 -28.02 -4.15 3.67
N ASP A 128 -28.43 -2.89 3.79
CA ASP A 128 -28.78 -2.25 5.05
C ASP A 128 -27.67 -2.42 6.09
N LEU A 129 -26.53 -1.81 5.80
CA LEU A 129 -25.43 -1.77 6.75
C LEU A 129 -25.88 -1.17 8.07
N HIS A 130 -25.41 -1.74 9.17
CA HIS A 130 -25.80 -1.26 10.49
C HIS A 130 -25.49 0.22 10.66
N ALA A 131 -24.33 0.65 10.17
CA ALA A 131 -23.99 2.06 10.09
C ALA A 131 -23.43 2.31 8.69
N SER A 132 -24.01 3.27 7.98
CA SER A 132 -23.52 3.50 6.63
C SER A 132 -22.11 4.08 6.61
N GLN A 133 -21.60 4.53 7.76
CA GLN A 133 -20.19 4.92 7.84
C GLN A 133 -19.26 3.77 7.50
N ILE A 134 -19.73 2.53 7.59
CA ILE A 134 -18.93 1.38 7.20
C ILE A 134 -18.52 1.46 5.74
N GLN A 135 -19.31 2.17 4.92
CA GLN A 135 -18.89 2.40 3.54
C GLN A 135 -17.54 3.08 3.47
N GLY A 136 -17.25 3.97 4.41
CA GLY A 136 -15.96 4.63 4.49
C GLY A 136 -14.83 3.74 4.99
N PHE A 137 -15.15 2.55 5.52
CA PHE A 137 -14.11 1.61 5.91
C PHE A 137 -13.43 0.96 4.72
N PHE A 138 -13.94 1.16 3.51
CA PHE A 138 -13.37 0.62 2.29
C PHE A 138 -12.77 1.74 1.45
N ASP A 139 -11.83 1.37 0.59
CA ASP A 139 -11.44 2.23 -0.51
C ASP A 139 -12.12 1.84 -1.82
N ILE A 140 -12.53 0.58 -1.96
CA ILE A 140 -13.26 0.10 -3.13
C ILE A 140 -14.71 0.56 -3.02
N PRO A 141 -15.45 0.62 -4.13
CA PRO A 141 -16.87 1.01 -4.03
C PRO A 141 -17.68 0.00 -3.24
N VAL A 142 -18.65 0.52 -2.48
CA VAL A 142 -19.57 -0.31 -1.73
C VAL A 142 -20.99 0.10 -2.12
N ASP A 143 -21.77 -0.86 -2.60
CA ASP A 143 -23.17 -0.64 -2.89
C ASP A 143 -23.97 -1.12 -1.68
N ASN A 144 -24.55 -0.18 -0.95
CA ASN A 144 -25.37 -0.48 0.21
C ASN A 144 -26.83 -0.37 -0.22
N LEU A 145 -27.45 -1.51 -0.46
CA LEU A 145 -28.85 -1.56 -0.86
C LEU A 145 -29.75 -1.42 0.36
N TYR A 146 -31.02 -1.19 0.08
CA TYR A 146 -32.04 -0.99 1.11
C TYR A 146 -33.18 -1.96 0.91
N ALA A 147 -33.67 -2.52 2.01
CA ALA A 147 -34.85 -3.37 1.95
C ALA A 147 -36.14 -2.56 1.97
N GLU A 148 -36.03 -1.24 2.07
CA GLU A 148 -37.21 -0.39 2.24
C GLU A 148 -38.26 -0.55 1.16
N PRO A 149 -37.94 -0.57 -0.14
CA PRO A 149 -39.01 -0.78 -1.13
C PRO A 149 -39.75 -2.09 -0.94
N ALA A 150 -39.03 -3.18 -0.65
CA ALA A 150 -39.68 -4.44 -0.36
C ALA A 150 -40.53 -4.36 0.91
N VAL A 151 -40.02 -3.63 1.92
CA VAL A 151 -40.78 -3.47 3.16
C VAL A 151 -42.08 -2.72 2.91
N LEU A 152 -42.03 -1.66 2.11
CA LEU A 152 -43.23 -0.90 1.78
C LEU A 152 -44.22 -1.75 1.01
N LYS A 153 -43.73 -2.55 0.06
CA LYS A 153 -44.60 -3.45 -0.67
C LYS A 153 -45.28 -4.44 0.27
N TRP A 154 -44.52 -5.02 1.19
CA TRP A 154 -45.10 -5.97 2.14
C TRP A 154 -46.17 -5.29 3.00
N ILE A 155 -45.89 -4.09 3.48
CA ILE A 155 -46.85 -3.38 4.32
C ILE A 155 -48.14 -3.14 3.53
N ARG A 156 -48.01 -2.68 2.28
CA ARG A 156 -49.19 -2.33 1.51
C ARG A 156 -50.01 -3.55 1.14
N GLU A 157 -49.38 -4.70 0.96
CA GLU A 157 -50.16 -5.89 0.60
C GLU A 157 -50.59 -6.74 1.79
N ASN A 158 -49.98 -6.59 2.95
CA ASN A 158 -50.24 -7.52 4.05
C ASN A 158 -50.93 -6.90 5.25
N ILE A 159 -51.05 -5.58 5.33
CA ILE A 159 -51.70 -4.91 6.44
C ILE A 159 -52.89 -4.12 5.89
N SER A 160 -54.09 -4.47 6.35
CA SER A 160 -55.30 -3.86 5.81
C SER A 160 -55.42 -2.40 6.23
N GLU A 161 -55.06 -2.10 7.48
CA GLU A 161 -55.15 -0.75 8.00
C GLU A 161 -53.87 0.06 7.81
N TRP A 162 -53.09 -0.26 6.79
CA TRP A 162 -51.78 0.36 6.64
C TRP A 162 -51.89 1.87 6.42
N ARG A 163 -53.00 2.34 5.88
CA ARG A 163 -53.18 3.78 5.73
C ARG A 163 -53.38 4.46 7.08
N ASN A 164 -53.84 3.73 8.10
CA ASN A 164 -54.03 4.27 9.43
C ASN A 164 -53.05 3.73 10.45
N CYS A 165 -52.00 3.04 10.00
CA CYS A 165 -51.02 2.49 10.92
C CYS A 165 -50.01 3.56 11.32
N THR A 166 -49.21 3.24 12.32
CA THR A 166 -48.09 4.08 12.74
C THR A 166 -46.80 3.27 12.71
N ILE A 167 -45.74 3.89 12.19
CA ILE A 167 -44.44 3.25 12.08
C ILE A 167 -43.62 3.64 13.30
N VAL A 168 -43.16 2.65 14.07
CA VAL A 168 -42.54 2.90 15.36
C VAL A 168 -41.06 2.54 15.29
N SER A 169 -40.23 3.44 15.78
CA SER A 169 -38.84 3.13 15.99
C SER A 169 -38.64 2.50 17.37
N PRO A 170 -37.87 1.41 17.46
CA PRO A 170 -37.67 0.77 18.77
C PRO A 170 -36.67 1.50 19.64
N ASP A 171 -35.62 2.07 19.04
CA ASP A 171 -34.58 2.77 19.78
C ASP A 171 -34.37 4.15 19.16
N ALA A 172 -33.41 4.89 19.73
CA ALA A 172 -33.10 6.22 19.20
C ALA A 172 -32.48 6.15 17.81
N GLY A 173 -31.68 5.12 17.55
CA GLY A 173 -31.03 5.02 16.26
C GLY A 173 -31.91 4.54 15.14
N GLY A 174 -33.16 4.21 15.41
CA GLY A 174 -34.03 3.68 14.38
C GLY A 174 -34.95 4.72 13.78
N ALA A 175 -34.93 5.92 14.35
CA ALA A 175 -35.91 6.94 13.97
C ALA A 175 -35.78 7.35 12.51
N LYS A 176 -34.56 7.38 11.96
CA LYS A 176 -34.40 7.86 10.60
C LYS A 176 -35.03 6.92 9.59
N ARG A 177 -34.74 5.63 9.72
CA ARG A 177 -35.33 4.63 8.83
C ARG A 177 -36.85 4.64 8.93
N VAL A 178 -37.38 4.71 10.16
CA VAL A 178 -38.83 4.65 10.31
C VAL A 178 -39.48 5.93 9.80
N THR A 179 -38.80 7.06 9.91
CA THR A 179 -39.38 8.28 9.36
C THR A 179 -39.38 8.26 7.85
N SER A 180 -38.33 7.71 7.23
CA SER A 180 -38.36 7.54 5.79
C SER A 180 -39.53 6.66 5.37
N ILE A 181 -39.73 5.55 6.08
CA ILE A 181 -40.83 4.65 5.75
C ILE A 181 -42.17 5.35 5.92
N ALA A 182 -42.34 6.06 7.04
CA ALA A 182 -43.61 6.73 7.30
C ALA A 182 -43.87 7.84 6.28
N ASP A 183 -42.83 8.54 5.86
CA ASP A 183 -42.95 9.53 4.81
C ASP A 183 -43.40 8.91 3.51
N ARG A 184 -42.83 7.76 3.16
CA ARG A 184 -43.24 7.07 1.94
C ARG A 184 -44.69 6.59 2.05
N LEU A 185 -45.08 6.07 3.20
CA LEU A 185 -46.43 5.58 3.41
C LEU A 185 -47.42 6.70 3.70
N ASN A 186 -46.94 7.90 4.03
CA ASN A 186 -47.80 9.01 4.44
C ASN A 186 -48.65 8.64 5.64
N VAL A 187 -48.00 8.11 6.68
CA VAL A 187 -48.66 7.74 7.92
C VAL A 187 -47.92 8.40 9.08
N ASP A 188 -48.52 8.34 10.25
CA ASP A 188 -47.89 8.85 11.45
C ASP A 188 -46.78 7.90 11.90
N PHE A 189 -45.90 8.42 12.76
CA PHE A 189 -44.87 7.60 13.36
C PHE A 189 -44.80 7.86 14.85
N ALA A 190 -44.28 6.88 15.58
CA ALA A 190 -44.03 7.02 17.00
C ALA A 190 -42.60 6.61 17.30
N LEU A 191 -42.03 7.21 18.33
CA LEU A 191 -40.65 6.97 18.72
C LEU A 191 -40.60 6.39 20.12
N ILE A 192 -39.73 5.43 20.31
CA ILE A 192 -39.56 4.73 21.59
C ILE A 192 -38.08 4.75 21.93
N HIS A 193 -37.77 5.04 23.19
CA HIS A 193 -36.42 4.72 23.64
C HIS A 193 -36.43 4.30 25.10
N LYS A 194 -35.34 3.66 25.49
CA LYS A 194 -35.19 3.15 26.84
C LYS A 194 -34.68 4.25 27.75
N GLU A 195 -35.38 4.47 28.87
CA GLU A 195 -34.96 5.47 29.85
C GLU A 195 -33.72 4.99 30.59
N ARG A 196 -33.28 5.81 31.54
CA ARG A 196 -32.07 5.53 32.29
C ARG A 196 -32.24 4.31 33.18
N LYS A 197 -31.14 3.59 33.38
CA LYS A 197 -31.15 2.39 34.22
C LYS A 197 -31.06 2.78 35.69
N LYS A 198 -31.95 3.66 36.14
CA LYS A 198 -31.92 4.16 37.50
C LYS A 198 -33.21 3.97 38.26
N ALA A 199 -34.35 3.88 37.57
CA ALA A 199 -35.61 3.45 38.19
C ALA A 199 -35.52 1.94 38.37
N ASN A 200 -34.93 1.53 39.49
CA ASN A 200 -34.57 0.14 39.69
C ASN A 200 -35.79 -0.76 39.83
N GLU A 201 -36.98 -0.18 40.00
CA GLU A 201 -38.18 -0.99 40.13
C GLU A 201 -38.44 -1.82 38.88
N VAL A 202 -38.36 -1.18 37.72
CA VAL A 202 -38.52 -1.85 36.43
C VAL A 202 -38.02 -0.90 35.36
N ASP A 203 -37.39 -1.47 34.32
CA ASP A 203 -36.88 -0.65 33.22
C ASP A 203 -38.05 -0.03 32.47
N ARG A 204 -37.94 1.26 32.15
CA ARG A 204 -39.03 2.02 31.59
C ARG A 204 -38.75 2.43 30.15
N MET A 205 -39.76 2.28 29.31
CA MET A 205 -39.71 2.71 27.92
C MET A 205 -40.51 4.00 27.79
N VAL A 206 -39.99 4.96 27.04
CA VAL A 206 -40.70 6.20 26.77
C VAL A 206 -41.14 6.21 25.32
N LEU A 207 -42.43 6.50 25.11
CA LEU A 207 -43.07 6.47 23.80
C LEU A 207 -43.70 7.82 23.51
N VAL A 208 -43.38 8.37 22.35
CA VAL A 208 -43.94 9.64 21.89
C VAL A 208 -44.62 9.40 20.55
N GLY A 209 -45.88 9.81 20.44
CA GLY A 209 -46.66 9.56 19.26
C GLY A 209 -47.85 8.67 19.54
N ASP A 210 -49.01 9.00 18.98
CA ASP A 210 -50.24 8.30 19.32
C ASP A 210 -50.31 6.95 18.63
N VAL A 211 -50.54 5.89 19.42
CA VAL A 211 -50.67 4.54 18.90
C VAL A 211 -51.95 3.85 19.37
N LYS A 212 -52.74 4.49 20.23
CA LYS A 212 -53.88 3.82 20.84
C LYS A 212 -54.93 3.48 19.78
N ASP A 213 -55.45 2.24 19.88
CA ASP A 213 -56.47 1.74 18.96
C ASP A 213 -55.98 1.79 17.51
N ARG A 214 -54.71 1.47 17.31
CA ARG A 214 -54.09 1.51 15.99
C ARG A 214 -53.19 0.31 15.81
N VAL A 215 -52.82 0.05 14.56
CA VAL A 215 -51.82 -0.95 14.23
C VAL A 215 -50.45 -0.29 14.29
N ALA A 216 -49.56 -0.85 15.12
CA ALA A 216 -48.21 -0.34 15.28
C ALA A 216 -47.23 -1.27 14.56
N ILE A 217 -46.27 -0.66 13.88
CA ILE A 217 -45.29 -1.40 13.08
C ILE A 217 -43.91 -0.95 13.53
N LEU A 218 -43.25 -1.75 14.36
CA LEU A 218 -41.85 -1.53 14.66
C LEU A 218 -41.01 -1.87 13.44
N VAL A 219 -40.06 -1.00 13.13
CA VAL A 219 -39.14 -1.25 12.02
C VAL A 219 -37.72 -1.10 12.54
N ASP A 220 -36.85 -2.04 12.18
CA ASP A 220 -35.46 -1.96 12.59
C ASP A 220 -34.59 -2.68 11.58
N ASP A 221 -33.28 -2.42 11.67
CA ASP A 221 -32.34 -3.05 10.74
C ASP A 221 -32.10 -4.51 11.09
N MET A 222 -32.10 -4.87 12.36
CA MET A 222 -31.84 -6.26 12.72
C MET A 222 -32.45 -6.57 14.07
N ALA A 223 -32.79 -7.84 14.25
CA ALA A 223 -33.24 -8.38 15.53
C ALA A 223 -32.33 -9.54 15.88
N ASP A 224 -31.45 -9.35 16.85
CA ASP A 224 -30.48 -10.40 17.17
C ASP A 224 -30.97 -11.28 18.32
N THR A 225 -31.04 -10.72 19.52
CA THR A 225 -31.63 -11.41 20.66
C THR A 225 -33.07 -11.01 20.88
N CYS A 226 -33.55 -10.03 20.13
CA CYS A 226 -34.92 -9.53 20.13
C CYS A 226 -35.31 -8.85 21.44
N GLY A 227 -34.33 -8.48 22.26
CA GLY A 227 -34.65 -7.68 23.44
C GLY A 227 -35.25 -6.34 23.06
N THR A 228 -34.67 -5.67 22.07
CA THR A 228 -35.12 -4.34 21.67
C THR A 228 -36.59 -4.36 21.24
N ILE A 229 -36.92 -5.23 20.29
CA ILE A 229 -38.28 -5.24 19.76
C ILE A 229 -39.25 -5.77 20.80
N CYS A 230 -38.83 -6.70 21.66
CA CYS A 230 -39.75 -7.20 22.68
C CYS A 230 -40.09 -6.11 23.69
N HIS A 231 -39.09 -5.35 24.15
CA HIS A 231 -39.37 -4.24 25.05
C HIS A 231 -40.28 -3.21 24.39
N ALA A 232 -39.99 -2.87 23.13
CA ALA A 232 -40.80 -1.89 22.43
C ALA A 232 -42.23 -2.39 22.25
N ALA A 233 -42.40 -3.69 21.95
CA ALA A 233 -43.72 -4.24 21.75
C ALA A 233 -44.53 -4.24 23.05
N ASP A 234 -43.89 -4.57 24.17
CA ASP A 234 -44.60 -4.47 25.44
C ASP A 234 -45.03 -3.03 25.72
N LYS A 235 -44.14 -2.08 25.48
CA LYS A 235 -44.53 -0.67 25.66
C LYS A 235 -45.73 -0.33 24.78
N LEU A 236 -45.70 -0.76 23.52
CA LEU A 236 -46.79 -0.44 22.59
C LEU A 236 -48.10 -1.08 23.02
N LEU A 237 -48.04 -2.31 23.55
CA LEU A 237 -49.24 -2.95 24.05
C LEU A 237 -49.80 -2.19 25.25
N SER A 238 -48.92 -1.68 26.12
CA SER A 238 -49.37 -0.88 27.24
C SER A 238 -50.07 0.40 26.76
N ALA A 239 -49.61 0.96 25.65
CA ALA A 239 -50.15 2.21 25.14
C ALA A 239 -51.42 2.01 24.32
N GLY A 240 -51.88 0.76 24.16
CA GLY A 240 -53.18 0.50 23.58
C GLY A 240 -53.20 0.20 22.10
N ALA A 241 -52.06 -0.06 21.48
CA ALA A 241 -52.04 -0.42 20.07
C ALA A 241 -52.86 -1.67 19.84
N THR A 242 -53.65 -1.67 18.75
CA THR A 242 -54.52 -2.80 18.48
C THR A 242 -53.72 -4.06 18.14
N ARG A 243 -52.78 -3.95 17.21
CA ARG A 243 -51.87 -5.04 16.88
C ARG A 243 -50.47 -4.48 16.71
N VAL A 244 -49.47 -5.35 16.87
CA VAL A 244 -48.08 -4.95 16.74
C VAL A 244 -47.39 -5.89 15.76
N TYR A 245 -46.69 -5.30 14.79
CA TYR A 245 -45.81 -6.00 13.86
C TYR A 245 -44.39 -5.54 14.08
N ALA A 246 -43.44 -6.38 13.67
CA ALA A 246 -42.04 -5.99 13.60
C ALA A 246 -41.53 -6.34 12.22
N ILE A 247 -40.80 -5.43 11.60
CA ILE A 247 -40.20 -5.66 10.30
C ILE A 247 -38.71 -5.35 10.38
N LEU A 248 -37.89 -6.29 9.93
CA LEU A 248 -36.45 -6.21 10.03
C LEU A 248 -35.84 -6.73 8.74
N THR A 249 -34.74 -6.10 8.32
CA THR A 249 -34.06 -6.69 7.18
C THR A 249 -33.25 -7.91 7.59
N HIS A 250 -32.58 -7.89 8.74
CA HIS A 250 -31.71 -8.98 9.15
C HIS A 250 -32.32 -9.73 10.33
N GLY A 251 -32.76 -10.96 10.07
CA GLY A 251 -33.29 -11.84 11.09
C GLY A 251 -32.24 -12.73 11.70
N ILE A 252 -31.39 -12.19 12.58
CA ILE A 252 -30.32 -13.02 13.15
C ILE A 252 -30.90 -14.05 14.12
N PHE A 253 -31.73 -13.60 15.05
CA PHE A 253 -32.49 -14.48 15.95
C PHE A 253 -31.58 -15.46 16.69
N SER A 254 -30.61 -14.93 17.41
CA SER A 254 -29.72 -15.76 18.21
C SER A 254 -30.20 -15.79 19.66
N GLY A 255 -29.56 -16.65 20.45
CA GLY A 255 -29.83 -16.75 21.87
C GLY A 255 -31.28 -17.12 22.17
N PRO A 256 -31.92 -16.33 23.03
CA PRO A 256 -33.32 -16.59 23.40
C PRO A 256 -34.36 -15.99 22.45
N ALA A 257 -33.95 -15.56 21.26
CA ALA A 257 -34.84 -14.76 20.41
C ALA A 257 -36.15 -15.47 20.11
N ILE A 258 -36.09 -16.75 19.75
CA ILE A 258 -37.29 -17.47 19.34
C ILE A 258 -38.27 -17.60 20.50
N SER A 259 -37.76 -17.94 21.69
CA SER A 259 -38.64 -18.03 22.85
C SER A 259 -39.28 -16.68 23.16
N ARG A 260 -38.49 -15.60 23.14
CA ARG A 260 -39.02 -14.28 23.41
C ARG A 260 -40.11 -13.90 22.41
N ILE A 261 -39.87 -14.17 21.13
CA ILE A 261 -40.85 -13.86 20.10
C ILE A 261 -42.12 -14.67 20.31
N ASN A 262 -41.98 -15.96 20.61
CA ASN A 262 -43.14 -16.81 20.83
C ASN A 262 -43.94 -16.36 22.04
N ASN A 263 -43.27 -15.75 23.02
CA ASN A 263 -43.96 -15.23 24.19
C ASN A 263 -44.34 -13.77 24.06
N ALA A 264 -43.97 -13.10 22.97
CA ALA A 264 -44.29 -11.69 22.82
C ALA A 264 -45.68 -11.54 22.20
N CYS A 265 -46.09 -10.29 21.99
CA CYS A 265 -47.42 -9.98 21.49
C CYS A 265 -47.42 -9.67 20.01
N PHE A 266 -46.34 -9.96 19.29
CA PHE A 266 -46.25 -9.62 17.88
C PHE A 266 -47.34 -10.30 17.07
N GLU A 267 -48.01 -9.53 16.21
CA GLU A 267 -48.84 -10.14 15.19
C GLU A 267 -47.99 -10.89 14.18
N ALA A 268 -46.88 -10.29 13.77
CA ALA A 268 -45.93 -10.94 12.88
C ALA A 268 -44.56 -10.32 13.04
N VAL A 269 -43.54 -11.17 12.94
CA VAL A 269 -42.16 -10.72 12.83
C VAL A 269 -41.73 -11.03 11.41
N VAL A 270 -41.50 -10.00 10.62
CA VAL A 270 -41.16 -10.11 9.22
C VAL A 270 -39.70 -9.78 9.06
N VAL A 271 -38.98 -10.63 8.33
CA VAL A 271 -37.56 -10.42 8.07
C VAL A 271 -37.32 -10.57 6.59
N THR A 272 -36.22 -9.99 6.13
CA THR A 272 -35.82 -10.37 4.77
C THR A 272 -35.04 -11.69 4.81
N ASN A 273 -34.82 -12.26 3.63
CA ASN A 273 -33.96 -13.43 3.54
C ASN A 273 -32.51 -13.07 3.23
N THR A 274 -31.94 -12.10 3.93
CA THR A 274 -30.49 -11.93 3.89
C THR A 274 -29.80 -13.02 4.68
N ILE A 275 -30.54 -13.68 5.56
CA ILE A 275 -30.07 -14.79 6.40
C ILE A 275 -31.08 -15.90 6.19
N PRO A 276 -30.66 -17.16 6.07
CA PRO A 276 -31.65 -18.24 5.93
C PRO A 276 -32.53 -18.32 7.16
N GLN A 277 -33.83 -18.52 6.94
CA GLN A 277 -34.83 -18.44 8.00
C GLN A 277 -35.63 -19.71 8.22
N GLU A 278 -35.46 -20.74 7.38
CA GLU A 278 -36.36 -21.89 7.42
C GLU A 278 -36.32 -22.58 8.77
N ASP A 279 -35.11 -22.81 9.29
CA ASP A 279 -34.96 -23.48 10.58
C ASP A 279 -35.60 -22.68 11.70
N LYS A 280 -35.47 -21.36 11.66
CA LYS A 280 -36.10 -20.52 12.66
C LYS A 280 -37.62 -20.52 12.51
N MET A 281 -38.11 -20.49 11.27
CA MET A 281 -39.54 -20.50 11.05
C MET A 281 -40.18 -21.80 11.53
N LYS A 282 -39.42 -22.90 11.50
CA LYS A 282 -39.93 -24.16 12.05
C LYS A 282 -40.30 -24.02 13.52
N HIS A 283 -39.54 -23.22 14.27
CA HIS A 283 -39.74 -23.08 15.70
C HIS A 283 -40.53 -21.84 16.08
N CYS A 284 -40.99 -21.06 15.11
CA CYS A 284 -41.70 -19.82 15.39
C CYS A 284 -42.70 -19.58 14.27
N SER A 285 -43.99 -19.71 14.59
CA SER A 285 -45.02 -19.58 13.57
C SER A 285 -45.20 -18.16 13.07
N LYS A 286 -44.74 -17.16 13.81
CA LYS A 286 -45.04 -15.77 13.46
C LYS A 286 -43.93 -15.10 12.67
N ILE A 287 -42.92 -15.83 12.23
CA ILE A 287 -41.87 -15.28 11.38
C ILE A 287 -42.30 -15.40 9.93
N GLN A 288 -42.35 -14.28 9.22
CA GLN A 288 -42.60 -14.24 7.79
C GLN A 288 -41.37 -13.64 7.11
N VAL A 289 -41.14 -14.05 5.86
CA VAL A 289 -39.91 -13.69 5.15
C VAL A 289 -40.27 -12.92 3.89
N ILE A 290 -39.66 -11.74 3.73
CA ILE A 290 -39.69 -11.01 2.47
C ILE A 290 -38.48 -11.44 1.65
N ASP A 291 -38.73 -11.84 0.42
CA ASP A 291 -37.63 -12.16 -0.48
C ASP A 291 -37.01 -10.85 -0.99
N ILE A 292 -35.70 -10.73 -0.87
CA ILE A 292 -34.97 -9.60 -1.42
C ILE A 292 -34.02 -10.05 -2.52
N SER A 293 -34.16 -11.29 -3.00
CA SER A 293 -33.28 -11.77 -4.05
C SER A 293 -33.45 -11.01 -5.35
N MET A 294 -34.62 -10.42 -5.60
CA MET A 294 -34.77 -9.59 -6.78
C MET A 294 -33.96 -8.30 -6.67
N ILE A 295 -33.88 -7.72 -5.47
CA ILE A 295 -33.08 -6.51 -5.28
C ILE A 295 -31.61 -6.83 -5.50
N LEU A 296 -31.12 -7.92 -4.91
CA LEU A 296 -29.73 -8.32 -5.08
C LEU A 296 -29.42 -8.68 -6.53
N ALA A 297 -30.31 -9.42 -7.18
CA ALA A 297 -30.11 -9.77 -8.58
C ALA A 297 -30.04 -8.53 -9.44
N GLU A 298 -30.94 -7.57 -9.21
CA GLU A 298 -30.90 -6.33 -9.97
C GLU A 298 -29.63 -5.54 -9.70
N ALA A 299 -29.17 -5.51 -8.46
CA ALA A 299 -27.92 -4.82 -8.15
C ALA A 299 -26.76 -5.43 -8.91
N ILE A 300 -26.65 -6.76 -8.88
CA ILE A 300 -25.57 -7.46 -9.58
C ILE A 300 -25.64 -7.15 -11.08
N ARG A 301 -26.84 -7.27 -11.64
CA ARG A 301 -27.01 -7.07 -13.08
C ARG A 301 -26.69 -5.63 -13.48
N ARG A 302 -27.12 -4.67 -12.67
CA ARG A 302 -26.88 -3.27 -12.97
C ARG A 302 -25.41 -2.90 -12.83
N THR A 303 -24.72 -3.43 -11.81
CA THR A 303 -23.28 -3.20 -11.72
C THR A 303 -22.56 -3.81 -12.91
N HIS A 304 -22.99 -5.00 -13.34
CA HIS A 304 -22.34 -5.63 -14.48
C HIS A 304 -22.55 -4.81 -15.75
N ASN A 305 -23.77 -4.30 -15.97
CA ASN A 305 -24.07 -3.58 -17.20
C ASN A 305 -23.71 -2.10 -17.16
N GLY A 306 -23.27 -1.58 -16.02
CA GLY A 306 -23.03 -0.16 -15.93
C GLY A 306 -24.27 0.69 -15.76
N GLU A 307 -25.38 0.09 -15.37
CA GLU A 307 -26.61 0.81 -15.11
C GLU A 307 -26.64 1.34 -13.68
N SER A 308 -27.60 2.20 -13.41
CA SER A 308 -27.67 2.88 -12.12
C SER A 308 -28.18 1.93 -11.04
N VAL A 309 -27.40 1.75 -9.99
CA VAL A 309 -27.82 0.92 -8.87
C VAL A 309 -28.73 1.70 -7.92
N SER A 310 -28.49 3.00 -7.75
CA SER A 310 -29.27 3.80 -6.82
C SER A 310 -30.73 3.92 -7.26
N TYR A 311 -31.03 3.60 -8.52
CA TYR A 311 -32.42 3.46 -8.96
C TYR A 311 -33.17 2.46 -8.09
N LEU A 312 -32.48 1.42 -7.60
CA LEU A 312 -33.09 0.44 -6.71
C LEU A 312 -33.35 0.98 -5.31
N PHE A 313 -32.81 2.15 -4.94
CA PHE A 313 -33.09 2.69 -3.61
C PHE A 313 -34.56 3.04 -3.45
N SER A 314 -35.28 3.28 -4.54
CA SER A 314 -36.67 3.72 -4.46
C SER A 314 -37.63 2.96 -5.35
N HIS A 315 -37.17 2.03 -6.17
CA HIS A 315 -38.02 1.32 -7.13
C HIS A 315 -37.91 -0.18 -6.93
N VAL A 316 -39.06 -0.83 -6.72
CA VAL A 316 -39.10 -2.29 -6.61
C VAL A 316 -38.96 -2.89 -8.01
N PRO A 317 -38.00 -3.79 -8.24
CA PRO A 317 -37.85 -4.38 -9.58
C PRO A 317 -38.87 -5.47 -9.87
N PRO B 2 13.72 10.61 22.12
CA PRO B 2 13.06 11.73 21.43
C PRO B 2 12.37 12.69 22.37
N ASN B 3 12.40 13.98 22.02
CA ASN B 3 11.75 15.01 22.79
C ASN B 3 10.45 15.45 22.11
N ILE B 4 9.55 16.00 22.92
CA ILE B 4 8.34 16.59 22.38
C ILE B 4 8.68 17.90 21.68
N LYS B 5 8.18 18.06 20.46
CA LYS B 5 8.25 19.32 19.73
C LYS B 5 6.85 19.67 19.27
N ILE B 6 6.31 20.77 19.78
CA ILE B 6 4.97 21.23 19.42
C ILE B 6 5.08 22.30 18.36
N PHE B 7 4.42 22.08 17.23
CA PHE B 7 4.30 23.09 16.19
C PHE B 7 2.84 23.51 16.05
N SER B 8 2.63 24.80 15.84
CA SER B 8 1.32 25.35 15.62
C SER B 8 1.12 25.66 14.15
N GLY B 9 -0.05 25.32 13.64
CA GLY B 9 -0.51 25.86 12.38
C GLY B 9 -1.07 27.24 12.56
N SER B 10 -1.64 27.77 11.48
CA SER B 10 -2.19 29.12 11.50
C SER B 10 -3.60 29.19 12.06
N SER B 11 -4.25 28.07 12.32
CA SER B 11 -5.67 28.12 12.65
C SER B 11 -5.92 28.62 14.08
N HIS B 12 -5.34 27.96 15.08
CA HIS B 12 -5.62 28.30 16.48
C HIS B 12 -4.30 28.44 17.21
N GLN B 13 -3.67 29.59 17.05
CA GLN B 13 -2.35 29.81 17.65
C GLN B 13 -2.43 29.93 19.17
N ASP B 14 -3.51 30.52 19.67
CA ASP B 14 -3.68 30.67 21.11
C ASP B 14 -3.78 29.32 21.81
N LEU B 15 -4.52 28.38 21.21
CA LEU B 15 -4.63 27.04 21.79
C LEU B 15 -3.27 26.36 21.82
N SER B 16 -2.50 26.47 20.73
CA SER B 16 -1.18 25.85 20.70
C SER B 16 -0.27 26.44 21.76
N GLN B 17 -0.32 27.75 21.94
CA GLN B 17 0.49 28.40 22.97
C GLN B 17 0.09 27.91 24.35
N LYS B 18 -1.22 27.81 24.62
CA LYS B 18 -1.68 27.30 25.90
C LYS B 18 -1.17 25.88 26.14
N ILE B 19 -1.24 25.03 25.11
CA ILE B 19 -0.78 23.66 25.23
C ILE B 19 0.72 23.63 25.53
N ALA B 20 1.49 24.43 24.80
CA ALA B 20 2.93 24.47 25.01
C ALA B 20 3.26 24.95 26.42
N ASP B 21 2.53 25.94 26.92
CA ASP B 21 2.74 26.42 28.28
C ASP B 21 2.49 25.32 29.29
N ARG B 22 1.40 24.56 29.13
CA ARG B 22 1.11 23.49 30.07
C ARG B 22 2.17 22.39 30.02
N LEU B 23 2.84 22.23 28.89
CA LEU B 23 3.90 21.24 28.75
C LEU B 23 5.28 21.78 29.12
N GLY B 24 5.39 23.06 29.49
CA GLY B 24 6.67 23.65 29.79
C GLY B 24 7.61 23.69 28.61
N LEU B 25 7.08 23.93 27.42
CA LEU B 25 7.86 23.96 26.20
C LEU B 25 7.58 25.27 25.46
N GLU B 26 8.52 25.64 24.60
CA GLU B 26 8.28 26.68 23.63
C GLU B 26 7.78 26.07 22.33
N LEU B 27 6.89 26.79 21.65
CA LEU B 27 6.43 26.36 20.34
C LEU B 27 7.62 26.25 19.39
N GLY B 28 7.61 25.20 18.58
CA GLY B 28 8.68 25.03 17.62
C GLY B 28 8.71 26.15 16.60
N LYS B 29 9.89 26.41 16.07
CA LYS B 29 10.05 27.46 15.08
C LYS B 29 9.59 26.96 13.73
N VAL B 30 8.61 27.64 13.16
CA VAL B 30 8.10 27.30 11.83
C VAL B 30 7.53 28.56 11.21
N VAL B 31 7.82 28.76 9.93
CA VAL B 31 7.18 29.79 9.14
C VAL B 31 6.06 29.13 8.36
N THR B 32 4.85 29.65 8.52
CA THR B 32 3.67 29.21 7.78
C THR B 32 3.03 30.47 7.22
N LYS B 33 3.16 30.68 5.93
CA LYS B 33 2.59 31.85 5.27
C LYS B 33 2.07 31.42 3.91
N LYS B 34 1.80 32.38 3.04
CA LYS B 34 1.37 32.09 1.70
C LYS B 34 2.29 32.78 0.69
N PHE B 35 2.61 32.06 -0.37
CA PHE B 35 3.25 32.68 -1.52
C PHE B 35 2.29 33.68 -2.16
N SER B 36 2.80 34.41 -3.15
CA SER B 36 1.98 35.42 -3.83
C SER B 36 0.74 34.80 -4.46
N ASN B 37 0.89 33.66 -5.13
CA ASN B 37 -0.23 33.00 -5.77
C ASN B 37 -1.12 32.23 -4.80
N GLN B 38 -0.91 32.41 -3.49
CA GLN B 38 -1.73 31.84 -2.43
C GLN B 38 -1.50 30.35 -2.20
N GLU B 39 -0.40 29.80 -2.69
CA GLU B 39 0.02 28.49 -2.23
C GLU B 39 0.61 28.59 -0.82
N THR B 40 0.42 27.53 -0.04
CA THR B 40 0.96 27.49 1.31
C THR B 40 2.47 27.34 1.29
N CYS B 41 3.15 28.16 2.09
CA CYS B 41 4.60 28.11 2.25
C CYS B 41 4.89 27.71 3.70
N VAL B 42 5.65 26.63 3.87
CA VAL B 42 6.00 26.11 5.18
C VAL B 42 7.50 25.88 5.23
N GLU B 43 8.12 26.33 6.31
CA GLU B 43 9.55 26.12 6.53
C GLU B 43 9.78 25.82 8.00
N ILE B 44 10.30 24.64 8.29
CA ILE B 44 10.61 24.25 9.66
C ILE B 44 11.92 24.90 10.07
N GLY B 45 11.87 25.74 11.09
CA GLY B 45 13.01 26.54 11.51
C GLY B 45 13.96 25.88 12.48
N GLU B 46 13.79 24.60 12.77
CA GLU B 46 14.71 23.88 13.64
C GLU B 46 14.70 22.42 13.25
N SER B 47 15.80 21.73 13.55
CA SER B 47 15.87 20.30 13.31
C SER B 47 14.80 19.58 14.13
N VAL B 48 14.06 18.70 13.47
CA VAL B 48 13.12 17.81 14.13
C VAL B 48 13.59 16.38 14.07
N ARG B 49 14.83 16.15 13.65
CA ARG B 49 15.33 14.80 13.43
C ARG B 49 15.33 14.02 14.74
N GLY B 50 14.73 12.83 14.69
CA GLY B 50 14.62 11.98 15.86
C GLY B 50 13.68 12.48 16.94
N GLU B 51 12.82 13.44 16.67
CA GLU B 51 11.95 14.01 17.68
C GLU B 51 10.51 13.49 17.53
N ASP B 52 9.75 13.66 18.60
CA ASP B 52 8.33 13.32 18.65
C ASP B 52 7.55 14.61 18.40
N VAL B 53 7.08 14.79 17.17
CA VAL B 53 6.56 16.06 16.68
C VAL B 53 5.04 16.06 16.80
N TYR B 54 4.49 17.14 17.34
CA TYR B 54 3.05 17.30 17.49
C TYR B 54 2.65 18.58 16.78
N ILE B 55 1.75 18.46 15.80
CA ILE B 55 1.30 19.60 15.02
C ILE B 55 -0.16 19.86 15.36
N VAL B 56 -0.45 21.06 15.86
CA VAL B 56 -1.77 21.43 16.33
C VAL B 56 -2.43 22.30 15.27
N GLN B 57 -3.50 21.80 14.68
CA GLN B 57 -4.26 22.54 13.68
C GLN B 57 -5.72 22.13 13.81
N SER B 58 -6.60 23.11 13.97
CA SER B 58 -8.02 22.84 14.09
C SER B 58 -8.73 23.06 12.77
N GLY B 59 -9.79 22.29 12.54
CA GLY B 59 -10.58 22.43 11.33
C GLY B 59 -11.54 23.59 11.43
N CYS B 60 -11.01 24.82 11.38
CA CYS B 60 -11.81 26.01 11.53
C CYS B 60 -11.29 27.07 10.56
N GLY B 61 -11.98 28.21 10.53
CA GLY B 61 -11.57 29.30 9.68
C GLY B 61 -11.60 28.92 8.21
N GLU B 62 -10.52 29.22 7.51
CA GLU B 62 -10.35 28.82 6.11
C GLU B 62 -9.94 27.35 6.12
N ILE B 63 -10.94 26.49 6.14
CA ILE B 63 -10.73 25.08 6.48
C ILE B 63 -9.81 24.41 5.47
N ASN B 64 -10.00 24.67 4.18
CA ASN B 64 -9.15 24.04 3.18
C ASN B 64 -7.71 24.52 3.28
N ASP B 65 -7.52 25.83 3.51
CA ASP B 65 -6.18 26.35 3.74
C ASP B 65 -5.51 25.69 4.94
N ASN B 66 -6.23 25.59 6.05
CA ASN B 66 -5.64 25.03 7.26
C ASN B 66 -5.35 23.54 7.09
N LEU B 67 -6.22 22.82 6.37
CA LEU B 67 -5.99 21.41 6.11
C LEU B 67 -4.75 21.19 5.25
N MET B 68 -4.63 21.96 4.16
CA MET B 68 -3.43 21.88 3.34
C MET B 68 -2.18 22.25 4.12
N GLU B 69 -2.26 23.29 4.95
CA GLU B 69 -1.11 23.66 5.75
C GLU B 69 -0.71 22.54 6.70
N LEU B 70 -1.69 21.89 7.34
CA LEU B 70 -1.38 20.77 8.23
C LEU B 70 -0.74 19.62 7.46
N LEU B 71 -1.28 19.29 6.29
CA LEU B 71 -0.72 18.20 5.48
C LEU B 71 0.71 18.52 5.06
N ILE B 72 0.97 19.77 4.66
CA ILE B 72 2.29 20.18 4.23
C ILE B 72 3.26 20.16 5.40
N MET B 73 2.82 20.61 6.58
CA MET B 73 3.66 20.57 7.77
C MET B 73 4.01 19.14 8.15
N ILE B 74 3.02 18.24 8.11
CA ILE B 74 3.27 16.83 8.38
C ILE B 74 4.31 16.29 7.40
N ASN B 75 4.13 16.59 6.12
CA ASN B 75 5.07 16.09 5.12
C ASN B 75 6.48 16.59 5.37
N ALA B 76 6.62 17.89 5.64
CA ALA B 76 7.93 18.46 5.91
C ALA B 76 8.59 17.77 7.10
N CYS B 77 7.85 17.58 8.19
CA CYS B 77 8.41 16.94 9.36
C CYS B 77 8.79 15.48 9.08
N LYS B 78 7.95 14.77 8.32
CA LYS B 78 8.24 13.39 7.98
C LYS B 78 9.53 13.26 7.17
N ILE B 79 9.72 14.12 6.16
CA ILE B 79 10.92 14.00 5.35
C ILE B 79 12.12 14.71 5.96
N ALA B 80 11.92 15.49 7.03
CA ALA B 80 12.99 15.94 7.89
C ALA B 80 13.35 14.91 8.96
N SER B 81 12.85 13.68 8.82
CA SER B 81 13.24 12.54 9.65
C SER B 81 12.83 12.71 11.11
N ALA B 82 11.63 13.24 11.33
CA ALA B 82 11.04 13.16 12.66
C ALA B 82 10.83 11.69 13.02
N SER B 83 11.03 11.35 14.30
CA SER B 83 10.82 9.96 14.69
C SER B 83 9.34 9.60 14.68
N ARG B 84 8.48 10.55 15.01
CA ARG B 84 7.03 10.35 14.99
C ARG B 84 6.38 11.69 14.75
N VAL B 85 5.36 11.71 13.89
CA VAL B 85 4.56 12.90 13.63
C VAL B 85 3.13 12.62 14.04
N THR B 86 2.58 13.47 14.90
CA THR B 86 1.23 13.34 15.39
C THR B 86 0.45 14.58 15.01
N ALA B 87 -0.75 14.39 14.46
CA ALA B 87 -1.64 15.50 14.16
C ALA B 87 -2.59 15.69 15.33
N VAL B 88 -2.56 16.87 15.93
CA VAL B 88 -3.47 17.23 17.01
C VAL B 88 -4.53 18.11 16.39
N ILE B 89 -5.70 17.54 16.13
CA ILE B 89 -6.75 18.21 15.39
C ILE B 89 -7.97 18.34 16.29
N PRO B 90 -8.08 19.41 17.08
CA PRO B 90 -9.18 19.48 18.05
C PRO B 90 -10.55 19.40 17.40
N CYS B 91 -10.73 20.01 16.23
CA CYS B 91 -11.96 19.90 15.44
C CYS B 91 -11.62 19.27 14.10
N PHE B 92 -12.07 18.05 13.88
CA PHE B 92 -11.70 17.32 12.67
C PHE B 92 -12.42 17.87 11.45
N PRO B 93 -11.71 18.34 10.43
CA PRO B 93 -12.38 18.90 9.24
C PRO B 93 -13.09 17.82 8.44
N TYR B 94 -14.23 18.21 7.86
CA TYR B 94 -15.07 17.35 7.03
C TYR B 94 -15.65 16.17 7.79
N ALA B 95 -15.76 16.29 9.12
CA ALA B 95 -16.24 15.17 9.92
C ALA B 95 -17.69 14.83 9.58
N ARG B 96 -18.50 15.85 9.31
CA ARG B 96 -19.91 15.64 9.04
C ARG B 96 -20.19 14.95 7.71
N GLN B 97 -19.20 14.85 6.82
CA GLN B 97 -19.32 14.05 5.60
C GLN B 97 -18.71 12.66 5.81
N ASP B 98 -19.32 11.92 6.72
CA ASP B 98 -18.83 10.62 7.11
C ASP B 98 -19.58 9.46 6.47
N LYS B 99 -20.48 9.74 5.51
CA LYS B 99 -21.26 8.70 4.85
C LYS B 99 -21.91 9.27 3.61
N LYS B 100 -22.41 8.37 2.76
CA LYS B 100 -23.06 8.75 1.50
C LYS B 100 -24.56 8.89 1.66
N ASP B 101 -25.13 7.89 2.35
CA ASP B 101 -26.61 7.77 2.53
C ASP B 101 -27.16 7.27 1.20
N LYS B 102 -28.10 8.00 0.62
CA LYS B 102 -28.65 7.65 -0.70
C LYS B 102 -28.22 8.72 -1.69
N SER B 103 -26.94 9.09 -1.69
CA SER B 103 -26.53 10.23 -2.50
C SER B 103 -25.21 9.89 -3.17
N ARG B 104 -25.03 10.41 -4.40
CA ARG B 104 -23.75 10.26 -5.14
C ARG B 104 -22.83 11.34 -4.58
N ALA B 105 -22.42 11.17 -3.33
CA ALA B 105 -21.62 12.12 -2.59
C ALA B 105 -20.28 11.49 -2.23
N PRO B 106 -19.27 12.31 -1.97
CA PRO B 106 -18.01 11.77 -1.42
C PRO B 106 -18.18 11.43 0.05
N ILE B 107 -17.32 10.54 0.52
CA ILE B 107 -17.10 10.40 1.97
C ILE B 107 -15.84 11.22 2.27
N SER B 108 -16.00 12.55 2.45
CA SER B 108 -14.86 13.47 2.53
C SER B 108 -14.02 13.22 3.77
N ALA B 109 -14.63 12.76 4.86
CA ALA B 109 -13.88 12.43 6.06
C ALA B 109 -12.89 11.30 5.82
N LYS B 110 -13.31 10.28 5.06
CA LYS B 110 -12.40 9.20 4.67
C LYS B 110 -11.27 9.73 3.81
N LEU B 111 -11.59 10.64 2.88
CA LEU B 111 -10.54 11.25 2.07
C LEU B 111 -9.53 11.99 2.93
N VAL B 112 -10.01 12.73 3.93
CA VAL B 112 -9.12 13.49 4.80
C VAL B 112 -8.25 12.54 5.62
N ALA B 113 -8.83 11.46 6.12
CA ALA B 113 -8.04 10.44 6.82
C ALA B 113 -6.97 9.87 5.92
N ASN B 114 -7.31 9.55 4.68
CA ASN B 114 -6.33 9.01 3.73
C ASN B 114 -5.21 10.00 3.46
N MET B 115 -5.55 11.28 3.32
CA MET B 115 -4.54 12.30 3.04
C MET B 115 -3.64 12.53 4.24
N LEU B 116 -4.21 12.52 5.45
CA LEU B 116 -3.40 12.57 6.66
C LEU B 116 -2.43 11.40 6.71
N SER B 117 -2.91 10.19 6.37
CA SER B 117 -2.04 9.02 6.39
C SER B 117 -0.92 9.13 5.36
N VAL B 118 -1.25 9.53 4.13
CA VAL B 118 -0.26 9.57 3.07
C VAL B 118 0.75 10.70 3.32
N ALA B 119 0.33 11.78 3.97
CA ALA B 119 1.27 12.83 4.36
C ALA B 119 2.31 12.32 5.35
N GLY B 120 2.00 11.27 6.10
CA GLY B 120 2.97 10.68 7.00
C GLY B 120 2.63 10.74 8.47
N ALA B 121 1.38 11.03 8.80
CA ALA B 121 0.97 11.06 10.20
C ALA B 121 0.99 9.66 10.78
N ASP B 122 1.58 9.52 11.96
CA ASP B 122 1.62 8.26 12.68
C ASP B 122 0.53 8.13 13.73
N HIS B 123 -0.17 9.21 14.05
CA HIS B 123 -1.06 9.23 15.19
C HIS B 123 -1.93 10.48 15.11
N ILE B 124 -3.20 10.35 15.47
CA ILE B 124 -4.14 11.46 15.47
C ILE B 124 -4.69 11.64 16.88
N ILE B 125 -4.70 12.88 17.36
CA ILE B 125 -5.40 13.26 18.58
C ILE B 125 -6.48 14.26 18.20
N THR B 126 -7.73 13.93 18.50
CA THR B 126 -8.86 14.79 18.20
C THR B 126 -9.84 14.73 19.36
N MET B 127 -10.83 15.63 19.34
CA MET B 127 -11.79 15.69 20.42
C MET B 127 -13.21 15.71 19.91
N ASP B 128 -14.03 14.82 20.46
CA ASP B 128 -15.45 14.69 20.14
C ASP B 128 -15.67 14.66 18.62
N LEU B 129 -15.15 13.59 18.02
CA LEU B 129 -15.42 13.32 16.62
C LEU B 129 -16.92 13.29 16.38
N HIS B 130 -17.35 13.86 15.25
CA HIS B 130 -18.77 13.91 14.93
C HIS B 130 -19.37 12.51 14.93
N ALA B 131 -18.68 11.55 14.33
CA ALA B 131 -19.03 10.14 14.43
C ALA B 131 -17.77 9.38 14.79
N SER B 132 -17.81 8.61 15.87
CA SER B 132 -16.61 7.91 16.28
C SER B 132 -16.21 6.79 15.33
N GLN B 133 -17.10 6.40 14.40
CA GLN B 133 -16.72 5.50 13.33
C GLN B 133 -15.59 6.06 12.49
N ILE B 134 -15.40 7.39 12.51
CA ILE B 134 -14.28 8.02 11.80
C ILE B 134 -12.94 7.48 12.30
N GLN B 135 -12.89 6.99 13.55
CA GLN B 135 -11.68 6.32 14.01
C GLN B 135 -11.31 5.15 13.10
N GLY B 136 -12.31 4.40 12.64
CA GLY B 136 -12.10 3.33 11.69
C GLY B 136 -11.72 3.78 10.30
N PHE B 137 -11.82 5.07 10.00
CA PHE B 137 -11.38 5.56 8.69
C PHE B 137 -9.86 5.57 8.58
N PHE B 138 -9.15 5.48 9.70
CA PHE B 138 -7.70 5.45 9.73
C PHE B 138 -7.21 4.03 9.91
N ASP B 139 -5.94 3.81 9.60
CA ASP B 139 -5.24 2.62 10.05
C ASP B 139 -4.22 2.89 11.13
N ILE B 140 -3.79 4.14 11.29
CA ILE B 140 -2.97 4.57 12.41
C ILE B 140 -3.88 4.72 13.63
N PRO B 141 -3.35 4.70 14.85
CA PRO B 141 -4.21 4.94 16.02
C PRO B 141 -4.73 6.37 16.06
N VAL B 142 -5.96 6.50 16.55
CA VAL B 142 -6.63 7.78 16.70
C VAL B 142 -7.12 7.88 18.14
N ASP B 143 -6.63 8.87 18.87
CA ASP B 143 -7.12 9.15 20.22
C ASP B 143 -8.23 10.19 20.11
N ASN B 144 -9.46 9.78 20.41
CA ASN B 144 -10.61 10.67 20.37
C ASN B 144 -10.96 11.06 21.81
N LEU B 145 -10.55 12.25 22.19
CA LEU B 145 -10.79 12.74 23.54
C LEU B 145 -12.22 13.28 23.65
N TYR B 146 -12.69 13.37 24.88
CA TYR B 146 -14.04 13.82 25.15
C TYR B 146 -14.01 15.09 26.00
N ALA B 147 -14.80 16.08 25.60
CA ALA B 147 -14.98 17.26 26.43
C ALA B 147 -15.82 16.98 27.67
N GLU B 148 -16.41 15.79 27.76
CA GLU B 148 -17.36 15.48 28.82
C GLU B 148 -16.87 15.76 30.24
N PRO B 149 -15.62 15.42 30.64
CA PRO B 149 -15.20 15.79 32.00
C PRO B 149 -15.23 17.28 32.27
N ALA B 150 -14.71 18.09 31.34
CA ALA B 150 -14.78 19.54 31.50
C ALA B 150 -16.21 20.05 31.48
N VAL B 151 -17.08 19.41 30.69
CA VAL B 151 -18.48 19.78 30.66
C VAL B 151 -19.14 19.50 32.01
N LEU B 152 -18.85 18.35 32.60
CA LEU B 152 -19.40 18.03 33.92
C LEU B 152 -18.92 19.02 34.97
N LYS B 153 -17.63 19.38 34.93
CA LYS B 153 -17.12 20.40 35.83
C LYS B 153 -17.90 21.70 35.68
N TRP B 154 -18.08 22.16 34.44
CA TRP B 154 -18.79 23.42 34.22
C TRP B 154 -20.23 23.35 34.69
N ILE B 155 -20.91 22.23 34.42
CA ILE B 155 -22.31 22.10 34.83
C ILE B 155 -22.42 22.14 36.35
N ARG B 156 -21.54 21.41 37.04
CA ARG B 156 -21.65 21.38 38.49
C ARG B 156 -21.27 22.71 39.12
N GLU B 157 -20.44 23.50 38.45
CA GLU B 157 -20.02 24.79 39.00
C GLU B 157 -20.82 25.98 38.50
N ASN B 158 -21.75 25.81 37.56
CA ASN B 158 -22.44 26.96 36.99
C ASN B 158 -23.96 26.89 37.02
N ILE B 159 -24.56 25.70 37.16
CA ILE B 159 -26.00 25.56 37.16
C ILE B 159 -26.41 25.09 38.54
N SER B 160 -27.12 25.95 39.27
CA SER B 160 -27.45 25.66 40.65
C SER B 160 -28.37 24.45 40.79
N GLU B 161 -29.30 24.29 39.87
CA GLU B 161 -30.28 23.22 39.91
C GLU B 161 -29.85 22.00 39.10
N TRP B 162 -28.54 21.78 38.98
CA TRP B 162 -28.07 20.70 38.10
C TRP B 162 -28.51 19.32 38.58
N ARG B 163 -28.80 19.15 39.86
CA ARG B 163 -29.25 17.86 40.33
C ARG B 163 -30.70 17.57 39.95
N ASN B 164 -31.42 18.56 39.46
CA ASN B 164 -32.82 18.40 39.09
C ASN B 164 -33.07 18.86 37.67
N CYS B 165 -32.14 18.58 36.77
CA CYS B 165 -32.23 19.02 35.39
C CYS B 165 -32.41 17.82 34.46
N THR B 166 -32.75 18.12 33.22
CA THR B 166 -32.74 17.15 32.13
C THR B 166 -31.60 17.48 31.19
N ILE B 167 -30.88 16.46 30.74
CA ILE B 167 -29.90 16.59 29.68
C ILE B 167 -30.57 16.19 28.38
N VAL B 168 -30.54 17.06 27.39
CA VAL B 168 -31.29 16.87 26.15
C VAL B 168 -30.32 16.77 24.98
N SER B 169 -30.54 15.76 24.16
CA SER B 169 -29.85 15.62 22.89
C SER B 169 -30.69 16.27 21.79
N PRO B 170 -30.09 17.14 20.96
CA PRO B 170 -30.88 17.77 19.89
C PRO B 170 -31.06 16.90 18.66
N ASP B 171 -30.22 15.91 18.44
CA ASP B 171 -30.41 14.93 17.38
C ASP B 171 -29.99 13.56 17.89
N ALA B 172 -30.18 12.54 17.05
CA ALA B 172 -29.87 11.18 17.44
C ALA B 172 -28.37 10.97 17.64
N GLY B 173 -27.54 11.63 16.82
CA GLY B 173 -26.11 11.44 16.93
C GLY B 173 -25.56 11.76 18.30
N GLY B 174 -26.22 12.66 19.03
CA GLY B 174 -25.77 13.04 20.35
C GLY B 174 -26.27 12.17 21.47
N ALA B 175 -27.19 11.23 21.18
CA ALA B 175 -27.90 10.53 22.24
C ALA B 175 -26.93 9.88 23.23
N LYS B 176 -25.98 9.09 22.72
CA LYS B 176 -25.01 8.45 23.59
C LYS B 176 -24.36 9.47 24.51
N ARG B 177 -23.84 10.55 23.93
CA ARG B 177 -23.24 11.63 24.72
C ARG B 177 -24.13 12.00 25.89
N VAL B 178 -25.36 12.42 25.61
CA VAL B 178 -26.18 12.95 26.70
C VAL B 178 -26.48 11.86 27.70
N THR B 179 -26.69 10.62 27.24
CA THR B 179 -26.98 9.56 28.19
C THR B 179 -25.82 9.39 29.15
N SER B 180 -24.61 9.41 28.61
CA SER B 180 -23.42 9.32 29.47
C SER B 180 -23.44 10.43 30.50
N ILE B 181 -23.70 11.67 30.05
CA ILE B 181 -23.72 12.79 30.97
C ILE B 181 -24.82 12.60 32.00
N ALA B 182 -26.00 12.15 31.55
CA ALA B 182 -27.09 11.95 32.50
C ALA B 182 -26.74 10.87 33.50
N ASP B 183 -25.92 9.89 33.08
CA ASP B 183 -25.44 8.89 34.01
C ASP B 183 -24.55 9.51 35.08
N ARG B 184 -23.63 10.40 34.68
CA ARG B 184 -22.68 10.95 35.63
C ARG B 184 -23.36 11.89 36.61
N LEU B 185 -24.27 12.73 36.12
CA LEU B 185 -24.99 13.64 36.99
C LEU B 185 -26.14 12.96 37.72
N ASN B 186 -26.51 11.74 37.32
CA ASN B 186 -27.65 11.03 37.92
C ASN B 186 -28.95 11.83 37.75
N VAL B 187 -29.25 12.18 36.51
CA VAL B 187 -30.42 12.97 36.18
C VAL B 187 -31.10 12.36 34.95
N ASP B 188 -32.27 12.92 34.61
CA ASP B 188 -33.03 12.47 33.47
C ASP B 188 -32.46 13.02 32.17
N PHE B 189 -32.64 12.26 31.10
CA PHE B 189 -32.29 12.73 29.76
C PHE B 189 -33.53 12.70 28.86
N ALA B 190 -33.41 13.40 27.75
CA ALA B 190 -34.42 13.41 26.70
C ALA B 190 -33.72 13.49 25.35
N LEU B 191 -34.35 12.93 24.35
CA LEU B 191 -33.79 12.87 23.00
C LEU B 191 -34.70 13.57 22.02
N ILE B 192 -34.12 14.33 21.10
CA ILE B 192 -34.88 14.99 20.06
C ILE B 192 -34.49 14.37 18.73
N HIS B 193 -35.50 13.89 18.00
CA HIS B 193 -35.27 13.35 16.67
C HIS B 193 -35.38 14.48 15.67
N LYS B 194 -34.33 14.65 14.87
CA LYS B 194 -34.16 15.80 14.00
C LYS B 194 -34.07 15.32 12.55
N GLU B 195 -34.89 15.91 11.69
CA GLU B 195 -34.87 15.61 10.27
C GLU B 195 -34.46 16.86 9.50
N ARG B 196 -33.41 16.71 8.68
CA ARG B 196 -32.95 17.73 7.74
C ARG B 196 -33.33 17.31 6.32
N LYS B 197 -33.81 18.28 5.54
CA LYS B 197 -34.01 18.08 4.10
C LYS B 197 -32.86 18.67 3.29
N LYS B 198 -32.46 19.90 3.59
CA LYS B 198 -31.33 20.54 2.95
C LYS B 198 -30.17 20.68 3.93
N ALA B 199 -28.98 20.90 3.39
CA ALA B 199 -27.81 21.11 4.23
C ALA B 199 -27.92 22.44 4.97
N ASN B 200 -27.36 22.48 6.17
CA ASN B 200 -27.31 23.66 7.02
C ASN B 200 -28.69 24.14 7.46
N GLU B 201 -29.72 23.30 7.32
CA GLU B 201 -31.07 23.68 7.72
C GLU B 201 -31.74 22.51 8.42
N VAL B 202 -32.55 22.83 9.43
CA VAL B 202 -33.30 21.86 10.21
C VAL B 202 -34.76 21.93 9.79
N ASP B 203 -35.36 20.75 9.54
CA ASP B 203 -36.72 20.68 9.02
C ASP B 203 -37.74 20.31 10.10
N ARG B 204 -37.58 19.16 10.77
CA ARG B 204 -38.58 18.79 11.77
C ARG B 204 -37.90 18.22 13.01
N MET B 205 -38.58 18.36 14.15
CA MET B 205 -38.05 17.92 15.44
C MET B 205 -39.16 17.26 16.26
N VAL B 206 -38.81 16.17 16.94
CA VAL B 206 -39.74 15.46 17.82
C VAL B 206 -39.06 15.24 19.16
N LEU B 207 -39.72 15.66 20.24
CA LEU B 207 -39.16 15.57 21.57
C LEU B 207 -39.66 14.29 22.23
N VAL B 208 -38.72 13.46 22.69
CA VAL B 208 -39.02 12.20 23.36
C VAL B 208 -38.37 12.25 24.74
N GLY B 209 -39.19 12.22 25.77
CA GLY B 209 -38.69 12.34 27.13
C GLY B 209 -39.19 13.62 27.77
N ASP B 210 -39.43 13.54 29.08
CA ASP B 210 -40.04 14.66 29.80
C ASP B 210 -39.01 15.72 30.13
N VAL B 211 -39.40 16.99 29.97
CA VAL B 211 -38.57 18.11 30.34
C VAL B 211 -39.32 19.15 31.16
N LYS B 212 -40.58 18.88 31.53
CA LYS B 212 -41.45 19.90 32.09
C LYS B 212 -40.95 20.39 33.44
N ASP B 213 -41.02 21.72 33.63
CA ASP B 213 -40.79 22.36 34.93
C ASP B 213 -39.40 22.09 35.46
N ARG B 214 -38.45 21.93 34.56
CA ARG B 214 -37.09 21.57 34.92
C ARG B 214 -36.13 22.32 34.01
N VAL B 215 -34.93 22.58 34.51
CA VAL B 215 -33.91 23.21 33.69
C VAL B 215 -33.45 22.21 32.63
N ALA B 216 -33.30 22.70 31.41
CA ALA B 216 -32.88 21.87 30.30
C ALA B 216 -31.45 22.22 29.91
N ILE B 217 -30.65 21.19 29.64
CA ILE B 217 -29.27 21.36 29.23
C ILE B 217 -29.11 20.63 27.90
N LEU B 218 -29.24 21.36 26.80
CA LEU B 218 -28.93 20.79 25.50
C LEU B 218 -27.43 20.55 25.41
N VAL B 219 -27.05 19.32 25.09
CA VAL B 219 -25.63 18.97 24.94
C VAL B 219 -25.43 18.44 23.53
N ASP B 220 -24.41 18.96 22.84
CA ASP B 220 -24.14 18.51 21.49
C ASP B 220 -22.65 18.63 21.20
N ASP B 221 -22.25 18.10 20.05
CA ASP B 221 -20.84 18.14 19.65
C ASP B 221 -20.46 19.46 18.99
N MET B 222 -21.37 20.10 18.26
CA MET B 222 -20.99 21.33 17.56
C MET B 222 -22.23 22.18 17.32
N ALA B 223 -21.99 23.48 17.17
CA ALA B 223 -23.01 24.45 16.80
C ALA B 223 -22.49 25.25 15.61
N ASP B 224 -22.97 24.93 14.41
CA ASP B 224 -22.45 25.59 13.23
C ASP B 224 -23.28 26.80 12.83
N THR B 225 -24.51 26.57 12.39
CA THR B 225 -25.44 27.66 12.12
C THR B 225 -26.38 27.89 13.29
N CYS B 226 -26.35 27.03 14.29
CA CYS B 226 -27.18 27.06 15.48
C CYS B 226 -28.66 26.87 15.16
N GLY B 227 -28.99 26.41 13.95
CA GLY B 227 -30.36 26.01 13.68
C GLY B 227 -30.80 24.88 14.58
N THR B 228 -29.92 23.89 14.78
CA THR B 228 -30.27 22.75 15.61
C THR B 228 -30.58 23.18 17.04
N ILE B 229 -29.69 23.94 17.68
CA ILE B 229 -29.94 24.30 19.07
C ILE B 229 -31.06 25.32 19.20
N CYS B 230 -31.25 26.20 18.22
CA CYS B 230 -32.34 27.16 18.33
C CYS B 230 -33.70 26.47 18.20
N HIS B 231 -33.84 25.56 17.22
CA HIS B 231 -35.06 24.78 17.12
C HIS B 231 -35.28 23.92 18.37
N ALA B 232 -34.20 23.32 18.88
CA ALA B 232 -34.32 22.48 20.07
C ALA B 232 -34.74 23.30 21.28
N ALA B 233 -34.20 24.50 21.44
CA ALA B 233 -34.58 25.35 22.56
C ALA B 233 -36.04 25.79 22.46
N ASP B 234 -36.49 26.09 21.24
CA ASP B 234 -37.90 26.38 21.04
C ASP B 234 -38.77 25.18 21.44
N LYS B 235 -38.36 23.98 21.03
CA LYS B 235 -39.11 22.78 21.37
C LYS B 235 -39.15 22.57 22.89
N LEU B 236 -38.01 22.80 23.56
CA LEU B 236 -37.96 22.61 25.01
C LEU B 236 -38.86 23.60 25.72
N LEU B 237 -38.83 24.86 25.31
CA LEU B 237 -39.71 25.84 25.93
C LEU B 237 -41.18 25.51 25.68
N SER B 238 -41.52 25.07 24.46
CA SER B 238 -42.89 24.66 24.20
C SER B 238 -43.30 23.48 25.06
N ALA B 239 -42.37 22.58 25.37
CA ALA B 239 -42.65 21.47 26.25
C ALA B 239 -42.61 21.85 27.72
N GLY B 240 -42.19 23.07 28.04
CA GLY B 240 -42.23 23.54 29.41
C GLY B 240 -40.94 23.49 30.19
N ALA B 241 -39.80 23.41 29.53
CA ALA B 241 -38.53 23.58 30.22
C ALA B 241 -38.48 24.97 30.86
N THR B 242 -38.01 25.01 32.11
CA THR B 242 -37.94 26.28 32.81
C THR B 242 -36.91 27.21 32.18
N ARG B 243 -35.70 26.71 31.97
CA ARG B 243 -34.64 27.46 31.29
C ARG B 243 -33.83 26.49 30.46
N VAL B 244 -33.15 27.01 29.44
CA VAL B 244 -32.39 26.19 28.51
C VAL B 244 -30.96 26.69 28.45
N TYR B 245 -30.01 25.82 28.75
CA TYR B 245 -28.59 26.01 28.45
C TYR B 245 -28.21 25.19 27.23
N ALA B 246 -27.17 25.62 26.55
CA ALA B 246 -26.60 24.87 25.44
C ALA B 246 -25.11 24.71 25.66
N ILE B 247 -24.64 23.46 25.62
CA ILE B 247 -23.23 23.15 25.82
C ILE B 247 -22.75 22.32 24.64
N LEU B 248 -21.74 22.84 23.94
CA LEU B 248 -21.18 22.18 22.78
C LEU B 248 -19.68 22.15 22.94
N THR B 249 -19.02 21.20 22.30
CA THR B 249 -17.57 21.27 22.31
C THR B 249 -17.05 22.19 21.19
N HIS B 250 -17.59 22.08 19.98
CA HIS B 250 -17.06 22.83 18.83
C HIS B 250 -17.96 24.02 18.54
N GLY B 251 -17.43 25.22 18.75
CA GLY B 251 -18.13 26.46 18.47
C GLY B 251 -17.85 27.04 17.10
N ILE B 252 -18.39 26.44 16.04
CA ILE B 252 -18.09 26.94 14.69
C ILE B 252 -18.78 28.28 14.45
N PHE B 253 -20.07 28.36 14.73
CA PHE B 253 -20.82 29.62 14.72
C PHE B 253 -20.72 30.36 13.38
N SER B 254 -20.94 29.63 12.29
CA SER B 254 -20.88 30.23 10.97
C SER B 254 -22.25 30.76 10.55
N GLY B 255 -22.25 31.50 9.45
CA GLY B 255 -23.48 31.99 8.86
C GLY B 255 -24.26 32.92 9.77
N PRO B 256 -25.54 32.60 9.99
CA PRO B 256 -26.38 33.42 10.85
C PRO B 256 -26.30 33.09 12.34
N ALA B 257 -25.28 32.34 12.77
CA ALA B 257 -25.30 31.75 14.10
C ALA B 257 -25.37 32.80 15.20
N ILE B 258 -24.55 33.85 15.11
CA ILE B 258 -24.51 34.84 16.18
C ILE B 258 -25.84 35.56 16.29
N SER B 259 -26.44 35.90 15.15
CA SER B 259 -27.76 36.55 15.16
C SER B 259 -28.81 35.67 15.83
N ARG B 260 -28.87 34.39 15.44
CA ARG B 260 -29.86 33.48 16.01
C ARG B 260 -29.65 33.31 17.51
N ILE B 261 -28.40 33.19 17.95
CA ILE B 261 -28.12 33.05 19.37
C ILE B 261 -28.56 34.31 20.11
N ASN B 262 -28.23 35.48 19.56
CA ASN B 262 -28.62 36.73 20.22
C ASN B 262 -30.13 36.86 20.31
N ASN B 263 -30.87 36.32 19.35
CA ASN B 263 -32.32 36.38 19.40
C ASN B 263 -32.95 35.18 20.08
N ALA B 264 -32.15 34.25 20.59
CA ALA B 264 -32.69 33.04 21.19
C ALA B 264 -32.87 33.23 22.69
N CYS B 265 -33.26 32.16 23.37
CA CYS B 265 -33.66 32.20 24.77
C CYS B 265 -32.64 31.56 25.70
N PHE B 266 -31.45 31.23 25.21
CA PHE B 266 -30.48 30.52 26.04
C PHE B 266 -30.04 31.35 27.23
N GLU B 267 -29.92 30.69 28.39
CA GLU B 267 -29.22 31.28 29.52
C GLU B 267 -27.75 31.46 29.20
N ALA B 268 -27.13 30.45 28.59
CA ALA B 268 -25.74 30.53 28.17
C ALA B 268 -25.52 29.53 27.05
N VAL B 269 -24.59 29.86 26.17
CA VAL B 269 -24.11 28.94 25.14
C VAL B 269 -22.65 28.68 25.45
N VAL B 270 -22.35 27.50 25.98
CA VAL B 270 -21.01 27.13 26.40
C VAL B 270 -20.35 26.32 25.31
N VAL B 271 -19.15 26.72 24.91
CA VAL B 271 -18.35 25.99 23.93
C VAL B 271 -16.95 25.84 24.48
N THR B 272 -16.23 24.86 23.97
CA THR B 272 -14.81 24.78 24.32
C THR B 272 -14.01 25.68 23.39
N ASN B 273 -12.70 25.71 23.60
CA ASN B 273 -11.81 26.48 22.73
C ASN B 273 -11.04 25.58 21.76
N THR B 274 -11.68 24.50 21.29
CA THR B 274 -11.13 23.76 20.15
C THR B 274 -11.10 24.62 18.91
N ILE B 275 -11.89 25.68 18.86
CA ILE B 275 -11.94 26.67 17.78
C ILE B 275 -11.78 28.02 18.45
N PRO B 276 -11.06 28.98 17.86
CA PRO B 276 -10.94 30.29 18.52
C PRO B 276 -12.28 31.02 18.59
N GLN B 277 -12.55 31.63 19.74
CA GLN B 277 -13.87 32.15 20.04
C GLN B 277 -13.93 33.66 20.31
N GLU B 278 -12.79 34.36 20.35
CA GLU B 278 -12.78 35.74 20.83
C GLU B 278 -13.63 36.65 19.94
N ASP B 279 -13.49 36.52 18.63
CA ASP B 279 -14.29 37.35 17.71
C ASP B 279 -15.77 37.11 17.91
N LYS B 280 -16.17 35.84 18.03
CA LYS B 280 -17.57 35.52 18.24
C LYS B 280 -18.08 36.08 19.56
N MET B 281 -17.23 36.09 20.59
CA MET B 281 -17.65 36.61 21.88
C MET B 281 -17.74 38.12 21.86
N LYS B 282 -17.00 38.79 20.98
CA LYS B 282 -17.13 40.23 20.86
C LYS B 282 -18.54 40.65 20.46
N HIS B 283 -19.24 39.80 19.71
CA HIS B 283 -20.56 40.12 19.19
C HIS B 283 -21.70 39.39 19.88
N CYS B 284 -21.41 38.46 20.78
CA CYS B 284 -22.45 37.63 21.39
C CYS B 284 -22.12 37.48 22.87
N SER B 285 -22.94 38.11 23.71
CA SER B 285 -22.66 38.17 25.14
C SER B 285 -22.85 36.83 25.84
N LYS B 286 -23.68 35.94 25.31
CA LYS B 286 -24.01 34.73 26.05
C LYS B 286 -23.10 33.55 25.74
N ILE B 287 -22.06 33.72 24.94
CA ILE B 287 -21.11 32.65 24.68
C ILE B 287 -20.06 32.60 25.78
N GLN B 288 -19.96 31.45 26.45
CA GLN B 288 -18.91 31.16 27.41
C GLN B 288 -17.97 30.11 26.85
N VAL B 289 -16.70 30.15 27.26
CA VAL B 289 -15.68 29.23 26.77
C VAL B 289 -15.12 28.42 27.92
N ILE B 290 -15.18 27.10 27.78
CA ILE B 290 -14.44 26.16 28.61
C ILE B 290 -13.09 25.92 27.96
N ASP B 291 -12.02 26.10 28.71
CA ASP B 291 -10.70 25.77 28.21
C ASP B 291 -10.50 24.27 28.28
N ILE B 292 -10.06 23.68 27.16
CA ILE B 292 -9.76 22.25 27.13
C ILE B 292 -8.29 22.00 26.86
N SER B 293 -7.44 23.03 26.97
CA SER B 293 -6.03 22.87 26.67
C SER B 293 -5.34 21.92 27.64
N MET B 294 -5.84 21.78 28.87
CA MET B 294 -5.23 20.82 29.78
C MET B 294 -5.48 19.38 29.32
N ILE B 295 -6.69 19.10 28.80
CA ILE B 295 -6.96 17.77 28.27
C ILE B 295 -6.02 17.45 27.11
N LEU B 296 -5.87 18.39 26.17
CA LEU B 296 -5.02 18.18 25.01
C LEU B 296 -3.56 18.03 25.42
N ALA B 297 -3.09 18.90 26.31
CA ALA B 297 -1.70 18.81 26.78
C ALA B 297 -1.45 17.49 27.48
N GLU B 298 -2.39 17.05 28.32
CA GLU B 298 -2.25 15.77 29.00
C GLU B 298 -2.24 14.61 28.03
N ALA B 299 -3.08 14.68 26.99
CA ALA B 299 -3.07 13.62 25.99
C ALA B 299 -1.73 13.56 25.29
N ILE B 300 -1.19 14.72 24.89
CA ILE B 300 0.12 14.76 24.25
C ILE B 300 1.18 14.16 25.16
N ARG B 301 1.18 14.58 26.43
CA ARG B 301 2.18 14.14 27.38
C ARG B 301 2.07 12.63 27.63
N ARG B 302 0.85 12.12 27.77
CA ARG B 302 0.64 10.71 28.03
C ARG B 302 0.99 9.84 26.83
N THR B 303 0.67 10.30 25.61
CA THR B 303 1.11 9.54 24.44
C THR B 303 2.63 9.53 24.32
N HIS B 304 3.27 10.66 24.63
CA HIS B 304 4.72 10.69 24.57
C HIS B 304 5.34 9.75 25.59
N ASN B 305 4.80 9.73 26.80
CA ASN B 305 5.35 8.94 27.89
C ASN B 305 4.82 7.52 27.92
N GLY B 306 3.95 7.13 27.00
CA GLY B 306 3.37 5.81 27.05
C GLY B 306 2.43 5.57 28.20
N GLU B 307 1.89 6.63 28.80
CA GLU B 307 0.90 6.49 29.86
C GLU B 307 -0.49 6.35 29.26
N SER B 308 -1.46 6.07 30.13
CA SER B 308 -2.82 5.80 29.70
C SER B 308 -3.52 7.08 29.27
N VAL B 309 -4.04 7.09 28.05
CA VAL B 309 -4.78 8.26 27.56
C VAL B 309 -6.25 8.17 27.97
N SER B 310 -6.82 6.97 27.98
CA SER B 310 -8.22 6.79 28.33
C SER B 310 -8.53 7.16 29.78
N TYR B 311 -7.49 7.27 30.62
CA TYR B 311 -7.65 7.84 31.95
C TYR B 311 -8.30 9.22 31.89
N LEU B 312 -8.03 9.98 30.83
CA LEU B 312 -8.61 11.30 30.65
C LEU B 312 -10.08 11.26 30.23
N PHE B 313 -10.63 10.10 29.90
CA PHE B 313 -12.05 10.06 29.54
C PHE B 313 -12.94 10.37 30.73
N SER B 314 -12.43 10.22 31.95
CA SER B 314 -13.23 10.43 33.15
C SER B 314 -12.58 11.33 34.19
N HIS B 315 -11.41 11.91 33.90
CA HIS B 315 -10.62 12.60 34.92
C HIS B 315 -10.10 13.92 34.35
N VAL B 316 -10.57 15.03 34.89
CA VAL B 316 -10.01 16.33 34.53
C VAL B 316 -8.63 16.47 35.17
N PRO B 317 -7.58 16.78 34.40
CA PRO B 317 -6.26 16.99 35.00
C PRO B 317 -6.13 18.34 35.70
N PRO C 2 9.73 0.19 26.48
CA PRO C 2 8.62 -0.75 26.29
C PRO C 2 8.83 -2.07 27.05
N ASN C 3 7.79 -2.52 27.71
CA ASN C 3 7.81 -3.78 28.43
C ASN C 3 7.11 -4.87 27.62
N ILE C 4 7.46 -6.11 27.93
CA ILE C 4 6.79 -7.26 27.33
C ILE C 4 5.40 -7.39 27.93
N LYS C 5 4.40 -7.51 27.07
CA LYS C 5 3.06 -7.92 27.46
C LYS C 5 2.69 -9.17 26.68
N ILE C 6 2.33 -10.22 27.39
CA ILE C 6 1.92 -11.48 26.78
C ILE C 6 0.41 -11.59 26.92
N PHE C 7 -0.27 -11.77 25.79
CA PHE C 7 -1.70 -12.03 25.79
C PHE C 7 -1.95 -13.40 25.20
N SER C 8 -2.91 -14.11 25.77
CA SER C 8 -3.30 -15.42 25.30
C SER C 8 -4.60 -15.32 24.53
N GLY C 9 -4.65 -15.94 23.36
CA GLY C 9 -5.92 -16.26 22.75
C GLY C 9 -6.56 -17.44 23.46
N SER C 10 -7.73 -17.83 22.97
CA SER C 10 -8.44 -18.93 23.61
C SER C 10 -7.95 -20.30 23.18
N SER C 11 -7.12 -20.39 22.14
CA SER C 11 -6.76 -21.71 21.60
C SER C 11 -5.92 -22.51 22.58
N HIS C 12 -4.84 -21.93 23.10
CA HIS C 12 -3.88 -22.69 23.91
C HIS C 12 -3.53 -21.85 25.14
N GLN C 13 -4.38 -21.92 26.16
CA GLN C 13 -4.17 -21.12 27.36
C GLN C 13 -3.00 -21.64 28.20
N ASP C 14 -2.87 -22.96 28.29
CA ASP C 14 -1.84 -23.57 29.13
C ASP C 14 -0.45 -23.23 28.58
N LEU C 15 -0.29 -23.26 27.26
CA LEU C 15 1.00 -22.88 26.67
C LEU C 15 1.34 -21.43 26.96
N SER C 16 0.35 -20.54 26.83
CA SER C 16 0.60 -19.13 27.10
C SER C 16 0.99 -18.91 28.55
N GLN C 17 0.32 -19.62 29.47
CA GLN C 17 0.68 -19.52 30.87
C GLN C 17 2.10 -20.01 31.12
N LYS C 18 2.48 -21.12 30.50
CA LYS C 18 3.85 -21.63 30.68
C LYS C 18 4.86 -20.61 30.17
N ILE C 19 4.59 -20.01 29.00
CA ILE C 19 5.47 -18.99 28.47
C ILE C 19 5.58 -17.82 29.43
N ALA C 20 4.44 -17.37 29.96
CA ALA C 20 4.44 -16.22 30.86
C ALA C 20 5.21 -16.52 32.13
N ASP C 21 5.05 -17.73 32.69
CA ASP C 21 5.83 -18.09 33.87
C ASP C 21 7.33 -18.09 33.58
N ARG C 22 7.72 -18.61 32.42
CA ARG C 22 9.15 -18.63 32.11
C ARG C 22 9.71 -17.23 31.96
N LEU C 23 8.88 -16.26 31.58
CA LEU C 23 9.32 -14.88 31.46
C LEU C 23 9.17 -14.09 32.75
N GLY C 24 8.64 -14.70 33.81
CA GLY C 24 8.37 -13.95 35.02
C GLY C 24 7.31 -12.89 34.87
N LEU C 25 6.24 -13.18 34.14
CA LEU C 25 5.20 -12.22 33.86
C LEU C 25 3.83 -12.85 34.11
N GLU C 26 2.85 -12.00 34.35
CA GLU C 26 1.46 -12.41 34.34
C GLU C 26 0.89 -12.19 32.94
N LEU C 27 -0.06 -13.05 32.57
CA LEU C 27 -0.76 -12.87 31.31
C LEU C 27 -1.54 -11.57 31.34
N GLY C 28 -1.51 -10.84 30.23
CA GLY C 28 -2.25 -9.60 30.15
C GLY C 28 -3.75 -9.83 30.26
N LYS C 29 -4.43 -8.86 30.86
CA LYS C 29 -5.88 -8.96 31.01
C LYS C 29 -6.55 -8.76 29.66
N VAL C 30 -7.26 -9.78 29.21
CA VAL C 30 -8.03 -9.69 27.97
C VAL C 30 -9.27 -10.55 28.12
N VAL C 31 -10.38 -10.02 27.63
CA VAL C 31 -11.63 -10.78 27.54
C VAL C 31 -11.76 -11.22 26.09
N THR C 32 -11.79 -12.54 25.88
CA THR C 32 -11.92 -13.13 24.55
C THR C 32 -13.09 -14.10 24.60
N LYS C 33 -14.24 -13.69 24.11
CA LYS C 33 -15.44 -14.52 24.15
C LYS C 33 -16.24 -14.36 22.88
N LYS C 34 -17.49 -14.80 22.87
CA LYS C 34 -18.34 -14.67 21.71
C LYS C 34 -19.63 -13.94 22.05
N PHE C 35 -20.04 -13.04 21.17
CA PHE C 35 -21.37 -12.47 21.25
C PHE C 35 -22.41 -13.56 21.01
N SER C 36 -23.68 -13.19 21.21
CA SER C 36 -24.75 -14.17 21.05
C SER C 36 -24.78 -14.77 19.65
N ASN C 37 -24.56 -13.94 18.63
CA ASN C 37 -24.54 -14.40 17.25
C ASN C 37 -23.21 -15.02 16.84
N GLN C 38 -22.34 -15.33 17.80
CA GLN C 38 -21.09 -16.06 17.59
C GLN C 38 -19.99 -15.23 16.93
N GLU C 39 -20.13 -13.91 16.94
CA GLU C 39 -19.04 -13.06 16.49
C GLU C 39 -18.03 -12.92 17.64
N THR C 40 -16.75 -12.89 17.30
CA THR C 40 -15.72 -12.78 18.32
C THR C 40 -15.80 -11.43 19.03
N CYS C 41 -15.73 -11.46 20.35
CA CYS C 41 -15.70 -10.27 21.19
C CYS C 41 -14.35 -10.23 21.90
N VAL C 42 -13.64 -9.13 21.75
CA VAL C 42 -12.32 -8.95 22.34
C VAL C 42 -12.29 -7.62 23.08
N GLU C 43 -11.75 -7.63 24.29
CA GLU C 43 -11.65 -6.44 25.11
C GLU C 43 -10.30 -6.47 25.82
N ILE C 44 -9.42 -5.54 25.49
CA ILE C 44 -8.12 -5.46 26.15
C ILE C 44 -8.30 -4.78 27.49
N GLY C 45 -8.03 -5.52 28.57
CA GLY C 45 -8.29 -5.07 29.91
C GLY C 45 -7.24 -4.19 30.55
N GLU C 46 -6.17 -3.86 29.84
CA GLU C 46 -5.13 -3.01 30.37
C GLU C 46 -4.51 -2.23 29.22
N SER C 47 -3.98 -1.06 29.55
CA SER C 47 -3.31 -0.24 28.54
C SER C 47 -2.10 -0.99 27.98
N VAL C 48 -1.97 -0.98 26.67
CA VAL C 48 -0.80 -1.54 26.00
C VAL C 48 -0.02 -0.43 25.28
N ARG C 49 -0.34 0.82 25.58
CA ARG C 49 0.26 1.96 24.91
C ARG C 49 1.77 1.95 25.12
N GLY C 50 2.52 1.91 24.03
CA GLY C 50 3.96 1.92 24.10
C GLY C 50 4.61 0.62 24.51
N GLU C 51 3.85 -0.46 24.61
CA GLU C 51 4.38 -1.74 25.06
C GLU C 51 4.68 -2.67 23.89
N ASP C 52 5.49 -3.68 24.16
CA ASP C 52 5.85 -4.71 23.20
C ASP C 52 4.93 -5.90 23.43
N VAL C 53 3.93 -6.05 22.57
CA VAL C 53 2.82 -6.97 22.80
C VAL C 53 3.08 -8.27 22.04
N TYR C 54 2.92 -9.40 22.72
CA TYR C 54 3.00 -10.72 22.12
C TYR C 54 1.68 -11.43 22.35
N ILE C 55 1.07 -11.89 21.27
CA ILE C 55 -0.22 -12.58 21.33
C ILE C 55 0.01 -14.02 20.93
N VAL C 56 -0.32 -14.94 21.84
CA VAL C 56 -0.07 -16.36 21.64
C VAL C 56 -1.37 -17.03 21.19
N GLN C 57 -1.35 -17.60 20.00
CA GLN C 57 -2.51 -18.29 19.45
C GLN C 57 -2.02 -19.31 18.44
N SER C 58 -2.36 -20.57 18.66
CA SER C 58 -1.99 -21.62 17.73
C SER C 58 -3.12 -21.91 16.75
N GLY C 59 -2.74 -22.35 15.56
CA GLY C 59 -3.69 -22.74 14.54
C GLY C 59 -4.20 -24.15 14.77
N CYS C 60 -5.09 -24.29 15.76
CA CYS C 60 -5.61 -25.59 16.15
C CYS C 60 -7.04 -25.42 16.62
N GLY C 61 -7.67 -26.54 16.94
CA GLY C 61 -9.07 -26.49 17.38
C GLY C 61 -9.97 -25.94 16.30
N GLU C 62 -10.85 -25.04 16.69
CA GLU C 62 -11.72 -24.33 15.76
C GLU C 62 -10.87 -23.27 15.07
N ILE C 63 -10.25 -23.66 13.96
CA ILE C 63 -9.15 -22.90 13.39
C ILE C 63 -9.61 -21.53 12.93
N ASN C 64 -10.78 -21.47 12.28
CA ASN C 64 -11.24 -20.18 11.76
C ASN C 64 -11.60 -19.23 12.89
N ASP C 65 -12.23 -19.74 13.95
CA ASP C 65 -12.51 -18.90 15.11
C ASP C 65 -11.23 -18.38 15.75
N ASN C 66 -10.24 -19.26 15.89
CA ASN C 66 -9.00 -18.86 16.55
C ASN C 66 -8.22 -17.86 15.70
N LEU C 67 -8.18 -18.07 14.39
CA LEU C 67 -7.53 -17.12 13.50
C LEU C 67 -8.23 -15.76 13.55
N MET C 68 -9.57 -15.76 13.49
CA MET C 68 -10.28 -14.46 13.59
C MET C 68 -9.95 -13.80 14.92
N GLU C 69 -9.96 -14.57 16.02
CA GLU C 69 -9.66 -14.00 17.33
C GLU C 69 -8.29 -13.37 17.35
N LEU C 70 -7.30 -14.07 16.77
CA LEU C 70 -5.95 -13.54 16.71
C LEU C 70 -5.91 -12.22 15.94
N LEU C 71 -6.56 -12.18 14.78
CA LEU C 71 -6.54 -10.96 13.98
C LEU C 71 -7.23 -9.82 14.71
N ILE C 72 -8.35 -10.09 15.36
CA ILE C 72 -9.07 -9.07 16.10
C ILE C 72 -8.22 -8.56 17.27
N MET C 73 -7.54 -9.46 17.97
CA MET C 73 -6.67 -9.03 19.06
C MET C 73 -5.51 -8.16 18.56
N ILE C 74 -4.90 -8.56 17.45
CA ILE C 74 -3.83 -7.76 16.87
C ILE C 74 -4.35 -6.37 16.53
N ASN C 75 -5.52 -6.31 15.89
CA ASN C 75 -6.08 -5.01 15.53
C ASN C 75 -6.36 -4.15 16.77
N ALA C 76 -6.92 -4.76 17.82
CA ALA C 76 -7.21 -4.03 19.04
C ALA C 76 -5.92 -3.48 19.66
N CYS C 77 -4.86 -4.28 19.68
CA CYS C 77 -3.60 -3.81 20.25
C CYS C 77 -2.96 -2.74 19.39
N LYS C 78 -3.07 -2.87 18.06
CA LYS C 78 -2.47 -1.89 17.16
C LYS C 78 -3.15 -0.54 17.30
N ILE C 79 -4.48 -0.49 17.30
CA ILE C 79 -5.14 0.81 17.43
C ILE C 79 -5.15 1.31 18.86
N ALA C 80 -4.72 0.51 19.82
CA ALA C 80 -4.48 0.96 21.18
C ALA C 80 -3.05 1.46 21.38
N SER C 81 -2.30 1.66 20.30
CA SER C 81 -1.00 2.32 20.31
C SER C 81 0.08 1.48 20.99
N ALA C 82 0.00 0.16 20.84
CA ALA C 82 1.13 -0.68 21.19
C ALA C 82 2.33 -0.30 20.33
N SER C 83 3.52 -0.29 20.93
CA SER C 83 4.70 0.07 20.15
C SER C 83 5.02 -1.00 19.11
N ARG C 84 4.76 -2.26 19.43
CA ARG C 84 5.03 -3.36 18.52
C ARG C 84 4.10 -4.50 18.86
N VAL C 85 3.59 -5.18 17.85
CA VAL C 85 2.71 -6.32 18.03
C VAL C 85 3.30 -7.53 17.32
N THR C 86 3.47 -8.61 18.06
CA THR C 86 4.03 -9.85 17.54
C THR C 86 3.02 -10.97 17.71
N ALA C 87 2.72 -11.67 16.62
CA ALA C 87 1.88 -12.86 16.67
C ALA C 87 2.76 -14.07 16.93
N VAL C 88 2.54 -14.73 18.05
CA VAL C 88 3.24 -15.96 18.39
C VAL C 88 2.31 -17.10 18.01
N ILE C 89 2.57 -17.71 16.86
CA ILE C 89 1.67 -18.71 16.30
C ILE C 89 2.41 -20.04 16.24
N PRO C 90 2.38 -20.85 17.30
CA PRO C 90 3.20 -22.07 17.30
C PRO C 90 2.91 -23.01 16.15
N CYS C 91 1.64 -23.20 15.78
CA CYS C 91 1.27 -23.99 14.62
C CYS C 91 0.54 -23.08 13.64
N PHE C 92 1.17 -22.81 12.51
CA PHE C 92 0.66 -21.82 11.58
C PHE C 92 -0.55 -22.36 10.82
N PRO C 93 -1.71 -21.71 10.90
CA PRO C 93 -2.89 -22.24 10.20
C PRO C 93 -2.79 -22.08 8.69
N TYR C 94 -3.37 -23.04 7.98
CA TYR C 94 -3.39 -23.10 6.51
C TYR C 94 -2.00 -23.25 5.91
N ALA C 95 -1.04 -23.74 6.69
CA ALA C 95 0.32 -23.87 6.19
C ALA C 95 0.42 -24.90 5.07
N ARG C 96 -0.44 -25.91 5.08
CA ARG C 96 -0.38 -26.92 4.03
C ARG C 96 -0.97 -26.45 2.71
N GLN C 97 -1.67 -25.33 2.69
CA GLN C 97 -2.12 -24.72 1.43
C GLN C 97 -1.18 -23.60 1.03
N ASP C 98 0.05 -23.99 0.70
CA ASP C 98 1.14 -23.08 0.39
C ASP C 98 1.40 -22.95 -1.09
N LYS C 99 0.61 -23.61 -1.92
CA LYS C 99 0.78 -23.57 -3.38
C LYS C 99 -0.49 -24.09 -4.03
N LYS C 100 -0.61 -23.84 -5.33
CA LYS C 100 -1.71 -24.30 -6.16
C LYS C 100 -1.39 -25.62 -6.85
N ASP C 101 -0.31 -25.62 -7.60
CA ASP C 101 0.41 -26.72 -8.25
C ASP C 101 -0.18 -27.38 -9.49
N LYS C 102 -1.51 -27.46 -9.64
CA LYS C 102 -2.14 -27.59 -10.95
C LYS C 102 -3.61 -27.21 -10.88
N SER C 103 -4.08 -26.82 -9.71
CA SER C 103 -5.51 -26.75 -9.45
C SER C 103 -5.93 -25.31 -9.25
N ARG C 104 -7.20 -25.03 -9.53
CA ARG C 104 -7.77 -23.71 -9.38
C ARG C 104 -8.15 -23.51 -7.91
N ALA C 105 -7.11 -23.36 -7.10
CA ALA C 105 -7.21 -23.37 -5.65
C ALA C 105 -6.61 -22.10 -5.07
N PRO C 106 -7.01 -21.72 -3.86
CA PRO C 106 -6.37 -20.60 -3.19
C PRO C 106 -4.99 -20.99 -2.69
N ILE C 107 -4.14 -19.99 -2.51
CA ILE C 107 -2.94 -20.14 -1.69
C ILE C 107 -3.32 -19.56 -0.34
N SER C 108 -3.92 -20.40 0.50
CA SER C 108 -4.53 -19.91 1.74
C SER C 108 -3.48 -19.39 2.71
N ALA C 109 -2.29 -20.00 2.73
CA ALA C 109 -1.24 -19.52 3.61
C ALA C 109 -0.85 -18.09 3.29
N LYS C 110 -0.78 -17.75 2.00
CA LYS C 110 -0.49 -16.37 1.62
C LYS C 110 -1.61 -15.43 2.04
N LEU C 111 -2.87 -15.87 1.91
CA LEU C 111 -3.97 -15.06 2.39
C LEU C 111 -3.87 -14.82 3.89
N VAL C 112 -3.52 -15.84 4.65
CA VAL C 112 -3.38 -15.69 6.10
C VAL C 112 -2.25 -14.71 6.41
N ALA C 113 -1.14 -14.81 5.69
CA ALA C 113 -0.05 -13.87 5.90
C ALA C 113 -0.49 -12.43 5.60
N ASN C 114 -1.23 -12.25 4.51
CA ASN C 114 -1.74 -10.92 4.18
C ASN C 114 -2.68 -10.40 5.26
N MET C 115 -3.54 -11.26 5.78
CA MET C 115 -4.47 -10.85 6.81
C MET C 115 -3.73 -10.46 8.10
N LEU C 116 -2.73 -11.25 8.48
CA LEU C 116 -1.94 -10.90 9.66
C LEU C 116 -1.24 -9.57 9.47
N SER C 117 -0.71 -9.32 8.28
CA SER C 117 -0.04 -8.05 8.01
C SER C 117 -1.01 -6.88 8.07
N VAL C 118 -2.17 -7.00 7.42
CA VAL C 118 -3.12 -5.89 7.41
C VAL C 118 -3.75 -5.69 8.78
N ALA C 119 -3.83 -6.73 9.61
CA ALA C 119 -4.30 -6.53 10.97
C ALA C 119 -3.34 -5.70 11.80
N GLY C 120 -2.06 -5.69 11.45
CA GLY C 120 -1.09 -4.84 12.11
C GLY C 120 0.08 -5.56 12.75
N ALA C 121 0.24 -6.85 12.50
CA ALA C 121 1.37 -7.57 13.07
C ALA C 121 2.68 -7.05 12.52
N ASP C 122 3.61 -6.72 13.41
CA ASP C 122 4.94 -6.28 12.99
C ASP C 122 5.94 -7.42 12.94
N HIS C 123 5.59 -8.59 13.43
CA HIS C 123 6.54 -9.66 13.63
C HIS C 123 5.77 -10.95 13.89
N ILE C 124 6.30 -12.05 13.36
CA ILE C 124 5.69 -13.37 13.53
C ILE C 124 6.73 -14.29 14.15
N ILE C 125 6.32 -15.03 15.17
CA ILE C 125 7.11 -16.13 15.72
C ILE C 125 6.30 -17.40 15.56
N THR C 126 6.90 -18.41 14.94
CA THR C 126 6.22 -19.66 14.67
C THR C 126 7.22 -20.81 14.82
N MET C 127 6.72 -22.03 14.80
CA MET C 127 7.57 -23.20 14.97
C MET C 127 7.31 -24.21 13.87
N ASP C 128 8.39 -24.65 13.22
CA ASP C 128 8.38 -25.70 12.20
C ASP C 128 7.25 -25.48 11.19
N LEU C 129 7.39 -24.39 10.44
CA LEU C 129 6.50 -24.15 9.33
C LEU C 129 6.51 -25.34 8.37
N HIS C 130 5.33 -25.70 7.88
CA HIS C 130 5.22 -26.81 6.94
C HIS C 130 6.15 -26.63 5.74
N ALA C 131 6.22 -25.41 5.22
CA ALA C 131 7.16 -25.06 4.18
C ALA C 131 7.82 -23.74 4.55
N SER C 132 9.15 -23.74 4.61
CA SER C 132 9.83 -22.52 5.04
C SER C 132 9.70 -21.40 4.01
N GLN C 133 9.29 -21.71 2.78
CA GLN C 133 8.93 -20.67 1.82
C GLN C 133 7.82 -19.78 2.33
N ILE C 134 7.03 -20.25 3.31
CA ILE C 134 5.99 -19.41 3.89
C ILE C 134 6.59 -18.15 4.50
N GLN C 135 7.87 -18.19 4.91
CA GLN C 135 8.50 -16.98 5.41
C GLN C 135 8.49 -15.87 4.37
N GLY C 136 8.60 -16.25 3.09
CA GLY C 136 8.52 -15.30 1.99
C GLY C 136 7.13 -14.81 1.68
N PHE C 137 6.10 -15.40 2.28
CA PHE C 137 4.75 -14.87 2.12
C PHE C 137 4.55 -13.57 2.88
N PHE C 138 5.46 -13.22 3.78
CA PHE C 138 5.37 -12.03 4.61
C PHE C 138 6.35 -10.96 4.11
N ASP C 139 6.01 -9.70 4.40
CA ASP C 139 6.99 -8.64 4.29
C ASP C 139 7.58 -8.22 5.63
N ILE C 140 6.97 -8.65 6.73
CA ILE C 140 7.49 -8.41 8.07
C ILE C 140 8.42 -9.57 8.45
N PRO C 141 9.32 -9.39 9.41
CA PRO C 141 10.19 -10.51 9.80
C PRO C 141 9.40 -11.68 10.38
N VAL C 142 9.86 -12.89 10.09
CA VAL C 142 9.27 -14.11 10.60
C VAL C 142 10.37 -14.97 11.18
N ASP C 143 10.27 -15.30 12.47
CA ASP C 143 11.23 -16.19 13.11
C ASP C 143 10.62 -17.58 13.19
N ASN C 144 11.15 -18.49 12.38
CA ASN C 144 10.66 -19.87 12.31
C ASN C 144 11.55 -20.72 13.20
N LEU C 145 11.07 -21.01 14.41
CA LEU C 145 11.81 -21.81 15.36
C LEU C 145 11.71 -23.29 14.99
N TYR C 146 12.62 -24.08 15.54
CA TYR C 146 12.70 -25.51 15.28
C TYR C 146 12.55 -26.28 16.57
N ALA C 147 11.77 -27.36 16.52
CA ALA C 147 11.67 -28.25 17.66
C ALA C 147 12.85 -29.19 17.76
N GLU C 148 13.75 -29.18 16.78
CA GLU C 148 14.81 -30.18 16.70
C GLU C 148 15.68 -30.28 17.95
N PRO C 149 16.12 -29.19 18.60
CA PRO C 149 16.91 -29.38 19.84
C PRO C 149 16.16 -30.13 20.92
N ALA C 150 14.88 -29.82 21.12
CA ALA C 150 14.08 -30.55 22.11
C ALA C 150 13.86 -32.00 21.67
N VAL C 151 13.71 -32.23 20.37
CA VAL C 151 13.56 -33.59 19.87
C VAL C 151 14.81 -34.41 20.13
N LEU C 152 15.98 -33.83 19.86
CA LEU C 152 17.24 -34.51 20.11
C LEU C 152 17.40 -34.82 21.58
N LYS C 153 17.05 -33.87 22.44
CA LYS C 153 17.10 -34.11 23.88
C LYS C 153 16.20 -35.27 24.27
N TRP C 154 14.97 -35.30 23.74
CA TRP C 154 14.06 -36.40 24.05
C TRP C 154 14.63 -37.73 23.59
N ILE C 155 15.19 -37.77 22.38
CA ILE C 155 15.73 -39.02 21.86
C ILE C 155 16.86 -39.52 22.75
N ARG C 156 17.75 -38.63 23.16
CA ARG C 156 18.89 -39.04 23.97
C ARG C 156 18.45 -39.49 25.36
N GLU C 157 17.42 -38.88 25.91
CA GLU C 157 17.00 -39.25 27.26
C GLU C 157 15.94 -40.34 27.32
N ASN C 158 15.39 -40.80 26.19
CA ASN C 158 14.29 -41.75 26.26
C ASN C 158 14.48 -43.02 25.46
N ILE C 159 15.41 -43.07 24.50
CA ILE C 159 15.62 -44.24 23.68
C ILE C 159 17.02 -44.77 23.99
N SER C 160 17.10 -45.90 24.70
CA SER C 160 18.38 -46.40 25.18
C SER C 160 19.33 -46.76 24.05
N GLU C 161 18.80 -47.18 22.90
CA GLU C 161 19.61 -47.63 21.78
C GLU C 161 19.74 -46.57 20.70
N TRP C 162 19.69 -45.28 21.09
CA TRP C 162 19.65 -44.22 20.09
C TRP C 162 20.92 -44.15 19.26
N ARG C 163 22.05 -44.61 19.79
CA ARG C 163 23.27 -44.58 18.99
C ARG C 163 23.22 -45.56 17.83
N ASN C 164 22.38 -46.58 17.90
CA ASN C 164 22.22 -47.55 16.83
C ASN C 164 20.93 -47.35 16.05
N CYS C 165 20.08 -46.42 16.47
CA CYS C 165 18.78 -46.23 15.86
C CYS C 165 18.90 -45.71 14.44
N THR C 166 17.75 -45.54 13.80
CA THR C 166 17.65 -45.01 12.45
C THR C 166 16.57 -43.93 12.44
N ILE C 167 16.83 -42.83 11.73
CA ILE C 167 15.87 -41.74 11.62
C ILE C 167 15.21 -41.81 10.26
N VAL C 168 13.89 -41.99 10.25
CA VAL C 168 13.17 -42.29 9.02
C VAL C 168 12.21 -41.15 8.70
N SER C 169 12.30 -40.64 7.51
CA SER C 169 11.33 -39.69 6.98
C SER C 169 10.11 -40.46 6.46
N PRO C 170 8.89 -40.03 6.78
CA PRO C 170 7.71 -40.73 6.27
C PRO C 170 7.40 -40.44 4.82
N ASP C 171 7.57 -39.20 4.39
CA ASP C 171 7.40 -38.83 3.00
C ASP C 171 8.71 -38.23 2.51
N ALA C 172 8.94 -38.33 1.20
CA ALA C 172 10.17 -37.79 0.62
C ALA C 172 10.30 -36.30 0.87
N GLY C 173 9.20 -35.59 1.08
CA GLY C 173 9.26 -34.14 1.14
C GLY C 173 10.09 -33.61 2.30
N GLY C 174 9.90 -34.17 3.49
CA GLY C 174 10.55 -33.67 4.68
C GLY C 174 11.82 -34.36 5.09
N ALA C 175 12.50 -35.06 4.18
CA ALA C 175 13.68 -35.83 4.56
C ALA C 175 14.83 -34.92 5.00
N LYS C 176 14.73 -33.61 4.69
CA LYS C 176 15.74 -32.67 5.15
C LYS C 176 15.80 -32.63 6.68
N ARG C 177 14.63 -32.61 7.32
CA ARG C 177 14.58 -32.63 8.77
C ARG C 177 15.29 -33.86 9.32
N VAL C 178 15.02 -35.01 8.73
CA VAL C 178 15.58 -36.25 9.28
C VAL C 178 17.07 -36.34 9.00
N THR C 179 17.54 -35.78 7.88
CA THR C 179 18.98 -35.74 7.64
C THR C 179 19.67 -34.85 8.65
N SER C 180 19.08 -33.69 8.96
CA SER C 180 19.67 -32.84 9.99
C SER C 180 19.73 -33.56 11.33
N ILE C 181 18.64 -34.25 11.70
CA ILE C 181 18.61 -34.96 12.97
C ILE C 181 19.63 -36.09 13.00
N ALA C 182 19.72 -36.86 11.91
CA ALA C 182 20.68 -37.96 11.86
C ALA C 182 22.11 -37.45 11.90
N ASP C 183 22.39 -36.33 11.23
CA ASP C 183 23.71 -35.72 11.30
C ASP C 183 24.03 -35.29 12.73
N ARG C 184 23.07 -34.68 13.42
CA ARG C 184 23.28 -34.32 14.82
C ARG C 184 23.53 -35.54 15.70
N LEU C 185 22.80 -36.62 15.49
CA LEU C 185 22.96 -37.82 16.29
C LEU C 185 24.07 -38.73 15.76
N ASN C 186 24.58 -38.47 14.56
CA ASN C 186 25.53 -39.34 13.89
C ASN C 186 24.96 -40.75 13.74
N VAL C 187 23.86 -40.85 13.00
CA VAL C 187 23.21 -42.12 12.71
C VAL C 187 22.77 -42.12 11.25
N ASP C 188 22.28 -43.27 10.80
CA ASP C 188 21.79 -43.41 9.44
C ASP C 188 20.37 -42.87 9.33
N PHE C 189 20.06 -42.27 8.19
CA PHE C 189 18.70 -41.86 7.90
C PHE C 189 18.12 -42.75 6.81
N ALA C 190 17.31 -43.72 7.23
CA ALA C 190 16.52 -44.57 6.35
C ALA C 190 15.34 -43.77 5.82
N LEU C 191 14.99 -44.00 4.56
CA LEU C 191 13.91 -43.27 3.92
C LEU C 191 12.79 -44.18 3.44
N ILE C 192 11.58 -43.63 3.42
CA ILE C 192 10.37 -44.34 3.06
C ILE C 192 9.55 -43.48 2.12
N HIS C 193 9.00 -44.08 1.06
CA HIS C 193 7.94 -43.42 0.31
C HIS C 193 7.05 -44.45 -0.36
N LYS C 194 5.81 -44.06 -0.64
CA LYS C 194 4.85 -44.97 -1.25
C LYS C 194 5.03 -44.98 -2.77
N GLU C 195 4.72 -46.12 -3.38
CA GLU C 195 4.85 -46.29 -4.81
C GLU C 195 3.56 -45.89 -5.52
N ASP C 203 -0.24 -48.51 -2.96
CA ASP C 203 -0.61 -48.95 -1.62
C ASP C 203 0.56 -49.68 -0.96
N ARG C 204 1.71 -49.67 -1.63
CA ARG C 204 2.92 -50.29 -1.10
C ARG C 204 3.97 -49.22 -0.82
N MET C 205 4.90 -49.54 0.05
CA MET C 205 5.92 -48.61 0.51
C MET C 205 7.30 -49.18 0.21
N VAL C 206 8.26 -48.30 -0.05
CA VAL C 206 9.65 -48.69 -0.29
C VAL C 206 10.53 -47.96 0.71
N LEU C 207 11.47 -48.72 1.30
CA LEU C 207 12.34 -48.29 2.37
C LEU C 207 13.79 -48.57 2.02
N VAL C 208 14.65 -47.57 2.19
CA VAL C 208 16.10 -47.71 2.07
C VAL C 208 16.74 -47.45 3.41
N GLY C 209 17.67 -48.31 3.81
CA GLY C 209 18.33 -48.12 5.09
C GLY C 209 18.03 -49.31 5.97
N ASP C 210 19.10 -49.93 6.47
CA ASP C 210 18.95 -51.09 7.33
C ASP C 210 18.19 -50.72 8.60
N VAL C 211 17.03 -51.35 8.80
CA VAL C 211 16.26 -51.16 10.01
C VAL C 211 16.16 -52.44 10.84
N LYS C 212 16.64 -53.57 10.32
CA LYS C 212 16.45 -54.84 11.00
C LYS C 212 17.09 -54.84 12.38
N ASP C 213 16.36 -55.37 13.36
CA ASP C 213 16.78 -55.49 14.76
C ASP C 213 17.19 -54.16 15.37
N ARG C 214 16.79 -53.04 14.77
CA ARG C 214 17.12 -51.72 15.26
C ARG C 214 15.86 -50.98 15.67
N VAL C 215 16.06 -49.83 16.30
CA VAL C 215 14.97 -48.90 16.53
C VAL C 215 14.90 -47.93 15.36
N ALA C 216 13.70 -47.78 14.79
CA ALA C 216 13.45 -46.76 13.78
C ALA C 216 12.68 -45.61 14.41
N ILE C 217 13.04 -44.39 14.04
CA ILE C 217 12.42 -43.19 14.58
C ILE C 217 11.86 -42.41 13.41
N LEU C 218 10.55 -42.40 13.25
CA LEU C 218 9.93 -41.53 12.28
C LEU C 218 9.88 -40.10 12.80
N VAL C 219 10.30 -39.16 11.97
CA VAL C 219 10.27 -37.74 12.31
C VAL C 219 9.55 -37.01 11.21
N ASP C 220 8.61 -36.14 11.59
CA ASP C 220 7.83 -35.36 10.65
C ASP C 220 7.38 -34.08 11.32
N ASP C 221 6.90 -33.15 10.51
CA ASP C 221 6.48 -31.86 11.05
C ASP C 221 5.12 -31.95 11.74
N MET C 222 4.24 -32.83 11.28
CA MET C 222 2.91 -32.88 11.87
C MET C 222 2.27 -34.22 11.57
N ALA C 223 1.32 -34.59 12.43
CA ALA C 223 0.49 -35.78 12.24
C ALA C 223 -0.95 -35.34 12.34
N ASP C 224 -1.65 -35.32 11.21
CA ASP C 224 -3.04 -34.85 11.19
C ASP C 224 -4.02 -36.01 11.33
N THR C 225 -4.12 -36.84 10.30
CA THR C 225 -4.94 -38.03 10.35
C THR C 225 -4.12 -39.27 10.67
N CYS C 226 -2.80 -39.12 10.76
CA CYS C 226 -1.84 -40.17 11.03
C CYS C 226 -1.82 -41.25 9.95
N GLY C 227 -2.43 -40.98 8.79
CA GLY C 227 -2.26 -41.88 7.67
C GLY C 227 -0.82 -41.99 7.23
N THR C 228 -0.09 -40.87 7.25
CA THR C 228 1.29 -40.86 6.81
C THR C 228 2.18 -41.72 7.71
N ILE C 229 2.12 -41.53 9.03
CA ILE C 229 3.02 -42.26 9.91
C ILE C 229 2.57 -43.71 10.10
N CYS C 230 1.28 -44.00 10.03
CA CYS C 230 0.85 -45.39 10.22
C CYS C 230 1.29 -46.26 9.06
N HIS C 231 1.19 -45.76 7.83
CA HIS C 231 1.67 -46.49 6.67
C HIS C 231 3.19 -46.71 6.75
N ALA C 232 3.92 -45.66 7.12
CA ALA C 232 5.37 -45.78 7.26
C ALA C 232 5.73 -46.78 8.34
N ALA C 233 5.01 -46.78 9.46
CA ALA C 233 5.28 -47.72 10.53
C ALA C 233 4.98 -49.15 10.10
N ASP C 234 3.90 -49.34 9.35
CA ASP C 234 3.62 -50.68 8.82
C ASP C 234 4.77 -51.17 7.98
N LYS C 235 5.26 -50.33 7.08
CA LYS C 235 6.43 -50.69 6.28
C LYS C 235 7.61 -51.06 7.17
N LEU C 236 7.92 -50.20 8.15
CA LEU C 236 9.10 -50.44 8.98
C LEU C 236 8.98 -51.75 9.74
N LEU C 237 7.80 -52.05 10.28
CA LEU C 237 7.61 -53.31 10.97
C LEU C 237 7.69 -54.50 10.02
N SER C 238 7.38 -54.28 8.74
CA SER C 238 7.59 -55.35 7.76
C SER C 238 9.06 -55.73 7.67
N ALA C 239 9.95 -54.74 7.83
CA ALA C 239 11.38 -54.95 7.65
C ALA C 239 12.11 -55.19 8.97
N GLY C 240 11.41 -55.65 10.00
CA GLY C 240 12.05 -56.22 11.17
C GLY C 240 12.55 -55.26 12.23
N ALA C 241 12.14 -53.99 12.19
CA ALA C 241 12.54 -53.07 13.23
C ALA C 241 11.98 -53.50 14.58
N THR C 242 12.84 -53.52 15.60
CA THR C 242 12.45 -53.99 16.91
C THR C 242 11.36 -53.10 17.52
N ARG C 243 11.54 -51.79 17.42
CA ARG C 243 10.55 -50.83 17.84
C ARG C 243 10.50 -49.70 16.82
N VAL C 244 9.35 -49.03 16.75
CA VAL C 244 9.16 -47.88 15.89
C VAL C 244 8.64 -46.74 16.74
N TYR C 245 9.25 -45.57 16.62
CA TYR C 245 8.79 -44.36 17.27
C TYR C 245 8.36 -43.37 16.21
N ALA C 246 7.43 -42.50 16.59
CA ALA C 246 7.08 -41.36 15.77
C ALA C 246 7.28 -40.11 16.60
N ILE C 247 7.94 -39.10 16.04
CA ILE C 247 8.16 -37.84 16.72
C ILE C 247 7.72 -36.72 15.78
N LEU C 248 6.86 -35.83 16.29
CA LEU C 248 6.29 -34.75 15.50
C LEU C 248 6.23 -33.47 16.32
N THR C 249 6.46 -32.35 15.67
CA THR C 249 6.27 -31.11 16.40
C THR C 249 4.79 -30.77 16.59
N HIS C 250 3.95 -30.94 15.57
CA HIS C 250 2.54 -30.57 15.67
C HIS C 250 1.66 -31.82 15.72
N GLY C 251 1.05 -32.06 16.87
CA GLY C 251 0.12 -33.15 17.06
C GLY C 251 -1.34 -32.78 16.81
N ILE C 252 -1.74 -32.64 15.55
CA ILE C 252 -3.11 -32.21 15.26
C ILE C 252 -4.11 -33.31 15.60
N PHE C 253 -3.85 -34.54 15.15
CA PHE C 253 -4.63 -35.73 15.53
C PHE C 253 -6.13 -35.57 15.28
N SER C 254 -6.48 -35.13 14.08
CA SER C 254 -7.89 -34.99 13.75
C SER C 254 -8.43 -36.27 13.12
N GLY C 255 -9.76 -36.35 13.04
CA GLY C 255 -10.42 -37.46 12.40
C GLY C 255 -10.17 -38.79 13.06
N PRO C 256 -9.72 -39.78 12.29
CA PRO C 256 -9.53 -41.12 12.84
C PRO C 256 -8.16 -41.34 13.46
N ALA C 257 -7.45 -40.25 13.76
CA ALA C 257 -6.04 -40.37 14.14
C ALA C 257 -5.84 -41.19 15.40
N ILE C 258 -6.66 -40.94 16.43
CA ILE C 258 -6.46 -41.62 17.71
C ILE C 258 -6.67 -43.13 17.56
N SER C 259 -7.70 -43.54 16.82
CA SER C 259 -7.93 -44.96 16.61
C SER C 259 -6.79 -45.61 15.82
N ARG C 260 -6.29 -44.93 14.78
CA ARG C 260 -5.18 -45.49 14.02
C ARG C 260 -3.94 -45.63 14.88
N ILE C 261 -3.64 -44.63 15.70
CA ILE C 261 -2.48 -44.73 16.59
C ILE C 261 -2.68 -45.87 17.57
N ASN C 262 -3.89 -46.02 18.11
CA ASN C 262 -4.14 -47.10 19.06
C ASN C 262 -3.95 -48.46 18.42
N ASN C 263 -4.33 -48.61 17.16
CA ASN C 263 -4.19 -49.88 16.47
C ASN C 263 -2.85 -50.05 15.77
N ALA C 264 -1.96 -49.06 15.84
CA ALA C 264 -0.66 -49.17 15.19
C ALA C 264 0.37 -49.73 16.17
N CYS C 265 1.56 -50.01 15.65
CA CYS C 265 2.61 -50.67 16.42
C CYS C 265 3.59 -49.70 17.05
N PHE C 266 3.28 -48.41 17.09
CA PHE C 266 4.20 -47.43 17.65
C PHE C 266 4.51 -47.75 19.10
N GLU C 267 5.81 -47.74 19.41
CA GLU C 267 6.20 -47.72 20.82
C GLU C 267 5.78 -46.42 21.47
N ALA C 268 5.93 -45.31 20.77
CA ALA C 268 5.54 -44.01 21.28
C ALA C 268 5.29 -43.06 20.13
N VAL C 269 4.32 -42.18 20.33
CA VAL C 269 4.07 -41.06 19.43
C VAL C 269 4.31 -39.80 20.26
N VAL C 270 5.41 -39.15 20.00
CA VAL C 270 5.84 -37.97 20.75
C VAL C 270 5.48 -36.74 19.94
N VAL C 271 4.86 -35.77 20.58
CA VAL C 271 4.53 -34.51 19.93
C VAL C 271 4.97 -33.37 20.83
N THR C 272 5.21 -32.21 20.23
CA THR C 272 5.41 -31.04 21.09
C THR C 272 4.05 -30.50 21.56
N ASN C 273 4.09 -29.59 22.51
CA ASN C 273 2.86 -28.91 22.93
C ASN C 273 2.65 -27.59 22.20
N THR C 274 2.83 -27.57 20.87
CA THR C 274 2.37 -26.43 20.11
C THR C 274 0.86 -26.41 20.01
N ILE C 275 0.23 -27.56 20.25
CA ILE C 275 -1.21 -27.75 20.23
C ILE C 275 -1.55 -28.44 21.54
N PRO C 276 -2.64 -28.08 22.21
CA PRO C 276 -2.99 -28.77 23.47
C PRO C 276 -3.26 -30.24 23.21
N GLN C 277 -2.77 -31.09 24.11
CA GLN C 277 -2.79 -32.54 23.89
C GLN C 277 -3.50 -33.33 24.97
N GLU C 278 -4.00 -32.69 26.04
CA GLU C 278 -4.55 -33.43 27.17
C GLU C 278 -5.73 -34.29 26.76
N ASP C 279 -6.65 -33.74 25.98
CA ASP C 279 -7.82 -34.49 25.55
C ASP C 279 -7.42 -35.70 24.70
N LYS C 280 -6.50 -35.51 23.77
CA LYS C 280 -6.02 -36.63 22.97
C LYS C 280 -5.25 -37.63 23.82
N MET C 281 -4.49 -37.14 24.80
CA MET C 281 -3.72 -38.04 25.66
C MET C 281 -4.64 -38.90 26.52
N LYS C 282 -5.85 -38.41 26.82
CA LYS C 282 -6.79 -39.22 27.60
C LYS C 282 -7.18 -40.48 26.84
N HIS C 283 -7.37 -40.38 25.53
CA HIS C 283 -7.84 -41.48 24.70
C HIS C 283 -6.72 -42.30 24.07
N CYS C 284 -5.47 -41.90 24.25
CA CYS C 284 -4.35 -42.60 23.61
C CYS C 284 -3.18 -42.64 24.58
N SER C 285 -2.82 -43.84 25.02
CA SER C 285 -1.80 -43.98 26.06
C SER C 285 -0.39 -43.76 25.53
N LYS C 286 -0.16 -43.96 24.24
CA LYS C 286 1.19 -43.87 23.72
C LYS C 286 1.59 -42.48 23.25
N ILE C 287 0.76 -41.47 23.46
CA ILE C 287 1.14 -40.10 23.12
C ILE C 287 1.90 -39.48 24.29
N GLN C 288 3.10 -38.97 24.00
CA GLN C 288 3.88 -38.20 24.97
C GLN C 288 4.18 -36.83 24.40
N VAL C 289 4.31 -35.85 25.30
CA VAL C 289 4.41 -34.45 24.92
C VAL C 289 5.78 -33.93 25.32
N ILE C 290 6.43 -33.23 24.40
CA ILE C 290 7.63 -32.45 24.69
C ILE C 290 7.22 -31.00 24.89
N ASP C 291 7.59 -30.43 26.03
CA ASP C 291 7.29 -29.03 26.27
C ASP C 291 8.26 -28.18 25.46
N ILE C 292 7.73 -27.29 24.61
CA ILE C 292 8.57 -26.35 23.90
C ILE C 292 8.35 -24.92 24.38
N SER C 293 7.72 -24.76 25.54
CA SER C 293 7.48 -23.42 26.05
C SER C 293 8.77 -22.69 26.36
N MET C 294 9.85 -23.40 26.71
CA MET C 294 11.10 -22.70 26.95
C MET C 294 11.64 -22.09 25.66
N ILE C 295 11.51 -22.79 24.54
CA ILE C 295 11.98 -22.27 23.27
C ILE C 295 11.20 -21.02 22.87
N LEU C 296 9.88 -21.07 22.99
CA LEU C 296 9.07 -19.91 22.65
C LEU C 296 9.34 -18.75 23.60
N ALA C 297 9.46 -19.02 24.89
CA ALA C 297 9.77 -17.97 25.85
C ALA C 297 11.12 -17.33 25.55
N GLU C 298 12.12 -18.14 25.23
CA GLU C 298 13.43 -17.61 24.89
C GLU C 298 13.37 -16.79 23.61
N ALA C 299 12.61 -17.23 22.62
CA ALA C 299 12.47 -16.45 21.39
C ALA C 299 11.83 -15.11 21.68
N ILE C 300 10.78 -15.08 22.50
CA ILE C 300 10.12 -13.82 22.85
C ILE C 300 11.11 -12.91 23.57
N ARG C 301 11.81 -13.46 24.54
CA ARG C 301 12.75 -12.68 25.34
C ARG C 301 13.89 -12.13 24.47
N ARG C 302 14.40 -12.93 23.55
CA ARG C 302 15.50 -12.50 22.71
C ARG C 302 15.06 -11.49 21.67
N THR C 303 13.88 -11.65 21.07
CA THR C 303 13.39 -10.61 20.17
C THR C 303 13.17 -9.30 20.92
N HIS C 304 12.66 -9.37 22.13
CA HIS C 304 12.47 -8.15 22.92
C HIS C 304 13.80 -7.49 23.25
N ASN C 305 14.82 -8.27 23.60
CA ASN C 305 16.09 -7.69 24.04
C ASN C 305 17.06 -7.44 22.90
N GLY C 306 16.69 -7.73 21.66
CA GLY C 306 17.64 -7.58 20.57
C GLY C 306 18.76 -8.59 20.58
N GLU C 307 18.54 -9.75 21.16
CA GLU C 307 19.50 -10.84 21.22
C GLU C 307 19.27 -11.80 20.06
N SER C 308 20.27 -12.63 19.77
CA SER C 308 20.19 -13.53 18.63
C SER C 308 19.13 -14.60 18.87
N VAL C 309 18.19 -14.71 17.94
CA VAL C 309 17.19 -15.77 18.01
C VAL C 309 17.72 -17.05 17.38
N SER C 310 18.52 -16.93 16.32
CA SER C 310 19.04 -18.11 15.62
C SER C 310 19.92 -18.97 16.52
N TYR C 311 20.42 -18.40 17.62
CA TYR C 311 21.15 -19.19 18.62
C TYR C 311 20.30 -20.33 19.14
N LEU C 312 18.97 -20.16 19.18
CA LEU C 312 18.06 -21.21 19.61
C LEU C 312 17.94 -22.35 18.61
N PHE C 313 18.35 -22.15 17.35
CA PHE C 313 18.23 -23.22 16.37
C PHE C 313 19.05 -24.44 16.76
N SER C 314 20.09 -24.26 17.57
CA SER C 314 20.98 -25.35 17.94
C SER C 314 21.18 -25.53 19.44
N HIS C 315 20.53 -24.73 20.28
CA HIS C 315 20.77 -24.78 21.71
C HIS C 315 19.45 -24.89 22.47
N VAL C 316 19.39 -25.85 23.39
CA VAL C 316 18.27 -25.97 24.32
C VAL C 316 18.51 -25.00 25.47
N PRO C 317 17.61 -24.05 25.72
CA PRO C 317 17.81 -23.12 26.83
C PRO C 317 17.50 -23.72 28.19
N PRO D 2 -8.09 -3.79 -26.85
CA PRO D 2 -6.64 -3.93 -26.69
C PRO D 2 -6.05 -5.06 -27.52
N ASN D 3 -4.95 -4.79 -28.19
CA ASN D 3 -4.25 -5.76 -28.99
C ASN D 3 -3.03 -6.29 -28.23
N ILE D 4 -2.59 -7.47 -28.63
CA ILE D 4 -1.37 -8.05 -28.08
C ILE D 4 -0.18 -7.31 -28.67
N LYS D 5 0.73 -6.88 -27.79
CA LYS D 5 2.04 -6.39 -28.19
C LYS D 5 3.08 -7.24 -27.48
N ILE D 6 3.99 -7.84 -28.24
CA ILE D 6 5.06 -8.64 -27.69
C ILE D 6 6.35 -7.84 -27.81
N PHE D 7 7.03 -7.66 -26.70
CA PHE D 7 8.34 -7.04 -26.66
C PHE D 7 9.36 -8.04 -26.17
N SER D 8 10.53 -8.03 -26.76
CA SER D 8 11.64 -8.88 -26.36
C SER D 8 12.65 -8.08 -25.56
N GLY D 9 13.06 -8.62 -24.43
CA GLY D 9 14.30 -8.19 -23.82
C GLY D 9 15.49 -8.71 -24.59
N SER D 10 16.67 -8.38 -24.10
CA SER D 10 17.88 -8.82 -24.79
C SER D 10 18.29 -10.24 -24.45
N SER D 11 17.70 -10.86 -23.43
CA SER D 11 18.19 -12.17 -22.98
C SER D 11 17.95 -13.25 -24.03
N HIS D 12 16.73 -13.37 -24.54
CA HIS D 12 16.37 -14.50 -25.41
C HIS D 12 15.57 -13.95 -26.59
N GLN D 13 16.28 -13.45 -27.60
CA GLN D 13 15.62 -12.86 -28.75
C GLN D 13 14.97 -13.91 -29.64
N ASP D 14 15.63 -15.06 -29.82
CA ASP D 14 15.13 -16.09 -30.71
C ASP D 14 13.81 -16.66 -30.17
N LEU D 15 13.73 -16.86 -28.86
CA LEU D 15 12.48 -17.35 -28.27
C LEU D 15 11.35 -16.36 -28.47
N SER D 16 11.62 -15.07 -28.27
CA SER D 16 10.60 -14.04 -28.46
C SER D 16 10.13 -14.01 -29.90
N GLN D 17 11.07 -14.13 -30.85
CA GLN D 17 10.68 -14.18 -32.26
C GLN D 17 9.82 -15.38 -32.56
N LYS D 18 10.17 -16.56 -32.02
CA LYS D 18 9.36 -17.74 -32.24
C LYS D 18 7.95 -17.55 -31.69
N ILE D 19 7.85 -16.97 -30.50
CA ILE D 19 6.54 -16.70 -29.92
C ILE D 19 5.75 -15.75 -30.80
N ALA D 20 6.40 -14.70 -31.29
CA ALA D 20 5.70 -13.72 -32.11
C ALA D 20 5.23 -14.32 -33.42
N ASP D 21 6.06 -15.17 -34.05
CA ASP D 21 5.62 -15.85 -35.26
C ASP D 21 4.42 -16.74 -34.99
N ARG D 22 4.42 -17.47 -33.88
CA ARG D 22 3.27 -18.34 -33.60
C ARG D 22 2.00 -17.53 -33.37
N LEU D 23 2.11 -16.29 -32.91
CA LEU D 23 0.95 -15.44 -32.72
C LEU D 23 0.59 -14.64 -33.96
N GLY D 24 1.36 -14.74 -35.05
CA GLY D 24 1.11 -13.91 -36.20
C GLY D 24 1.35 -12.45 -35.97
N LEU D 25 2.40 -12.10 -35.24
CA LEU D 25 2.70 -10.73 -34.87
C LEU D 25 4.17 -10.43 -35.13
N GLU D 26 4.46 -9.15 -35.31
CA GLU D 26 5.83 -8.67 -35.29
C GLU D 26 6.20 -8.24 -33.88
N LEU D 27 7.47 -8.41 -33.54
CA LEU D 27 7.96 -7.93 -32.26
C LEU D 27 7.84 -6.42 -32.19
N GLY D 28 7.39 -5.91 -31.04
CA GLY D 28 7.28 -4.48 -30.86
C GLY D 28 8.62 -3.79 -30.95
N LYS D 29 8.60 -2.57 -31.48
CA LYS D 29 9.82 -1.80 -31.61
C LYS D 29 10.28 -1.32 -30.24
N VAL D 30 11.47 -1.75 -29.84
CA VAL D 30 12.06 -1.32 -28.58
C VAL D 30 13.57 -1.28 -28.76
N VAL D 31 14.18 -0.23 -28.23
CA VAL D 31 15.62 -0.11 -28.14
C VAL D 31 16.02 -0.49 -26.73
N THR D 32 16.82 -1.54 -26.60
CA THR D 32 17.30 -2.02 -25.30
C THR D 32 18.82 -2.14 -25.40
N LYS D 33 19.52 -1.15 -24.86
CA LYS D 33 20.97 -1.12 -24.92
C LYS D 33 21.56 -0.60 -23.62
N LYS D 34 22.83 -0.23 -23.62
CA LYS D 34 23.47 0.30 -22.43
C LYS D 34 24.07 1.66 -22.71
N PHE D 35 23.89 2.58 -21.76
CA PHE D 35 24.64 3.82 -21.78
C PHE D 35 26.12 3.53 -21.59
N SER D 36 26.94 4.58 -21.74
CA SER D 36 28.38 4.42 -21.62
C SER D 36 28.78 3.86 -20.26
N ASN D 37 28.14 4.35 -19.19
CA ASN D 37 28.43 3.87 -17.85
C ASN D 37 27.71 2.57 -17.50
N GLN D 38 27.17 1.86 -18.49
CA GLN D 38 26.58 0.53 -18.36
C GLN D 38 25.22 0.53 -17.67
N GLU D 39 24.56 1.67 -17.59
CA GLU D 39 23.19 1.69 -17.12
C GLU D 39 22.27 1.28 -18.27
N THR D 40 21.22 0.55 -17.96
CA THR D 40 20.30 0.09 -18.99
C THR D 40 19.56 1.26 -19.61
N CYS D 41 19.50 1.30 -20.93
CA CYS D 41 18.76 2.28 -21.69
C CYS D 41 17.63 1.57 -22.43
N VAL D 42 16.41 2.04 -22.23
CA VAL D 42 15.22 1.45 -22.83
C VAL D 42 14.41 2.56 -23.49
N GLU D 43 13.96 2.30 -24.71
CA GLU D 43 13.15 3.25 -25.46
C GLU D 43 12.06 2.49 -26.19
N ILE D 44 10.81 2.70 -25.82
CA ILE D 44 9.69 2.04 -26.49
C ILE D 44 9.43 2.79 -27.80
N GLY D 45 9.61 2.09 -28.91
CA GLY D 45 9.53 2.70 -30.23
C GLY D 45 8.16 2.82 -30.83
N GLU D 46 7.11 2.42 -30.12
CA GLU D 46 5.75 2.54 -30.63
C GLU D 46 4.82 2.74 -29.44
N SER D 47 3.69 3.39 -29.70
CA SER D 47 2.70 3.59 -28.67
C SER D 47 2.17 2.26 -28.17
N VAL D 48 2.08 2.11 -26.86
CA VAL D 48 1.47 0.94 -26.25
C VAL D 48 0.21 1.33 -25.50
N ARG D 49 -0.27 2.55 -25.72
CA ARG D 49 -1.40 3.07 -24.98
C ARG D 49 -2.63 2.20 -25.22
N GLY D 50 -3.20 1.66 -24.14
CA GLY D 50 -4.38 0.83 -24.24
C GLY D 50 -4.15 -0.57 -24.75
N GLU D 51 -2.90 -1.00 -24.89
CA GLU D 51 -2.59 -2.31 -25.43
C GLU D 51 -2.27 -3.31 -24.32
N ASP D 52 -2.34 -4.59 -24.69
CA ASP D 52 -2.01 -5.70 -23.79
C ASP D 52 -0.57 -6.11 -24.07
N VAL D 53 0.34 -5.69 -23.21
CA VAL D 53 1.78 -5.78 -23.46
C VAL D 53 2.34 -7.03 -22.79
N TYR D 54 3.11 -7.81 -23.55
CA TYR D 54 3.83 -8.96 -23.02
C TYR D 54 5.32 -8.74 -23.26
N ILE D 55 6.11 -8.82 -22.20
CA ILE D 55 7.55 -8.62 -22.28
C ILE D 55 8.22 -9.96 -21.99
N VAL D 56 9.00 -10.45 -22.93
CA VAL D 56 9.63 -11.75 -22.83
C VAL D 56 11.08 -11.56 -22.40
N GLN D 57 11.42 -12.11 -21.25
CA GLN D 57 12.78 -12.02 -20.72
C GLN D 57 13.00 -13.19 -19.79
N SER D 58 14.02 -13.99 -20.06
CA SER D 58 14.34 -15.13 -19.20
C SER D 58 15.45 -14.76 -18.23
N GLY D 59 15.41 -15.41 -17.07
CA GLY D 59 16.44 -15.23 -16.07
C GLY D 59 17.67 -16.05 -16.38
N CYS D 60 18.45 -15.60 -17.35
CA CYS D 60 19.63 -16.31 -17.81
C CYS D 60 20.68 -15.31 -18.23
N GLY D 61 21.84 -15.82 -18.62
CA GLY D 61 22.94 -14.95 -19.02
C GLY D 61 23.36 -14.04 -17.89
N GLU D 62 23.54 -12.77 -18.21
CA GLU D 62 23.85 -11.74 -17.22
C GLU D 62 22.56 -11.43 -16.49
N ILE D 63 22.31 -12.18 -15.42
CA ILE D 63 20.99 -12.24 -14.83
C ILE D 63 20.58 -10.89 -14.26
N ASN D 64 21.49 -10.19 -13.59
CA ASN D 64 21.13 -8.92 -12.98
C ASN D 64 20.84 -7.87 -14.04
N ASP D 65 21.62 -7.84 -15.13
CA ASP D 65 21.34 -6.93 -16.23
C ASP D 65 19.98 -7.23 -16.84
N ASN D 66 19.69 -8.50 -17.07
CA ASN D 66 18.43 -8.86 -17.73
C ASN D 66 17.24 -8.57 -16.84
N LEU D 67 17.36 -8.84 -15.54
CA LEU D 67 16.29 -8.49 -14.61
C LEU D 67 16.06 -6.99 -14.55
N MET D 68 17.14 -6.22 -14.47
CA MET D 68 16.96 -4.74 -14.48
C MET D 68 16.28 -4.32 -15.78
N GLU D 69 16.72 -4.87 -16.91
CA GLU D 69 16.12 -4.49 -18.19
C GLU D 69 14.63 -4.80 -18.19
N LEU D 70 14.25 -5.97 -17.68
CA LEU D 70 12.84 -6.33 -17.62
C LEU D 70 12.06 -5.35 -16.78
N LEU D 71 12.59 -5.00 -15.59
CA LEU D 71 11.88 -4.07 -14.73
C LEU D 71 11.75 -2.70 -15.37
N ILE D 72 12.81 -2.23 -16.02
CA ILE D 72 12.77 -0.93 -16.68
C ILE D 72 11.77 -0.94 -17.83
N MET D 73 11.73 -2.02 -18.61
CA MET D 73 10.75 -2.12 -19.68
C MET D 73 9.33 -2.12 -19.15
N ILE D 74 9.08 -2.88 -18.07
CA ILE D 74 7.76 -2.89 -17.47
C ILE D 74 7.36 -1.48 -17.03
N ASN D 75 8.28 -0.78 -16.37
CA ASN D 75 8.00 0.58 -15.93
C ASN D 75 7.69 1.50 -17.09
N ALA D 76 8.49 1.40 -18.17
CA ALA D 76 8.25 2.24 -19.34
C ALA D 76 6.89 1.98 -19.95
N CYS D 77 6.49 0.71 -20.04
CA CYS D 77 5.19 0.38 -20.60
C CYS D 77 4.05 0.82 -19.68
N LYS D 78 4.24 0.70 -18.38
CA LYS D 78 3.21 1.09 -17.43
C LYS D 78 2.97 2.58 -17.46
N ILE D 79 4.02 3.40 -17.44
CA ILE D 79 3.79 4.85 -17.48
C ILE D 79 3.48 5.35 -18.87
N ALA D 80 3.58 4.50 -19.89
CA ALA D 80 3.09 4.81 -21.23
C ALA D 80 1.64 4.39 -21.42
N SER D 81 0.94 4.05 -20.34
CA SER D 81 -0.51 3.82 -20.35
C SER D 81 -0.90 2.55 -21.09
N ALA D 82 -0.07 1.53 -21.01
CA ALA D 82 -0.50 0.20 -21.45
C ALA D 82 -1.67 -0.24 -20.58
N SER D 83 -2.65 -0.89 -21.20
CA SER D 83 -3.81 -1.35 -20.43
C SER D 83 -3.42 -2.45 -19.46
N ARG D 84 -2.49 -3.31 -19.85
CA ARG D 84 -2.04 -4.41 -19.01
C ARG D 84 -0.62 -4.76 -19.41
N VAL D 85 0.21 -5.08 -18.43
CA VAL D 85 1.59 -5.48 -18.67
C VAL D 85 1.81 -6.84 -18.05
N THR D 86 2.31 -7.77 -18.85
CA THR D 86 2.59 -9.13 -18.41
C THR D 86 4.05 -9.44 -18.63
N ALA D 87 4.72 -9.90 -17.59
CA ALA D 87 6.10 -10.36 -17.70
C ALA D 87 6.08 -11.84 -18.04
N VAL D 88 6.63 -12.18 -19.20
CA VAL D 88 6.77 -13.57 -19.63
C VAL D 88 8.21 -13.96 -19.29
N ILE D 89 8.38 -14.68 -18.20
CA ILE D 89 9.71 -15.00 -17.67
C ILE D 89 9.88 -16.51 -17.72
N PRO D 90 10.35 -17.08 -18.82
CA PRO D 90 10.41 -18.55 -18.92
C PRO D 90 11.21 -19.21 -17.81
N CYS D 91 12.36 -18.64 -17.44
CA CYS D 91 13.14 -19.14 -16.32
C CYS D 91 13.23 -18.04 -15.28
N PHE D 92 12.58 -18.26 -14.13
CA PHE D 92 12.43 -17.21 -13.14
C PHE D 92 13.74 -16.99 -12.39
N PRO D 93 14.30 -15.79 -12.41
CA PRO D 93 15.58 -15.56 -11.72
C PRO D 93 15.43 -15.58 -10.21
N TYR D 94 16.48 -16.07 -9.54
CA TYR D 94 16.57 -16.20 -8.08
C TYR D 94 15.54 -17.17 -7.51
N ALA D 95 15.02 -18.07 -8.35
CA ALA D 95 14.01 -19.01 -7.88
C ALA D 95 14.56 -19.97 -6.83
N ARG D 96 15.84 -20.28 -6.88
CA ARG D 96 16.41 -21.19 -5.90
C ARG D 96 16.63 -20.56 -4.54
N GLN D 97 16.56 -19.24 -4.43
CA GLN D 97 16.59 -18.56 -3.14
C GLN D 97 15.17 -18.23 -2.69
N ASP D 98 14.41 -19.29 -2.41
CA ASP D 98 13.01 -19.20 -2.07
C ASP D 98 12.74 -19.33 -0.57
N LYS D 99 13.79 -19.46 0.23
CA LYS D 99 13.65 -19.62 1.67
C LYS D 99 15.00 -19.33 2.31
N LYS D 100 14.98 -19.13 3.63
CA LYS D 100 16.16 -18.92 4.47
C LYS D 100 16.69 -20.21 5.05
N ASP D 101 15.82 -20.90 5.80
CA ASP D 101 15.89 -22.25 6.35
C ASP D 101 16.78 -22.51 7.56
N LYS D 102 17.91 -21.82 7.73
CA LYS D 102 18.53 -21.63 9.04
C LYS D 102 19.50 -20.46 9.02
N SER D 103 19.63 -19.80 7.89
CA SER D 103 20.74 -18.89 7.67
C SER D 103 20.23 -17.46 7.57
N ARG D 104 21.11 -16.51 7.89
CA ARG D 104 20.79 -15.09 7.83
C ARG D 104 20.95 -14.63 6.38
N ALA D 105 20.01 -15.06 5.57
CA ALA D 105 20.06 -14.93 4.11
C ALA D 105 18.82 -14.21 3.60
N PRO D 106 18.91 -13.60 2.43
CA PRO D 106 17.71 -13.03 1.81
C PRO D 106 16.81 -14.12 1.27
N ILE D 107 15.54 -13.79 1.13
CA ILE D 107 14.63 -14.56 0.29
C ILE D 107 14.57 -13.79 -1.03
N SER D 108 15.54 -14.07 -1.90
CA SER D 108 15.72 -13.24 -3.09
C SER D 108 14.55 -13.37 -4.06
N ALA D 109 13.94 -14.55 -4.14
CA ALA D 109 12.79 -14.73 -5.01
C ALA D 109 11.65 -13.81 -4.61
N LYS D 110 11.41 -13.67 -3.30
CA LYS D 110 10.37 -12.74 -2.84
C LYS D 110 10.72 -11.30 -3.19
N LEU D 111 12.01 -10.94 -3.06
CA LEU D 111 12.43 -9.60 -3.46
C LEU D 111 12.16 -9.37 -4.94
N VAL D 112 12.47 -10.36 -5.78
CA VAL D 112 12.22 -10.23 -7.22
C VAL D 112 10.75 -10.08 -7.50
N ALA D 113 9.91 -10.85 -6.81
CA ALA D 113 8.47 -10.72 -6.97
C ALA D 113 7.99 -9.32 -6.58
N ASN D 114 8.50 -8.80 -5.46
CA ASN D 114 8.15 -7.45 -5.04
C ASN D 114 8.59 -6.41 -6.06
N MET D 115 9.78 -6.58 -6.62
CA MET D 115 10.28 -5.63 -7.62
C MET D 115 9.43 -5.67 -8.88
N LEU D 116 9.06 -6.87 -9.34
CA LEU D 116 8.20 -6.98 -10.51
C LEU D 116 6.85 -6.32 -10.25
N SER D 117 6.30 -6.51 -9.06
CA SER D 117 5.03 -5.88 -8.72
C SER D 117 5.13 -4.37 -8.70
N VAL D 118 6.15 -3.82 -8.03
CA VAL D 118 6.27 -2.38 -7.93
C VAL D 118 6.64 -1.75 -9.27
N ALA D 119 7.29 -2.49 -10.16
CA ALA D 119 7.53 -1.98 -11.50
C ALA D 119 6.25 -1.83 -12.29
N GLY D 120 5.20 -2.58 -11.96
CA GLY D 120 3.93 -2.42 -12.60
C GLY D 120 3.37 -3.64 -13.30
N ALA D 121 4.00 -4.80 -13.13
CA ALA D 121 3.50 -6.01 -13.78
C ALA D 121 2.14 -6.38 -13.21
N ASP D 122 1.18 -6.61 -14.09
CA ASP D 122 -0.15 -7.05 -13.69
C ASP D 122 -0.30 -8.56 -13.71
N HIS D 123 0.67 -9.27 -14.27
CA HIS D 123 0.52 -10.69 -14.55
C HIS D 123 1.88 -11.27 -14.88
N ILE D 124 2.12 -12.50 -14.43
CA ILE D 124 3.36 -13.20 -14.67
C ILE D 124 3.06 -14.51 -15.37
N ILE D 125 3.80 -14.82 -16.42
CA ILE D 125 3.78 -16.13 -17.05
C ILE D 125 5.20 -16.70 -16.96
N THR D 126 5.31 -17.90 -16.41
CA THR D 126 6.60 -18.53 -16.21
C THR D 126 6.45 -20.02 -16.44
N MET D 127 7.58 -20.72 -16.48
CA MET D 127 7.56 -22.16 -16.75
C MET D 127 8.39 -22.90 -15.71
N ASP D 128 7.78 -23.92 -15.11
CA ASP D 128 8.42 -24.82 -14.15
C ASP D 128 9.23 -24.06 -13.11
N LEU D 129 8.51 -23.30 -12.29
CA LEU D 129 9.10 -22.64 -11.14
C LEU D 129 9.80 -23.67 -10.27
N HIS D 130 10.98 -23.31 -9.78
CA HIS D 130 11.74 -24.21 -8.91
C HIS D 130 10.90 -24.66 -7.72
N ALA D 131 10.14 -23.76 -7.13
CA ALA D 131 9.20 -24.09 -6.08
C ALA D 131 7.89 -23.39 -6.39
N SER D 132 6.81 -24.15 -6.48
CA SER D 132 5.54 -23.53 -6.84
C SER D 132 5.00 -22.62 -5.73
N GLN D 133 5.55 -22.71 -4.52
CA GLN D 133 5.24 -21.72 -3.50
C GLN D 133 5.62 -20.31 -3.93
N ILE D 134 6.51 -20.17 -4.92
CA ILE D 134 6.86 -18.86 -5.43
C ILE D 134 5.62 -18.14 -5.97
N GLN D 135 4.60 -18.90 -6.41
CA GLN D 135 3.37 -18.26 -6.84
C GLN D 135 2.75 -17.42 -5.73
N GLY D 136 2.90 -17.86 -4.48
CA GLY D 136 2.43 -17.13 -3.34
C GLY D 136 3.28 -15.93 -2.96
N PHE D 137 4.45 -15.77 -3.57
CA PHE D 137 5.23 -14.56 -3.35
C PHE D 137 4.63 -13.34 -4.03
N PHE D 138 3.67 -13.54 -4.93
CA PHE D 138 3.02 -12.47 -5.67
C PHE D 138 1.62 -12.21 -5.14
N ASP D 139 1.16 -10.98 -5.33
CA ASP D 139 -0.27 -10.69 -5.17
C ASP D 139 -1.00 -10.61 -6.50
N ILE D 140 -0.29 -10.54 -7.62
CA ILE D 140 -0.86 -10.58 -8.95
C ILE D 140 -0.96 -12.03 -9.41
N PRO D 141 -1.81 -12.36 -10.38
CA PRO D 141 -1.88 -13.75 -10.86
C PRO D 141 -0.56 -14.19 -11.49
N VAL D 142 -0.23 -15.45 -11.29
CA VAL D 142 0.96 -16.06 -11.86
C VAL D 142 0.56 -17.37 -12.52
N ASP D 143 0.81 -17.50 -13.82
CA ASP D 143 0.54 -18.74 -14.54
C ASP D 143 1.85 -19.50 -14.68
N ASN D 144 1.96 -20.59 -13.94
CA ASN D 144 3.16 -21.44 -13.94
C ASN D 144 2.92 -22.59 -14.91
N LEU D 145 3.46 -22.46 -16.11
CA LEU D 145 3.32 -23.49 -17.13
C LEU D 145 4.26 -24.66 -16.86
N TYR D 146 3.97 -25.79 -17.47
CA TYR D 146 4.74 -27.01 -17.30
C TYR D 146 5.30 -27.46 -18.63
N ALA D 147 6.56 -27.88 -18.63
CA ALA D 147 7.14 -28.47 -19.83
C ALA D 147 6.73 -29.94 -20.00
N GLU D 148 6.02 -30.50 -19.04
CA GLU D 148 5.74 -31.93 -19.04
C GLU D 148 5.07 -32.44 -20.32
N PRO D 149 4.06 -31.78 -20.91
CA PRO D 149 3.51 -32.31 -22.16
C PRO D 149 4.54 -32.43 -23.28
N ALA D 150 5.38 -31.41 -23.44
CA ALA D 150 6.43 -31.47 -24.44
C ALA D 150 7.47 -32.54 -24.10
N VAL D 151 7.76 -32.72 -22.81
CA VAL D 151 8.69 -33.77 -22.39
C VAL D 151 8.14 -35.14 -22.73
N LEU D 152 6.86 -35.37 -22.44
CA LEU D 152 6.24 -36.65 -22.76
C LEU D 152 6.24 -36.91 -24.26
N LYS D 153 5.96 -35.88 -25.04
CA LYS D 153 6.04 -36.02 -26.49
C LYS D 153 7.44 -36.41 -26.93
N TRP D 154 8.46 -35.74 -26.39
CA TRP D 154 9.83 -36.08 -26.75
C TRP D 154 10.16 -37.52 -26.38
N ILE D 155 9.75 -37.95 -25.19
CA ILE D 155 10.06 -39.31 -24.75
C ILE D 155 9.42 -40.32 -25.69
N ARG D 156 8.16 -40.09 -26.06
CA ARG D 156 7.47 -41.04 -26.92
C ARG D 156 8.05 -41.06 -28.32
N GLU D 157 8.53 -39.93 -28.83
CA GLU D 157 9.06 -39.90 -30.18
C GLU D 157 10.56 -40.16 -30.29
N ASN D 158 11.29 -40.28 -29.18
CA ASN D 158 12.74 -40.40 -29.28
C ASN D 158 13.33 -41.60 -28.57
N ILE D 159 12.63 -42.22 -27.64
CA ILE D 159 13.15 -43.36 -26.90
C ILE D 159 12.32 -44.58 -27.25
N SER D 160 12.91 -45.49 -28.03
CA SER D 160 12.15 -46.62 -28.58
C SER D 160 11.62 -47.54 -27.49
N GLU D 161 12.32 -47.64 -26.36
CA GLU D 161 11.95 -48.54 -25.28
C GLU D 161 11.24 -47.82 -24.15
N TRP D 162 10.52 -46.73 -24.44
CA TRP D 162 9.96 -45.92 -23.38
C TRP D 162 8.90 -46.65 -22.57
N ARG D 163 8.24 -47.66 -23.15
CA ARG D 163 7.25 -48.39 -22.38
C ARG D 163 7.88 -49.22 -21.28
N ASN D 164 9.16 -49.55 -21.40
CA ASN D 164 9.88 -50.31 -20.38
C ASN D 164 10.83 -49.44 -19.57
N CYS D 165 10.96 -48.16 -19.91
CA CYS D 165 11.92 -47.29 -19.28
C CYS D 165 11.55 -47.03 -17.83
N THR D 166 12.39 -46.26 -17.15
CA THR D 166 12.19 -45.84 -15.77
C THR D 166 12.43 -44.35 -15.67
N ILE D 167 11.60 -43.66 -14.90
CA ILE D 167 11.73 -42.22 -14.71
C ILE D 167 12.34 -41.97 -13.34
N VAL D 168 13.52 -41.35 -13.31
CA VAL D 168 14.30 -41.24 -12.09
C VAL D 168 14.42 -39.79 -11.68
N SER D 169 14.07 -39.49 -10.46
CA SER D 169 14.32 -38.20 -9.86
C SER D 169 15.76 -38.13 -9.36
N PRO D 170 16.50 -37.04 -9.63
CA PRO D 170 17.88 -36.96 -9.15
C PRO D 170 17.98 -36.63 -7.67
N ASP D 171 17.13 -35.74 -7.17
CA ASP D 171 17.08 -35.44 -5.76
C ASP D 171 15.68 -35.76 -5.26
N ALA D 172 15.58 -36.05 -3.96
CA ALA D 172 14.27 -36.36 -3.37
C ALA D 172 13.29 -35.22 -3.53
N GLY D 173 13.77 -33.98 -3.68
CA GLY D 173 12.87 -32.84 -3.65
C GLY D 173 11.86 -32.83 -4.79
N GLY D 174 12.32 -33.10 -6.01
CA GLY D 174 11.48 -32.99 -7.18
C GLY D 174 10.83 -34.28 -7.66
N ALA D 175 10.72 -35.30 -6.81
CA ALA D 175 10.20 -36.58 -7.25
C ALA D 175 8.73 -36.49 -7.65
N LYS D 176 8.06 -35.40 -7.27
CA LYS D 176 6.67 -35.20 -7.69
C LYS D 176 6.56 -35.11 -9.21
N ARG D 177 7.48 -34.37 -9.83
CA ARG D 177 7.51 -34.27 -11.28
C ARG D 177 7.65 -35.65 -11.92
N VAL D 178 8.55 -36.46 -11.39
CA VAL D 178 8.81 -37.75 -12.03
C VAL D 178 7.66 -38.71 -11.78
N THR D 179 6.97 -38.60 -10.64
CA THR D 179 5.79 -39.43 -10.42
C THR D 179 4.68 -39.05 -11.39
N SER D 180 4.48 -37.75 -11.62
CA SER D 180 3.48 -37.34 -12.60
C SER D 180 3.83 -37.87 -13.99
N ILE D 181 5.11 -37.78 -14.38
CA ILE D 181 5.53 -38.25 -15.69
C ILE D 181 5.36 -39.76 -15.81
N ALA D 182 5.76 -40.51 -14.77
CA ALA D 182 5.62 -41.95 -14.80
C ALA D 182 4.16 -42.37 -14.85
N ASP D 183 3.30 -41.67 -14.10
CA ASP D 183 1.87 -41.95 -14.17
C ASP D 183 1.33 -41.71 -15.58
N ARG D 184 1.73 -40.61 -16.21
CA ARG D 184 1.33 -40.35 -17.59
C ARG D 184 1.82 -41.43 -18.54
N LEU D 185 3.05 -41.89 -18.39
CA LEU D 185 3.60 -42.91 -19.27
C LEU D 185 3.25 -44.32 -18.82
N ASN D 186 2.70 -44.47 -17.61
CA ASN D 186 2.45 -45.78 -17.01
C ASN D 186 3.74 -46.61 -16.93
N VAL D 187 4.71 -46.08 -16.18
CA VAL D 187 5.99 -46.75 -15.96
C VAL D 187 6.37 -46.58 -14.49
N ASP D 188 7.45 -47.26 -14.10
CA ASP D 188 7.96 -47.16 -12.75
C ASP D 188 8.80 -45.90 -12.58
N PHE D 189 8.72 -45.31 -11.40
CA PHE D 189 9.59 -44.20 -11.05
C PHE D 189 10.60 -44.65 -10.01
N ALA D 190 11.82 -44.92 -10.48
CA ALA D 190 12.97 -45.21 -9.63
C ALA D 190 13.47 -43.90 -9.04
N LEU D 191 13.92 -43.97 -7.78
CA LEU D 191 14.38 -42.77 -7.08
C LEU D 191 15.83 -42.90 -6.64
N ILE D 192 16.48 -41.74 -6.55
CA ILE D 192 17.90 -41.63 -6.22
C ILE D 192 18.07 -40.51 -5.20
N HIS D 193 18.89 -40.75 -4.19
CA HIS D 193 19.37 -39.63 -3.37
C HIS D 193 20.71 -39.99 -2.74
N LYS D 194 21.50 -38.97 -2.41
CA LYS D 194 22.82 -39.19 -1.84
C LYS D 194 22.71 -39.39 -0.34
N GLU D 195 23.65 -40.16 0.21
CA GLU D 195 23.66 -40.46 1.63
C GLU D 195 24.50 -39.44 2.39
N ASP D 203 29.06 -39.17 -0.26
CA ASP D 203 29.59 -39.23 -1.61
C ASP D 203 29.04 -40.47 -2.34
N ARG D 204 28.13 -41.17 -1.69
CA ARG D 204 27.49 -42.34 -2.27
C ARG D 204 26.02 -42.07 -2.51
N MET D 205 25.42 -42.84 -3.43
CA MET D 205 24.04 -42.64 -3.84
C MET D 205 23.27 -43.93 -3.61
N VAL D 206 21.97 -43.79 -3.30
CA VAL D 206 21.09 -44.92 -3.12
C VAL D 206 19.92 -44.80 -4.09
N LEU D 207 19.60 -45.92 -4.75
CA LEU D 207 18.61 -46.02 -5.80
C LEU D 207 17.61 -47.12 -5.50
N VAL D 208 16.32 -46.80 -5.62
CA VAL D 208 15.24 -47.78 -5.54
C VAL D 208 14.53 -47.85 -6.89
N GLY D 209 14.27 -49.06 -7.34
CA GLY D 209 13.60 -49.21 -8.62
C GLY D 209 14.52 -49.95 -9.58
N ASP D 210 14.01 -51.04 -10.13
CA ASP D 210 14.79 -51.84 -11.06
C ASP D 210 15.16 -51.03 -12.29
N VAL D 211 16.47 -50.85 -12.50
CA VAL D 211 16.96 -50.17 -13.69
C VAL D 211 17.78 -51.09 -14.58
N LYS D 212 18.06 -52.31 -14.16
CA LYS D 212 18.95 -53.19 -14.90
C LYS D 212 18.39 -53.49 -16.29
N ASP D 213 19.27 -53.41 -17.28
CA ASP D 213 18.97 -53.69 -18.69
C ASP D 213 17.85 -52.81 -19.24
N ARG D 214 17.55 -51.70 -18.57
CA ARG D 214 16.48 -50.81 -18.98
C ARG D 214 17.07 -49.44 -19.31
N VAL D 215 16.22 -48.58 -19.87
CA VAL D 215 16.56 -47.18 -20.02
C VAL D 215 16.08 -46.43 -18.80
N ALA D 216 16.97 -45.63 -18.20
CA ALA D 216 16.60 -44.72 -17.12
C ALA D 216 16.54 -43.31 -17.67
N ILE D 217 15.54 -42.56 -17.23
CA ILE D 217 15.33 -41.18 -17.69
C ILE D 217 15.34 -40.30 -16.46
N LEU D 218 16.41 -39.54 -16.28
CA LEU D 218 16.43 -38.53 -15.23
C LEU D 218 15.61 -37.31 -15.67
N VAL D 219 14.74 -36.85 -14.78
CA VAL D 219 13.94 -35.68 -15.04
C VAL D 219 14.11 -34.71 -13.88
N ASP D 220 14.36 -33.45 -14.19
CA ASP D 220 14.54 -32.42 -13.18
C ASP D 220 14.15 -31.08 -13.76
N ASP D 221 14.01 -30.09 -12.89
CA ASP D 221 13.58 -28.77 -13.35
C ASP D 221 14.73 -28.01 -14.01
N MET D 222 15.97 -28.22 -13.58
CA MET D 222 17.07 -27.46 -14.15
C MET D 222 18.38 -28.20 -13.93
N ALA D 223 19.34 -27.88 -14.79
CA ALA D 223 20.71 -28.37 -14.65
C ALA D 223 21.63 -27.16 -14.69
N ASP D 224 22.20 -26.81 -13.55
CA ASP D 224 23.06 -25.61 -13.48
C ASP D 224 24.53 -25.97 -13.67
N THR D 225 25.11 -26.65 -12.69
CA THR D 225 26.47 -27.13 -12.80
C THR D 225 26.53 -28.59 -13.21
N CYS D 226 25.37 -29.23 -13.31
CA CYS D 226 25.20 -30.64 -13.66
C CYS D 226 25.84 -31.58 -12.66
N GLY D 227 26.20 -31.08 -11.47
CA GLY D 227 26.61 -31.98 -10.41
C GLY D 227 25.51 -32.93 -10.00
N THR D 228 24.27 -32.45 -9.98
CA THR D 228 23.15 -33.28 -9.56
C THR D 228 22.90 -34.44 -10.52
N ILE D 229 22.82 -34.17 -11.83
CA ILE D 229 22.50 -35.23 -12.77
C ILE D 229 23.70 -36.13 -13.05
N CYS D 230 24.93 -35.61 -12.98
CA CYS D 230 26.08 -36.46 -13.24
C CYS D 230 26.26 -37.51 -12.13
N HIS D 231 26.08 -37.12 -10.88
CA HIS D 231 26.13 -38.07 -9.78
C HIS D 231 25.03 -39.13 -9.90
N ALA D 232 23.81 -38.69 -10.21
CA ALA D 232 22.71 -39.61 -10.39
C ALA D 232 22.97 -40.57 -11.54
N ALA D 233 23.53 -40.07 -12.64
CA ALA D 233 23.84 -40.94 -13.78
C ALA D 233 24.94 -41.94 -13.44
N ASP D 234 25.93 -41.52 -12.67
CA ASP D 234 26.96 -42.46 -12.23
C ASP D 234 26.33 -43.59 -11.43
N LYS D 235 25.45 -43.25 -10.48
CA LYS D 235 24.74 -44.28 -9.74
C LYS D 235 23.97 -45.20 -10.67
N LEU D 236 23.21 -44.63 -11.61
CA LEU D 236 22.38 -45.46 -12.48
C LEU D 236 23.22 -46.40 -13.31
N LEU D 237 24.33 -45.92 -13.85
CA LEU D 237 25.22 -46.79 -14.61
C LEU D 237 25.86 -47.86 -13.72
N SER D 238 26.02 -47.57 -12.43
CA SER D 238 26.49 -48.63 -11.53
C SER D 238 25.52 -49.79 -11.48
N ALA D 239 24.22 -49.51 -11.60
CA ALA D 239 23.19 -50.53 -11.47
C ALA D 239 22.70 -51.06 -12.81
N GLY D 240 23.52 -50.96 -13.86
CA GLY D 240 23.31 -51.73 -15.06
C GLY D 240 22.32 -51.17 -16.07
N ALA D 241 21.92 -49.92 -15.95
CA ALA D 241 21.03 -49.33 -16.95
C ALA D 241 21.72 -49.28 -18.31
N THR D 242 21.00 -49.74 -19.33
CA THR D 242 21.58 -49.80 -20.67
C THR D 242 21.92 -48.40 -21.19
N ARG D 243 21.01 -47.46 -21.03
CA ARG D 243 21.25 -46.07 -21.36
C ARG D 243 20.64 -45.19 -20.28
N VAL D 244 21.19 -43.99 -20.14
CA VAL D 244 20.69 -42.99 -19.21
C VAL D 244 20.42 -41.72 -19.99
N TYR D 245 19.25 -41.14 -19.80
CA TYR D 245 18.90 -39.86 -20.36
C TYR D 245 18.69 -38.85 -19.25
N ALA D 246 18.93 -37.59 -19.55
CA ALA D 246 18.56 -36.52 -18.65
C ALA D 246 17.65 -35.58 -19.40
N ILE D 247 16.54 -35.18 -18.80
CA ILE D 247 15.61 -34.23 -19.40
C ILE D 247 15.34 -33.13 -18.39
N LEU D 248 15.49 -31.88 -18.82
CA LEU D 248 15.35 -30.73 -17.96
C LEU D 248 14.64 -29.61 -18.70
N THR D 249 13.80 -28.87 -17.98
CA THR D 249 13.22 -27.70 -18.63
C THR D 249 14.22 -26.57 -18.77
N HIS D 250 15.02 -26.27 -17.75
CA HIS D 250 15.94 -25.13 -17.79
C HIS D 250 17.38 -25.64 -17.90
N GLY D 251 17.99 -25.40 -19.06
CA GLY D 251 19.38 -25.73 -19.29
C GLY D 251 20.36 -24.60 -18.99
N ILE D 252 20.63 -24.32 -17.72
CA ILE D 252 21.49 -23.19 -17.37
C ILE D 252 22.94 -23.47 -17.77
N PHE D 253 23.45 -24.64 -17.39
CA PHE D 253 24.77 -25.13 -17.83
C PHE D 253 25.90 -24.14 -17.54
N SER D 254 25.95 -23.65 -16.31
CA SER D 254 27.02 -22.74 -15.94
C SER D 254 28.22 -23.49 -15.39
N GLY D 255 29.34 -22.79 -15.29
CA GLY D 255 30.54 -23.34 -14.69
C GLY D 255 31.12 -24.52 -15.45
N PRO D 256 31.34 -25.63 -14.75
CA PRO D 256 31.96 -26.79 -15.38
C PRO D 256 30.96 -27.73 -16.04
N ALA D 257 29.74 -27.25 -16.29
CA ALA D 257 28.66 -28.14 -16.70
C ALA D 257 28.96 -28.85 -18.02
N ILE D 258 29.45 -28.11 -19.01
CA ILE D 258 29.66 -28.69 -20.33
C ILE D 258 30.72 -29.80 -20.28
N SER D 259 31.81 -29.58 -19.54
CA SER D 259 32.82 -30.61 -19.41
C SER D 259 32.29 -31.85 -18.69
N ARG D 260 31.52 -31.65 -17.62
CA ARG D 260 30.96 -32.79 -16.92
C ARG D 260 30.02 -33.59 -17.80
N ILE D 261 29.17 -32.90 -18.57
CA ILE D 261 28.28 -33.60 -19.49
C ILE D 261 29.08 -34.35 -20.54
N ASN D 262 30.14 -33.74 -21.05
CA ASN D 262 30.96 -34.40 -22.07
C ASN D 262 31.60 -35.65 -21.51
N ASN D 263 32.03 -35.63 -20.25
CA ASN D 263 32.67 -36.78 -19.64
C ASN D 263 31.69 -37.74 -18.98
N ALA D 264 30.40 -37.46 -19.02
CA ALA D 264 29.43 -38.35 -18.40
C ALA D 264 28.88 -39.34 -19.43
N CYS D 265 28.09 -40.29 -18.95
CA CYS D 265 27.62 -41.40 -19.78
C CYS D 265 26.24 -41.15 -20.36
N PHE D 266 25.75 -39.92 -20.32
CA PHE D 266 24.42 -39.63 -20.83
C PHE D 266 24.31 -39.99 -22.31
N GLU D 267 23.25 -40.72 -22.65
CA GLU D 267 22.89 -40.85 -24.06
C GLU D 267 22.46 -39.51 -24.63
N ALA D 268 21.71 -38.74 -23.85
CA ALA D 268 21.26 -37.43 -24.28
C ALA D 268 20.92 -36.57 -23.07
N VAL D 269 21.19 -35.28 -23.19
CA VAL D 269 20.77 -34.29 -22.23
C VAL D 269 19.81 -33.36 -22.98
N VAL D 270 18.53 -33.50 -22.70
CA VAL D 270 17.48 -32.75 -23.39
C VAL D 270 17.07 -31.60 -22.49
N VAL D 271 17.00 -30.39 -23.06
CA VAL D 271 16.54 -29.23 -22.33
C VAL D 271 15.49 -28.51 -23.16
N THR D 272 14.64 -27.75 -22.49
CA THR D 272 13.79 -26.87 -23.29
C THR D 272 14.55 -25.61 -23.70
N ASN D 273 13.97 -24.83 -24.60
CA ASN D 273 14.57 -23.54 -24.95
C ASN D 273 13.99 -22.39 -24.13
N THR D 274 13.85 -22.56 -22.82
CA THR D 274 13.57 -21.42 -21.96
C THR D 274 14.80 -20.53 -21.83
N ILE D 275 15.96 -21.07 -22.13
CA ILE D 275 17.24 -20.39 -22.10
C ILE D 275 17.90 -20.66 -23.44
N PRO D 276 18.55 -19.68 -24.07
CA PRO D 276 19.22 -19.98 -25.36
C PRO D 276 20.31 -21.02 -25.19
N GLN D 277 20.38 -21.94 -26.15
CA GLN D 277 21.24 -23.11 -26.01
C GLN D 277 22.27 -23.27 -27.13
N GLU D 278 22.27 -22.40 -28.14
CA GLU D 278 23.12 -22.60 -29.30
C GLU D 278 24.60 -22.63 -28.92
N ASP D 279 25.04 -21.69 -28.09
CA ASP D 279 26.44 -21.64 -27.69
C ASP D 279 26.84 -22.91 -26.93
N LYS D 280 25.99 -23.35 -26.00
CA LYS D 280 26.27 -24.59 -25.28
C LYS D 280 26.22 -25.80 -26.21
N MET D 281 25.30 -25.79 -27.18
CA MET D 281 25.19 -26.90 -28.10
C MET D 281 26.42 -27.02 -28.99
N LYS D 282 27.10 -25.90 -29.24
CA LYS D 282 28.32 -25.95 -30.04
C LYS D 282 29.40 -26.79 -29.36
N HIS D 283 29.52 -26.68 -28.04
CA HIS D 283 30.56 -27.35 -27.28
C HIS D 283 30.14 -28.69 -26.72
N CYS D 284 28.89 -29.11 -26.90
CA CYS D 284 28.40 -30.36 -26.32
C CYS D 284 27.45 -31.02 -27.31
N SER D 285 27.86 -32.17 -27.83
CA SER D 285 27.09 -32.81 -28.90
C SER D 285 25.83 -33.49 -28.39
N LYS D 286 25.79 -33.87 -27.12
CA LYS D 286 24.65 -34.63 -26.62
C LYS D 286 23.52 -33.75 -26.07
N ILE D 287 23.60 -32.44 -26.20
CA ILE D 287 22.50 -31.57 -25.79
C ILE D 287 21.50 -31.46 -26.93
N GLN D 288 20.24 -31.75 -26.63
CA GLN D 288 19.14 -31.53 -27.57
C GLN D 288 18.10 -30.62 -26.93
N VAL D 289 17.40 -29.85 -27.77
CA VAL D 289 16.50 -28.81 -27.31
C VAL D 289 15.08 -29.16 -27.70
N ILE D 290 14.17 -29.03 -26.75
CA ILE D 290 12.73 -29.08 -27.01
C ILE D 290 12.21 -27.66 -27.12
N ASP D 291 11.55 -27.35 -28.22
CA ASP D 291 10.97 -26.02 -28.37
C ASP D 291 9.70 -25.95 -27.53
N ILE D 292 9.64 -24.98 -26.63
CA ILE D 292 8.42 -24.74 -25.86
C ILE D 292 7.76 -23.43 -26.26
N SER D 293 8.14 -22.86 -27.39
CA SER D 293 7.55 -21.60 -27.82
C SER D 293 6.06 -21.75 -28.10
N MET D 294 5.60 -22.93 -28.52
CA MET D 294 4.17 -23.09 -28.74
C MET D 294 3.40 -22.99 -27.43
N ILE D 295 3.95 -23.54 -26.35
CA ILE D 295 3.27 -23.47 -25.06
C ILE D 295 3.18 -22.04 -24.57
N LEU D 296 4.29 -21.29 -24.66
CA LEU D 296 4.29 -19.90 -24.24
C LEU D 296 3.37 -19.06 -25.11
N ALA D 297 3.39 -19.27 -26.43
CA ALA D 297 2.51 -18.54 -27.32
C ALA D 297 1.05 -18.84 -27.01
N GLU D 298 0.71 -20.10 -26.76
CA GLU D 298 -0.66 -20.45 -26.41
C GLU D 298 -1.06 -19.83 -25.09
N ALA D 299 -0.15 -19.80 -24.11
CA ALA D 299 -0.48 -19.17 -22.84
C ALA D 299 -0.75 -17.68 -23.03
N ILE D 300 0.07 -17.01 -23.83
CA ILE D 300 -0.15 -15.59 -24.08
C ILE D 300 -1.49 -15.38 -24.76
N ARG D 301 -1.77 -16.18 -25.78
CA ARG D 301 -3.00 -16.04 -26.54
C ARG D 301 -4.22 -16.31 -25.68
N ARG D 302 -4.15 -17.33 -24.82
CA ARG D 302 -5.27 -17.67 -23.96
C ARG D 302 -5.49 -16.65 -22.85
N THR D 303 -4.43 -16.12 -22.25
CA THR D 303 -4.62 -15.05 -21.28
C THR D 303 -5.23 -13.83 -21.94
N HIS D 304 -4.78 -13.51 -23.15
CA HIS D 304 -5.36 -12.37 -23.85
C HIS D 304 -6.84 -12.58 -24.16
N ASN D 305 -7.22 -13.78 -24.59
CA ASN D 305 -8.59 -14.04 -25.01
C ASN D 305 -9.51 -14.47 -23.88
N GLY D 306 -9.01 -14.56 -22.65
CA GLY D 306 -9.85 -15.06 -21.58
C GLY D 306 -10.16 -16.54 -21.66
N GLU D 307 -9.31 -17.31 -22.31
CA GLU D 307 -9.47 -18.75 -22.45
C GLU D 307 -8.68 -19.47 -21.36
N SER D 308 -9.01 -20.74 -21.14
CA SER D 308 -8.40 -21.49 -20.06
C SER D 308 -6.91 -21.73 -20.33
N VAL D 309 -6.07 -21.31 -19.40
CA VAL D 309 -4.64 -21.58 -19.50
C VAL D 309 -4.31 -22.98 -18.97
N SER D 310 -5.01 -23.41 -17.93
CA SER D 310 -4.72 -24.70 -17.32
C SER D 310 -4.96 -25.86 -18.28
N TYR D 311 -5.71 -25.63 -19.35
CA TYR D 311 -5.87 -26.62 -20.40
C TYR D 311 -4.52 -27.02 -20.99
N LEU D 312 -3.55 -26.10 -20.98
CA LEU D 312 -2.20 -26.40 -21.46
C LEU D 312 -1.42 -27.31 -20.53
N PHE D 313 -1.84 -27.47 -19.27
CA PHE D 313 -1.09 -28.32 -18.36
C PHE D 313 -1.06 -29.77 -18.84
N SER D 314 -2.03 -30.18 -19.65
CA SER D 314 -2.11 -31.56 -20.11
C SER D 314 -2.20 -31.74 -21.62
N HIS D 315 -2.15 -30.65 -22.40
CA HIS D 315 -2.35 -30.74 -23.84
C HIS D 315 -1.24 -30.02 -24.57
N VAL D 316 -0.64 -30.70 -25.55
CA VAL D 316 0.32 -30.09 -26.46
C VAL D 316 -0.46 -29.37 -27.55
N PRO D 317 -0.29 -28.06 -27.72
CA PRO D 317 -1.02 -27.35 -28.78
C PRO D 317 -0.45 -27.58 -30.17
N PRO E 2 20.00 0.50 20.07
CA PRO E 2 20.55 0.07 18.78
C PRO E 2 21.92 0.65 18.50
N ASN E 3 22.81 -0.18 18.01
CA ASN E 3 24.16 0.23 17.64
C ASN E 3 24.26 0.38 16.13
N ILE E 4 25.24 1.17 15.71
CA ILE E 4 25.54 1.31 14.29
C ILE E 4 26.22 0.05 13.79
N LYS E 5 25.72 -0.51 12.70
CA LYS E 5 26.40 -1.55 11.94
C LYS E 5 26.60 -1.06 10.52
N ILE E 6 27.84 -1.06 10.06
CA ILE E 6 28.17 -0.64 8.71
C ILE E 6 28.49 -1.89 7.90
N PHE E 7 27.78 -2.07 6.79
CA PHE E 7 28.08 -3.15 5.86
C PHE E 7 28.49 -2.55 4.54
N SER E 8 29.46 -3.18 3.89
CA SER E 8 29.94 -2.76 2.59
C SER E 8 29.40 -3.69 1.52
N GLY E 9 28.88 -3.12 0.46
CA GLY E 9 28.71 -3.87 -0.77
C GLY E 9 30.05 -4.04 -1.46
N SER E 10 30.02 -4.70 -2.60
CA SER E 10 31.26 -4.95 -3.31
C SER E 10 31.73 -3.78 -4.17
N SER E 11 30.89 -2.76 -4.37
CA SER E 11 31.26 -1.70 -5.30
C SER E 11 32.45 -0.87 -4.80
N HIS E 12 32.40 -0.39 -3.56
CA HIS E 12 33.40 0.55 -3.06
C HIS E 12 33.81 0.12 -1.66
N GLN E 13 34.72 -0.84 -1.58
CA GLN E 13 35.16 -1.38 -0.30
C GLN E 13 36.03 -0.39 0.47
N ASP E 14 36.90 0.33 -0.25
CA ASP E 14 37.84 1.25 0.41
C ASP E 14 37.07 2.40 1.06
N LEU E 15 36.04 2.92 0.38
CA LEU E 15 35.23 3.98 0.97
C LEU E 15 34.52 3.50 2.23
N SER E 16 33.96 2.30 2.19
CA SER E 16 33.28 1.76 3.37
C SER E 16 34.24 1.58 4.52
N GLN E 17 35.45 1.11 4.23
CA GLN E 17 36.46 0.97 5.29
C GLN E 17 36.82 2.32 5.88
N LYS E 18 37.00 3.34 5.04
CA LYS E 18 37.31 4.67 5.55
C LYS E 18 36.19 5.19 6.44
N ILE E 19 34.94 4.99 6.02
CA ILE E 19 33.81 5.41 6.84
C ILE E 19 33.82 4.68 8.17
N ALA E 20 34.07 3.37 8.14
CA ALA E 20 34.06 2.59 9.37
C ALA E 20 35.17 3.02 10.31
N ASP E 21 36.36 3.30 9.78
CA ASP E 21 37.44 3.81 10.64
C ASP E 21 37.07 5.13 11.27
N ARG E 22 36.46 6.04 10.50
CA ARG E 22 36.09 7.32 11.08
C ARG E 22 35.05 7.17 12.19
N LEU E 23 34.23 6.14 12.13
CA LEU E 23 33.25 5.88 13.18
C LEU E 23 33.78 5.03 14.31
N GLY E 24 35.02 4.58 14.24
CA GLY E 24 35.54 3.67 15.24
C GLY E 24 34.86 2.33 15.27
N LEU E 25 34.57 1.76 14.10
CA LEU E 25 33.85 0.51 13.98
C LEU E 25 34.57 -0.40 12.99
N GLU E 26 34.32 -1.70 13.14
CA GLU E 26 34.69 -2.66 12.12
C GLU E 26 33.52 -2.86 11.17
N LEU E 27 33.84 -3.15 9.91
CA LEU E 27 32.81 -3.47 8.95
C LEU E 27 32.10 -4.75 9.36
N GLY E 28 30.78 -4.76 9.22
CA GLY E 28 30.02 -5.95 9.55
C GLY E 28 30.38 -7.12 8.66
N LYS E 29 30.32 -8.32 9.24
CA LYS E 29 30.63 -9.53 8.48
C LYS E 29 29.51 -9.82 7.49
N VAL E 30 29.86 -9.82 6.21
CA VAL E 30 28.91 -10.15 5.16
C VAL E 30 29.68 -10.83 4.04
N VAL E 31 29.07 -11.88 3.50
CA VAL E 31 29.57 -12.55 2.30
C VAL E 31 28.74 -12.05 1.14
N THR E 32 29.39 -11.40 0.17
CA THR E 32 28.73 -10.87 -1.01
C THR E 32 29.48 -11.40 -2.22
N LYS E 33 28.95 -12.43 -2.86
CA LYS E 33 29.60 -13.05 -3.99
C LYS E 33 28.58 -13.45 -5.06
N LYS E 34 28.96 -14.29 -5.99
CA LYS E 34 28.06 -14.75 -7.03
C LYS E 34 27.99 -16.26 -7.06
N PHE E 35 26.78 -16.79 -7.21
CA PHE E 35 26.61 -18.19 -7.51
C PHE E 35 27.19 -18.49 -8.90
N SER E 36 27.24 -19.77 -9.24
CA SER E 36 27.82 -20.18 -10.52
C SER E 36 27.09 -19.53 -11.70
N ASN E 37 25.77 -19.46 -11.63
CA ASN E 37 24.97 -18.85 -12.69
C ASN E 37 24.92 -17.33 -12.60
N GLN E 38 25.78 -16.71 -11.78
CA GLN E 38 25.96 -15.26 -11.69
C GLN E 38 24.83 -14.56 -10.94
N GLU E 39 24.02 -15.29 -10.18
CA GLU E 39 23.05 -14.65 -9.31
C GLU E 39 23.77 -14.19 -8.05
N THR E 40 23.37 -13.04 -7.53
CA THR E 40 24.00 -12.51 -6.34
C THR E 40 23.72 -13.39 -5.13
N CYS E 41 24.77 -13.69 -4.37
CA CYS E 41 24.68 -14.45 -3.13
C CYS E 41 25.09 -13.54 -1.98
N VAL E 42 24.22 -13.42 -0.98
CA VAL E 42 24.45 -12.55 0.16
C VAL E 42 24.21 -13.36 1.42
N GLU E 43 25.11 -13.23 2.38
CA GLU E 43 25.00 -13.94 3.66
C GLU E 43 25.44 -12.99 4.76
N ILE E 44 24.53 -12.59 5.63
CA ILE E 44 24.87 -11.71 6.75
C ILE E 44 25.52 -12.56 7.84
N GLY E 45 26.79 -12.28 8.12
CA GLY E 45 27.58 -13.08 9.02
C GLY E 45 27.45 -12.78 10.50
N GLU E 46 26.59 -11.84 10.88
CA GLU E 46 26.38 -11.51 12.28
C GLU E 46 24.94 -11.05 12.45
N SER E 47 24.42 -11.24 13.66
CA SER E 47 23.07 -10.79 13.96
C SER E 47 22.99 -9.27 13.82
N VAL E 48 21.94 -8.80 13.15
CA VAL E 48 21.65 -7.39 13.06
C VAL E 48 20.35 -7.05 13.77
N ARG E 49 19.84 -8.00 14.56
CA ARG E 49 18.56 -7.84 15.22
C ARG E 49 18.58 -6.62 16.14
N GLY E 50 17.68 -5.68 15.90
CA GLY E 50 17.60 -4.50 16.73
C GLY E 50 18.67 -3.45 16.49
N GLU E 51 19.48 -3.60 15.45
CA GLU E 51 20.58 -2.68 15.19
C GLU E 51 20.21 -1.68 14.11
N ASP E 52 20.98 -0.60 14.06
CA ASP E 52 20.83 0.46 13.07
C ASP E 52 21.83 0.18 11.95
N VAL E 53 21.34 -0.36 10.83
CA VAL E 53 22.20 -0.90 9.78
C VAL E 53 22.39 0.13 8.68
N TYR E 54 23.64 0.33 8.28
CA TYR E 54 23.97 1.19 7.14
C TYR E 54 24.70 0.35 6.12
N ILE E 55 24.20 0.35 4.89
CA ILE E 55 24.79 -0.41 3.80
C ILE E 55 25.37 0.56 2.80
N VAL E 56 26.67 0.47 2.55
CA VAL E 56 27.37 1.39 1.68
C VAL E 56 27.55 0.74 0.32
N GLN E 57 26.98 1.35 -0.72
CA GLN E 57 27.08 0.85 -2.08
C GLN E 57 26.88 2.02 -3.02
N SER E 58 27.86 2.26 -3.89
CA SER E 58 27.74 3.33 -4.87
C SER E 58 27.27 2.79 -6.20
N GLY E 59 26.58 3.64 -6.94
CA GLY E 59 26.11 3.31 -8.27
C GLY E 59 27.21 3.47 -9.30
N CYS E 60 28.15 2.53 -9.31
CA CYS E 60 29.31 2.59 -10.19
C CYS E 60 29.69 1.18 -10.58
N GLY E 61 30.71 1.09 -11.45
CA GLY E 61 31.14 -0.22 -11.92
C GLY E 61 30.04 -0.94 -12.66
N GLU E 62 29.86 -2.21 -12.35
CA GLU E 62 28.78 -3.01 -12.89
C GLU E 62 27.51 -2.61 -12.16
N ILE E 63 26.84 -1.60 -12.71
CA ILE E 63 25.82 -0.88 -11.95
C ILE E 63 24.65 -1.79 -11.60
N ASN E 64 24.21 -2.62 -12.54
CA ASN E 64 23.05 -3.46 -12.27
C ASN E 64 23.37 -4.53 -11.23
N ASP E 65 24.58 -5.11 -11.29
CA ASP E 65 24.99 -6.06 -10.27
C ASP E 65 25.05 -5.39 -8.91
N ASN E 66 25.62 -4.19 -8.83
CA ASN E 66 25.76 -3.52 -7.55
C ASN E 66 24.41 -3.11 -6.98
N LEU E 67 23.51 -2.63 -7.83
CA LEU E 67 22.18 -2.28 -7.38
C LEU E 67 21.43 -3.51 -6.88
N MET E 68 21.51 -4.62 -7.62
CA MET E 68 20.85 -5.85 -7.13
C MET E 68 21.46 -6.25 -5.79
N GLU E 69 22.78 -6.20 -5.66
CA GLU E 69 23.42 -6.58 -4.41
C GLU E 69 22.92 -5.72 -3.27
N LEU E 70 22.81 -4.42 -3.50
CA LEU E 70 22.31 -3.51 -2.47
C LEU E 70 20.89 -3.88 -2.06
N LEU E 71 20.03 -4.13 -3.04
CA LEU E 71 18.65 -4.47 -2.71
C LEU E 71 18.57 -5.78 -1.95
N ILE E 72 19.36 -6.77 -2.36
CA ILE E 72 19.36 -8.06 -1.68
C ILE E 72 19.88 -7.92 -0.25
N MET E 73 20.92 -7.11 -0.05
CA MET E 73 21.43 -6.87 1.30
C MET E 73 20.40 -6.18 2.18
N ILE E 74 19.71 -5.18 1.63
CA ILE E 74 18.67 -4.49 2.38
C ILE E 74 17.59 -5.48 2.79
N ASN E 75 17.16 -6.32 1.86
CA ASN E 75 16.13 -7.31 2.16
C ASN E 75 16.59 -8.28 3.25
N ALA E 76 17.83 -8.76 3.15
CA ALA E 76 18.36 -9.67 4.15
C ALA E 76 18.38 -9.02 5.53
N CYS E 77 18.80 -7.77 5.61
CA CYS E 77 18.84 -7.08 6.90
C CYS E 77 17.44 -6.81 7.44
N LYS E 78 16.51 -6.48 6.55
CA LYS E 78 15.14 -6.20 6.97
C LYS E 78 14.46 -7.43 7.53
N ILE E 79 14.57 -8.58 6.85
CA ILE E 79 13.93 -9.77 7.38
C ILE E 79 14.73 -10.42 8.51
N ALA E 80 15.94 -9.93 8.77
CA ALA E 80 16.69 -10.33 9.95
C ALA E 80 16.41 -9.41 11.14
N SER E 81 15.37 -8.58 11.06
CA SER E 81 14.85 -7.80 12.19
C SER E 81 15.81 -6.69 12.61
N ALA E 82 16.51 -6.09 11.65
CA ALA E 82 17.20 -4.85 11.94
C ALA E 82 16.18 -3.78 12.33
N SER E 83 16.54 -2.95 13.31
CA SER E 83 15.60 -1.92 13.73
C SER E 83 15.42 -0.86 12.65
N ARG E 84 16.47 -0.57 11.90
CA ARG E 84 16.41 0.42 10.83
C ARG E 84 17.48 0.08 9.81
N VAL E 85 17.15 0.25 8.54
CA VAL E 85 18.08 -0.01 7.45
C VAL E 85 18.22 1.26 6.61
N THR E 86 19.46 1.70 6.43
CA THR E 86 19.76 2.89 5.66
C THR E 86 20.68 2.53 4.51
N ALA E 87 20.30 2.91 3.31
CA ALA E 87 21.14 2.74 2.13
C ALA E 87 22.01 3.99 1.99
N VAL E 88 23.32 3.80 2.09
CA VAL E 88 24.28 4.88 1.88
C VAL E 88 24.76 4.74 0.45
N ILE E 89 24.24 5.55 -0.45
CA ILE E 89 24.49 5.43 -1.87
C ILE E 89 25.20 6.69 -2.34
N PRO E 90 26.53 6.75 -2.28
CA PRO E 90 27.23 8.01 -2.60
C PRO E 90 26.92 8.52 -4.00
N CYS E 91 26.88 7.66 -4.99
CA CYS E 91 26.49 8.04 -6.35
C CYS E 91 25.23 7.26 -6.72
N PHE E 92 24.12 7.97 -6.85
CA PHE E 92 22.82 7.33 -7.02
C PHE E 92 22.68 6.78 -8.44
N PRO E 93 22.46 5.49 -8.62
CA PRO E 93 22.35 4.93 -9.97
C PRO E 93 21.05 5.35 -10.66
N TYR E 94 21.15 5.52 -11.98
CA TYR E 94 20.05 5.93 -12.86
C TYR E 94 19.54 7.34 -12.54
N ALA E 95 20.36 8.16 -11.89
CA ALA E 95 19.93 9.51 -11.53
C ALA E 95 19.69 10.37 -12.75
N ARG E 96 20.39 10.12 -13.85
CA ARG E 96 20.20 10.93 -15.03
C ARG E 96 18.93 10.58 -15.80
N GLN E 97 18.28 9.47 -15.49
CA GLN E 97 16.97 9.16 -16.05
C GLN E 97 15.87 9.53 -15.07
N ASP E 98 15.76 10.83 -14.83
CA ASP E 98 14.84 11.40 -13.85
C ASP E 98 13.57 11.97 -14.47
N LYS E 99 13.41 11.84 -15.78
CA LYS E 99 12.24 12.36 -16.47
C LYS E 99 12.17 11.72 -17.84
N LYS E 100 11.01 11.85 -18.48
CA LYS E 100 10.75 11.38 -19.83
C LYS E 100 11.00 12.45 -20.88
N ASP E 101 10.30 13.58 -20.72
CA ASP E 101 10.43 14.87 -21.39
C ASP E 101 9.91 15.02 -22.82
N LYS E 102 9.98 14.00 -23.66
CA LYS E 102 9.09 13.88 -24.83
C LYS E 102 9.05 12.45 -25.34
N SER E 103 9.77 11.55 -24.68
CA SER E 103 10.05 10.25 -25.26
C SER E 103 9.34 9.17 -24.47
N ARG E 104 9.08 8.05 -25.14
CA ARG E 104 8.42 6.90 -24.52
C ARG E 104 9.48 6.09 -23.78
N ALA E 105 9.93 6.66 -22.67
CA ALA E 105 11.07 6.19 -21.92
C ALA E 105 10.69 5.94 -20.47
N PRO E 106 11.44 5.09 -19.76
CA PRO E 106 11.20 4.92 -18.33
C PRO E 106 11.71 6.12 -17.56
N ILE E 107 11.15 6.32 -16.38
CA ILE E 107 11.76 7.17 -15.37
C ILE E 107 12.50 6.20 -14.44
N SER E 108 13.73 5.86 -14.82
CA SER E 108 14.44 4.79 -14.14
C SER E 108 14.79 5.15 -12.70
N ALA E 109 15.08 6.43 -12.44
CA ALA E 109 15.37 6.85 -11.07
C ALA E 109 14.19 6.57 -10.14
N LYS E 110 12.97 6.84 -10.62
CA LYS E 110 11.79 6.54 -9.82
C LYS E 110 11.65 5.05 -9.58
N LEU E 111 11.93 4.24 -10.60
CA LEU E 111 11.91 2.80 -10.43
C LEU E 111 12.92 2.35 -9.37
N VAL E 112 14.12 2.92 -9.40
CA VAL E 112 15.14 2.58 -8.42
C VAL E 112 14.68 2.97 -7.02
N ALA E 113 14.07 4.15 -6.89
CA ALA E 113 13.54 4.56 -5.59
C ALA E 113 12.46 3.60 -5.10
N ASN E 114 11.56 3.19 -5.99
CA ASN E 114 10.53 2.23 -5.61
C ASN E 114 11.14 0.90 -5.18
N MET E 115 12.17 0.44 -5.89
CA MET E 115 12.80 -0.81 -5.55
C MET E 115 13.49 -0.74 -4.20
N LEU E 116 14.19 0.38 -3.93
CA LEU E 116 14.82 0.55 -2.63
C LEU E 116 13.79 0.56 -1.52
N SER E 117 12.65 1.22 -1.75
CA SER E 117 11.60 1.25 -0.75
C SER E 117 11.01 -0.13 -0.49
N VAL E 118 10.68 -0.86 -1.56
CA VAL E 118 10.07 -2.18 -1.38
C VAL E 118 11.07 -3.18 -0.82
N ALA E 119 12.37 -2.99 -1.04
CA ALA E 119 13.36 -3.85 -0.41
C ALA E 119 13.39 -3.66 1.10
N GLY E 120 12.99 -2.49 1.59
CA GLY E 120 12.90 -2.26 3.02
C GLY E 120 13.73 -1.12 3.56
N ALA E 121 14.32 -0.31 2.69
CA ALA E 121 15.12 0.82 3.16
C ALA E 121 14.24 1.82 3.88
N ASP E 122 14.64 2.21 5.09
CA ASP E 122 13.93 3.23 5.85
C ASP E 122 14.49 4.62 5.63
N HIS E 123 15.63 4.75 4.98
CA HIS E 123 16.37 5.99 4.93
C HIS E 123 17.44 5.89 3.86
N ILE E 124 17.66 6.98 3.15
CA ILE E 124 18.67 7.05 2.10
C ILE E 124 19.63 8.19 2.41
N ILE E 125 20.92 7.91 2.30
CA ILE E 125 21.95 8.93 2.34
C ILE E 125 22.68 8.91 1.02
N THR E 126 22.77 10.05 0.36
CA THR E 126 23.40 10.13 -0.95
C THR E 126 24.13 11.46 -1.04
N MET E 127 24.92 11.62 -2.10
CA MET E 127 25.70 12.85 -2.28
C MET E 127 25.50 13.41 -3.67
N ASP E 128 25.16 14.70 -3.73
CA ASP E 128 25.01 15.46 -4.97
C ASP E 128 24.19 14.70 -6.01
N LEU E 129 22.93 14.50 -5.68
CA LEU E 129 21.98 13.95 -6.62
C LEU E 129 21.97 14.77 -7.90
N HIS E 130 21.92 14.09 -9.04
CA HIS E 130 21.89 14.78 -10.33
C HIS E 130 20.75 15.80 -10.38
N ALA E 131 19.59 15.44 -9.88
CA ALA E 131 18.47 16.35 -9.74
C ALA E 131 17.89 16.18 -8.34
N SER E 132 17.80 17.26 -7.59
CA SER E 132 17.32 17.14 -6.22
C SER E 132 15.84 16.80 -6.17
N GLN E 133 15.11 16.94 -7.27
CA GLN E 133 13.75 16.42 -7.35
C GLN E 133 13.71 14.92 -7.10
N ILE E 134 14.83 14.22 -7.27
CA ILE E 134 14.86 12.79 -6.97
C ILE E 134 14.49 12.53 -5.51
N GLN E 135 14.72 13.50 -4.63
CA GLN E 135 14.31 13.33 -3.24
C GLN E 135 12.81 13.08 -3.14
N GLY E 136 12.03 13.70 -4.03
CA GLY E 136 10.60 13.50 -4.09
C GLY E 136 10.18 12.19 -4.72
N PHE E 137 11.10 11.43 -5.29
CA PHE E 137 10.77 10.10 -5.78
C PHE E 137 10.58 9.10 -4.64
N PHE E 138 10.99 9.45 -3.42
CA PHE E 138 10.90 8.60 -2.25
C PHE E 138 9.77 9.05 -1.34
N ASP E 139 9.24 8.10 -0.57
CA ASP E 139 8.40 8.45 0.57
C ASP E 139 9.14 8.38 1.90
N ILE E 140 10.32 7.77 1.92
CA ILE E 140 11.18 7.72 3.09
C ILE E 140 12.09 8.94 3.08
N PRO E 141 12.66 9.35 4.22
CA PRO E 141 13.58 10.50 4.20
C PRO E 141 14.82 10.22 3.37
N VAL E 142 15.30 11.27 2.71
CA VAL E 142 16.51 11.20 1.90
C VAL E 142 17.40 12.37 2.28
N ASP E 143 18.61 12.08 2.74
CA ASP E 143 19.57 13.13 3.06
C ASP E 143 20.55 13.25 1.89
N ASN E 144 20.44 14.35 1.15
CA ASN E 144 21.27 14.61 -0.02
C ASN E 144 22.42 15.51 0.43
N LEU E 145 23.58 14.91 0.66
CA LEU E 145 24.76 15.64 1.09
C LEU E 145 25.40 16.36 -0.10
N TYR E 146 26.23 17.35 0.21
CA TYR E 146 26.90 18.16 -0.80
C TYR E 146 28.40 18.04 -0.65
N ALA E 147 29.10 17.90 -1.77
CA ALA E 147 30.55 17.92 -1.74
C ALA E 147 31.10 19.34 -1.64
N GLU E 148 30.25 20.35 -1.71
CA GLU E 148 30.70 21.73 -1.81
C GLU E 148 31.67 22.16 -0.70
N PRO E 149 31.45 21.84 0.59
CA PRO E 149 32.46 22.25 1.58
C PRO E 149 33.84 21.68 1.31
N ALA E 150 33.93 20.41 0.95
CA ALA E 150 35.21 19.81 0.61
C ALA E 150 35.79 20.43 -0.66
N VAL E 151 34.94 20.76 -1.63
CA VAL E 151 35.41 21.41 -2.85
C VAL E 151 36.00 22.78 -2.53
N LEU E 152 35.32 23.56 -1.70
CA LEU E 152 35.82 24.87 -1.32
C LEU E 152 37.15 24.75 -0.60
N LYS E 153 37.26 23.77 0.30
CA LYS E 153 38.52 23.54 0.98
C LYS E 153 39.64 23.21 -0.01
N TRP E 154 39.35 22.34 -0.98
CA TRP E 154 40.36 22.02 -1.99
C TRP E 154 40.77 23.24 -2.78
N ILE E 155 39.80 24.06 -3.19
CA ILE E 155 40.12 25.25 -3.98
C ILE E 155 41.02 26.18 -3.19
N ARG E 156 40.70 26.40 -1.91
CA ARG E 156 41.48 27.33 -1.11
C ARG E 156 42.88 26.79 -0.84
N GLU E 157 43.03 25.48 -0.71
CA GLU E 157 44.36 24.94 -0.41
C GLU E 157 45.17 24.53 -1.62
N ASN E 158 44.63 24.61 -2.84
CA ASN E 158 45.37 24.11 -4.00
C ASN E 158 45.52 25.09 -5.14
N ILE E 159 44.71 26.15 -5.21
CA ILE E 159 44.79 27.11 -6.30
C ILE E 159 45.22 28.45 -5.69
N SER E 160 46.46 28.85 -5.98
CA SER E 160 47.04 30.02 -5.32
C SER E 160 46.29 31.30 -5.68
N GLU E 161 45.71 31.36 -6.87
CA GLU E 161 45.03 32.56 -7.35
C GLU E 161 43.52 32.47 -7.22
N TRP E 162 43.02 31.72 -6.23
CA TRP E 162 41.59 31.46 -6.14
C TRP E 162 40.78 32.72 -5.88
N ARG E 163 41.38 33.75 -5.27
CA ARG E 163 40.63 34.97 -5.04
C ARG E 163 40.33 35.71 -6.34
N ASN E 164 41.10 35.46 -7.40
CA ASN E 164 40.87 36.08 -8.69
C ASN E 164 40.26 35.11 -9.70
N CYS E 165 40.09 33.85 -9.32
CA CYS E 165 39.62 32.83 -10.25
C CYS E 165 38.18 33.09 -10.66
N THR E 166 37.68 32.21 -11.53
CA THR E 166 36.31 32.25 -12.01
C THR E 166 35.73 30.84 -11.91
N ILE E 167 34.47 30.74 -11.49
CA ILE E 167 33.80 29.45 -11.36
C ILE E 167 32.84 29.29 -12.53
N VAL E 168 33.07 28.29 -13.37
CA VAL E 168 32.36 28.15 -14.64
C VAL E 168 31.49 26.90 -14.61
N SER E 169 30.23 27.07 -14.90
CA SER E 169 29.32 25.95 -15.13
C SER E 169 29.51 25.42 -16.55
N PRO E 170 29.60 24.12 -16.76
CA PRO E 170 29.76 23.60 -18.13
C PRO E 170 28.47 23.59 -18.92
N ASP E 171 27.34 23.27 -18.29
CA ASP E 171 26.05 23.34 -18.93
C ASP E 171 25.18 24.30 -18.12
N ALA E 172 24.20 24.89 -18.80
CA ALA E 172 23.30 25.82 -18.14
C ALA E 172 22.55 25.18 -16.98
N GLY E 173 22.38 23.85 -17.00
CA GLY E 173 21.53 23.20 -16.02
C GLY E 173 22.03 23.32 -14.60
N GLY E 174 23.32 23.11 -14.39
CA GLY E 174 23.88 23.09 -13.06
C GLY E 174 24.51 24.38 -12.57
N ALA E 175 24.17 25.52 -13.16
CA ALA E 175 24.84 26.77 -12.80
C ALA E 175 24.50 27.18 -11.37
N LYS E 176 23.47 26.57 -10.78
CA LYS E 176 23.15 26.85 -9.38
C LYS E 176 24.31 26.46 -8.46
N ARG E 177 24.90 25.30 -8.71
CA ARG E 177 26.06 24.87 -7.93
C ARG E 177 27.18 25.89 -8.01
N VAL E 178 27.46 26.38 -9.23
CA VAL E 178 28.60 27.27 -9.38
C VAL E 178 28.31 28.64 -8.80
N THR E 179 27.04 29.07 -8.83
CA THR E 179 26.70 30.33 -8.16
C THR E 179 26.88 30.21 -6.66
N SER E 180 26.45 29.09 -6.07
CA SER E 180 26.67 28.90 -4.65
C SER E 180 28.16 28.92 -4.32
N ILE E 181 28.96 28.24 -5.13
CA ILE E 181 30.41 28.19 -4.88
C ILE E 181 31.03 29.57 -5.03
N ALA E 182 30.65 30.31 -6.07
CA ALA E 182 31.20 31.64 -6.28
C ALA E 182 30.79 32.58 -5.16
N ASP E 183 29.55 32.48 -4.69
CA ASP E 183 29.11 33.28 -3.55
C ASP E 183 29.93 32.96 -2.31
N ARG E 184 30.17 31.68 -2.06
CA ARG E 184 31.03 31.29 -0.93
C ARG E 184 32.44 31.84 -1.06
N LEU E 185 33.02 31.79 -2.26
CA LEU E 185 34.37 32.28 -2.47
C LEU E 185 34.42 33.77 -2.74
N ASN E 186 33.26 34.41 -2.98
CA ASN E 186 33.19 35.81 -3.40
C ASN E 186 34.01 36.03 -4.67
N VAL E 187 33.59 35.36 -5.75
CA VAL E 187 34.21 35.48 -7.06
C VAL E 187 33.11 35.51 -8.12
N ASP E 188 33.51 35.78 -9.35
CA ASP E 188 32.59 35.79 -10.47
C ASP E 188 32.30 34.38 -10.96
N PHE E 189 31.07 34.15 -11.39
CA PHE E 189 30.71 32.90 -12.02
C PHE E 189 30.47 33.14 -13.51
N ALA E 190 31.47 32.78 -14.32
CA ALA E 190 31.38 32.77 -15.77
C ALA E 190 30.59 31.55 -16.20
N LEU E 191 29.78 31.71 -17.24
CA LEU E 191 28.92 30.63 -17.72
C LEU E 191 29.21 30.26 -19.16
N ILE E 192 28.97 28.99 -19.47
CA ILE E 192 29.24 28.40 -20.77
C ILE E 192 28.04 27.57 -21.20
N HIS E 193 27.65 27.69 -22.47
CA HIS E 193 26.74 26.69 -23.03
C HIS E 193 26.94 26.61 -24.55
N LYS E 194 26.60 25.47 -25.12
CA LYS E 194 26.76 25.26 -26.56
C LYS E 194 25.58 25.83 -27.32
N GLU E 195 25.84 26.27 -28.55
CA GLU E 195 24.80 26.84 -29.39
C GLU E 195 24.13 25.78 -30.23
N ASP E 203 28.10 23.12 -32.47
CA ASP E 203 29.45 22.65 -32.20
C ASP E 203 30.31 23.79 -31.65
N ARG E 204 29.67 24.93 -31.41
CA ARG E 204 30.35 26.10 -30.85
C ARG E 204 29.82 26.40 -29.46
N MET E 205 30.62 27.09 -28.67
CA MET E 205 30.30 27.39 -27.28
C MET E 205 30.29 28.89 -27.07
N VAL E 206 29.45 29.35 -26.14
CA VAL E 206 29.38 30.76 -25.78
C VAL E 206 29.64 30.89 -24.29
N LEU E 207 30.47 31.86 -23.94
CA LEU E 207 30.96 32.10 -22.58
C LEU E 207 30.72 33.56 -22.19
N VAL E 208 30.16 33.75 -21.00
CA VAL E 208 30.03 35.08 -20.38
C VAL E 208 30.86 35.11 -19.11
N GLY E 209 31.61 36.20 -18.93
CA GLY E 209 32.42 36.30 -17.74
C GLY E 209 33.88 36.37 -18.15
N ASP E 210 34.55 37.42 -17.69
CA ASP E 210 35.96 37.61 -18.01
C ASP E 210 36.78 36.45 -17.47
N VAL E 211 37.44 35.72 -18.38
CA VAL E 211 38.34 34.64 -18.00
C VAL E 211 39.79 34.93 -18.39
N LYS E 212 40.05 36.00 -19.13
CA LYS E 212 41.38 36.27 -19.66
C LYS E 212 42.39 36.42 -18.53
N ASP E 213 43.54 35.79 -18.71
CA ASP E 213 44.67 35.82 -17.77
C ASP E 213 44.29 35.36 -16.37
N ARG E 214 43.17 34.66 -16.22
CA ARG E 214 42.70 34.19 -14.93
C ARG E 214 42.68 32.68 -14.91
N VAL E 215 42.43 32.13 -13.72
CA VAL E 215 42.13 30.72 -13.60
C VAL E 215 40.63 30.51 -13.69
N ALA E 216 40.21 29.60 -14.55
CA ALA E 216 38.82 29.19 -14.61
C ALA E 216 38.67 27.82 -13.95
N ILE E 217 37.59 27.65 -13.19
CA ILE E 217 37.32 26.42 -12.47
C ILE E 217 35.98 25.91 -12.94
N LEU E 218 35.97 24.84 -13.72
CA LEU E 218 34.73 24.18 -14.06
C LEU E 218 34.26 23.33 -12.89
N VAL E 219 32.99 23.47 -12.54
CA VAL E 219 32.38 22.68 -11.48
C VAL E 219 31.12 22.03 -12.02
N ASP E 220 30.98 20.73 -11.77
CA ASP E 220 29.83 19.98 -12.23
C ASP E 220 29.61 18.82 -11.27
N ASP E 221 28.43 18.19 -11.40
CA ASP E 221 28.11 17.08 -10.51
C ASP E 221 28.81 15.80 -10.91
N MET E 222 29.08 15.59 -12.20
CA MET E 222 29.70 14.34 -12.61
C MET E 222 30.36 14.52 -13.96
N ALA E 223 31.34 13.67 -14.23
CA ALA E 223 32.01 13.58 -15.53
C ALA E 223 31.94 12.13 -15.97
N ASP E 224 31.11 11.84 -16.97
CA ASP E 224 30.93 10.47 -17.42
C ASP E 224 31.85 10.15 -18.60
N THR E 225 31.57 10.75 -19.75
CA THR E 225 32.43 10.60 -20.91
C THR E 225 33.37 11.78 -21.08
N CYS E 226 33.22 12.79 -20.23
CA CYS E 226 33.99 14.03 -20.23
C CYS E 226 33.81 14.84 -21.49
N GLY E 227 32.80 14.52 -22.31
CA GLY E 227 32.46 15.39 -23.41
C GLY E 227 32.05 16.77 -22.96
N THR E 228 31.31 16.84 -21.85
CA THR E 228 30.84 18.13 -21.34
C THR E 228 31.99 19.03 -20.90
N ILE E 229 32.91 18.52 -20.08
CA ILE E 229 33.97 19.38 -19.56
C ILE E 229 35.05 19.64 -20.60
N CYS E 230 35.31 18.71 -21.52
CA CYS E 230 36.34 18.95 -22.52
C CYS E 230 35.94 20.05 -23.49
N HIS E 231 34.68 20.06 -23.91
CA HIS E 231 34.18 21.13 -24.76
C HIS E 231 34.24 22.47 -24.05
N ALA E 232 33.81 22.51 -22.78
CA ALA E 232 33.86 23.74 -22.01
C ALA E 232 35.29 24.22 -21.83
N ALA E 233 36.23 23.31 -21.58
CA ALA E 233 37.62 23.68 -21.42
C ALA E 233 38.21 24.22 -22.73
N ASP E 234 37.84 23.61 -23.85
CA ASP E 234 38.28 24.14 -25.14
C ASP E 234 37.81 25.57 -25.32
N LYS E 235 36.54 25.84 -25.03
CA LYS E 235 36.05 27.20 -25.08
C LYS E 235 36.85 28.12 -24.16
N LEU E 236 37.06 27.71 -22.92
CA LEU E 236 37.76 28.58 -21.96
C LEU E 236 39.16 28.89 -22.43
N LEU E 237 39.88 27.89 -22.94
CA LEU E 237 41.22 28.14 -23.45
C LEU E 237 41.19 29.03 -24.69
N SER E 238 40.10 29.02 -25.44
CA SER E 238 39.98 29.96 -26.55
C SER E 238 40.00 31.40 -26.05
N ALA E 239 39.44 31.63 -24.86
CA ALA E 239 39.30 32.98 -24.32
C ALA E 239 40.40 33.34 -23.33
N GLY E 240 41.56 32.69 -23.42
CA GLY E 240 42.76 33.18 -22.78
C GLY E 240 42.94 32.85 -21.32
N ALA E 241 42.17 31.92 -20.77
CA ALA E 241 42.37 31.54 -19.38
C ALA E 241 43.75 30.90 -19.19
N THR E 242 44.46 31.36 -18.18
CA THR E 242 45.83 30.88 -17.95
C THR E 242 45.84 29.39 -17.62
N ARG E 243 44.93 28.95 -16.76
CA ARG E 243 44.76 27.54 -16.45
C ARG E 243 43.28 27.25 -16.33
N VAL E 244 42.91 26.00 -16.57
CA VAL E 244 41.54 25.54 -16.43
C VAL E 244 41.55 24.32 -15.52
N TYR E 245 40.68 24.34 -14.52
CA TYR E 245 40.48 23.20 -13.65
C TYR E 245 39.08 22.65 -13.84
N ALA E 246 38.92 21.36 -13.57
CA ALA E 246 37.61 20.76 -13.52
C ALA E 246 37.46 20.11 -12.15
N ILE E 247 36.34 20.35 -11.48
CA ILE E 247 36.06 19.74 -10.19
C ILE E 247 34.69 19.11 -10.25
N LEU E 248 34.61 17.83 -9.86
CA LEU E 248 33.38 17.06 -9.93
C LEU E 248 33.24 16.18 -8.70
N THR E 249 32.01 16.02 -8.24
CA THR E 249 31.83 15.08 -7.15
C THR E 249 31.91 13.63 -7.63
N HIS E 250 31.29 13.29 -8.75
CA HIS E 250 31.26 11.90 -9.22
C HIS E 250 32.16 11.74 -10.44
N GLY E 251 33.26 11.03 -10.28
CA GLY E 251 34.17 10.70 -11.37
C GLY E 251 33.89 9.38 -12.05
N ILE E 252 32.84 9.31 -12.89
CA ILE E 252 32.48 8.05 -13.51
C ILE E 252 33.53 7.63 -14.55
N PHE E 253 33.90 8.55 -15.44
CA PHE E 253 35.01 8.36 -16.38
C PHE E 253 34.85 7.09 -17.23
N SER E 254 33.67 6.91 -17.82
CA SER E 254 33.46 5.76 -18.67
C SER E 254 33.82 6.08 -20.13
N GLY E 255 33.92 5.03 -20.94
CA GLY E 255 34.16 5.18 -22.35
C GLY E 255 35.49 5.82 -22.69
N PRO E 256 35.45 6.87 -23.49
CA PRO E 256 36.70 7.52 -23.92
C PRO E 256 37.19 8.59 -22.98
N ALA E 257 36.69 8.61 -21.74
CA ALA E 257 36.92 9.73 -20.85
C ALA E 257 38.40 9.93 -20.55
N ILE E 258 39.13 8.86 -20.26
CA ILE E 258 40.53 9.00 -19.86
C ILE E 258 41.37 9.56 -21.00
N SER E 259 41.13 9.10 -22.22
CA SER E 259 41.87 9.63 -23.36
C SER E 259 41.56 11.10 -23.60
N ARG E 260 40.28 11.49 -23.49
CA ARG E 260 39.92 12.89 -23.68
C ARG E 260 40.57 13.77 -22.62
N ILE E 261 40.56 13.32 -21.36
CA ILE E 261 41.21 14.09 -20.30
C ILE E 261 42.70 14.20 -20.57
N ASN E 262 43.33 13.11 -21.02
CA ASN E 262 44.76 13.14 -21.30
C ASN E 262 45.09 14.12 -22.41
N ASN E 263 44.23 14.21 -23.41
CA ASN E 263 44.45 15.12 -24.54
C ASN E 263 43.90 16.52 -24.31
N ALA E 264 43.27 16.79 -23.17
CA ALA E 264 42.70 18.10 -22.91
C ALA E 264 43.71 18.95 -22.15
N CYS E 265 43.38 20.23 -21.99
CA CYS E 265 44.28 21.20 -21.41
C CYS E 265 44.09 21.41 -19.91
N PHE E 266 43.35 20.52 -19.25
CA PHE E 266 43.09 20.68 -17.83
C PHE E 266 44.39 20.70 -17.04
N GLU E 267 44.52 21.69 -16.16
CA GLU E 267 45.56 21.63 -15.15
C GLU E 267 45.31 20.48 -14.18
N ALA E 268 44.05 20.28 -13.81
CA ALA E 268 43.69 19.20 -12.91
C ALA E 268 42.22 18.86 -13.09
N VAL E 269 41.92 17.58 -12.94
CA VAL E 269 40.55 17.08 -12.89
C VAL E 269 40.40 16.47 -11.50
N VAL E 270 39.70 17.16 -10.64
CA VAL E 270 39.51 16.76 -9.25
C VAL E 270 38.15 16.11 -9.12
N VAL E 271 38.10 14.95 -8.48
CA VAL E 271 36.85 14.25 -8.23
C VAL E 271 36.81 13.85 -6.77
N THR E 272 35.59 13.67 -6.25
CA THR E 272 35.53 13.04 -4.94
C THR E 272 35.68 11.53 -5.05
N ASN E 273 35.85 10.86 -3.93
CA ASN E 273 35.88 9.39 -3.92
C ASN E 273 34.50 8.80 -3.62
N THR E 274 33.45 9.31 -4.25
CA THR E 274 32.18 8.59 -4.21
C THR E 274 32.23 7.35 -5.07
N ILE E 275 33.18 7.29 -5.99
CA ILE E 275 33.42 6.18 -6.90
C ILE E 275 34.91 5.85 -6.77
N PRO E 276 35.31 4.58 -6.75
CA PRO E 276 36.74 4.28 -6.68
C PRO E 276 37.48 4.81 -7.88
N GLN E 277 38.66 5.38 -7.64
CA GLN E 277 39.39 6.10 -8.69
C GLN E 277 40.79 5.58 -8.96
N GLU E 278 41.26 4.57 -8.23
CA GLU E 278 42.65 4.15 -8.35
C GLU E 278 42.98 3.67 -9.76
N ASP E 279 42.11 2.85 -10.35
CA ASP E 279 42.35 2.34 -11.69
C ASP E 279 42.40 3.47 -12.71
N LYS E 280 41.48 4.42 -12.62
CA LYS E 280 41.49 5.57 -13.51
C LYS E 280 42.71 6.46 -13.26
N MET E 281 43.10 6.60 -11.99
CA MET E 281 44.26 7.42 -11.67
C MET E 281 45.55 6.82 -12.21
N LYS E 282 45.59 5.49 -12.38
CA LYS E 282 46.78 4.87 -12.96
C LYS E 282 47.00 5.35 -14.39
N HIS E 283 45.93 5.50 -15.17
CA HIS E 283 46.03 5.85 -16.58
C HIS E 283 45.93 7.34 -16.84
N CYS E 284 45.71 8.16 -15.83
CA CYS E 284 45.54 9.60 -16.02
C CYS E 284 46.21 10.34 -14.87
N SER E 285 47.27 11.09 -15.19
CA SER E 285 48.07 11.71 -14.15
C SER E 285 47.39 12.95 -13.55
N LYS E 286 46.49 13.58 -14.27
CA LYS E 286 45.91 14.82 -13.78
C LYS E 286 44.64 14.63 -12.97
N ILE E 287 44.25 13.39 -12.65
CA ILE E 287 43.11 13.17 -11.78
C ILE E 287 43.57 13.20 -10.33
N GLN E 288 42.91 14.04 -9.52
CA GLN E 288 43.12 14.06 -8.08
C GLN E 288 41.81 13.82 -7.36
N VAL E 289 41.88 13.23 -6.18
CA VAL E 289 40.71 12.76 -5.45
C VAL E 289 40.57 13.55 -4.16
N ILE E 290 39.37 14.02 -3.89
CA ILE E 290 39.00 14.58 -2.60
C ILE E 290 38.30 13.50 -1.79
N ASP E 291 38.79 13.23 -0.60
CA ASP E 291 38.14 12.26 0.25
C ASP E 291 36.89 12.89 0.86
N ILE E 292 35.74 12.26 0.66
CA ILE E 292 34.52 12.72 1.29
C ILE E 292 34.04 11.73 2.34
N SER E 293 34.90 10.81 2.77
CA SER E 293 34.48 9.83 3.77
C SER E 293 34.15 10.49 5.10
N MET E 294 34.77 11.63 5.42
CA MET E 294 34.41 12.29 6.67
C MET E 294 32.98 12.81 6.62
N ILE E 295 32.55 13.33 5.47
CA ILE E 295 31.19 13.84 5.35
C ILE E 295 30.18 12.71 5.49
N LEU E 296 30.42 11.59 4.81
CA LEU E 296 29.52 10.45 4.91
C LEU E 296 29.50 9.87 6.33
N ALA E 297 30.68 9.75 6.94
CA ALA E 297 30.75 9.25 8.31
C ALA E 297 29.99 10.16 9.27
N GLU E 298 30.16 11.48 9.11
CA GLU E 298 29.43 12.41 9.96
C GLU E 298 27.93 12.33 9.73
N ALA E 299 27.51 12.17 8.48
CA ALA E 299 26.08 12.02 8.21
C ALA E 299 25.53 10.77 8.88
N ILE E 300 26.25 9.66 8.78
CA ILE E 300 25.81 8.43 9.42
C ILE E 300 25.70 8.62 10.93
N ARG E 301 26.75 9.20 11.51
CA ARG E 301 26.79 9.41 12.95
C ARG E 301 25.69 10.34 13.43
N ARG E 302 25.41 11.40 12.67
CA ARG E 302 24.38 12.35 13.06
C ARG E 302 22.98 11.79 12.88
N THR E 303 22.72 11.03 11.81
CA THR E 303 21.42 10.39 11.69
C THR E 303 21.22 9.38 12.82
N HIS E 304 22.26 8.65 13.18
CA HIS E 304 22.14 7.71 14.29
C HIS E 304 21.85 8.43 15.60
N ASN E 305 22.52 9.53 15.86
CA ASN E 305 22.39 10.21 17.15
C ASN E 305 21.25 11.23 17.20
N GLY E 306 20.50 11.39 16.12
CA GLY E 306 19.47 12.42 16.11
C GLY E 306 20.00 13.83 16.08
N GLU E 307 21.20 14.03 15.55
CA GLU E 307 21.82 15.33 15.42
C GLU E 307 21.54 15.91 14.03
N SER E 308 21.73 17.21 13.90
CA SER E 308 21.41 17.89 12.64
C SER E 308 22.35 17.44 11.53
N VAL E 309 21.79 16.94 10.44
CA VAL E 309 22.58 16.59 9.26
C VAL E 309 22.83 17.82 8.39
N SER E 310 21.87 18.72 8.30
CA SER E 310 22.01 19.89 7.45
C SER E 310 23.16 20.79 7.89
N TYR E 311 23.62 20.65 9.13
CA TYR E 311 24.81 21.35 9.58
C TYR E 311 26.01 21.04 8.70
N LEU E 312 26.05 19.83 8.12
CA LEU E 312 27.13 19.45 7.21
C LEU E 312 27.06 20.15 5.87
N PHE E 313 25.92 20.74 5.51
CA PHE E 313 25.83 21.42 4.21
C PHE E 313 26.82 22.57 4.11
N SER E 314 27.23 23.14 5.24
CA SER E 314 28.10 24.30 5.24
C SER E 314 29.37 24.14 6.08
N HIS E 315 29.60 22.99 6.70
CA HIS E 315 30.73 22.82 7.61
C HIS E 315 31.50 21.55 7.25
N VAL E 316 32.82 21.70 7.13
CA VAL E 316 33.73 20.56 6.98
C VAL E 316 34.00 20.00 8.36
N PRO E 317 33.69 18.72 8.63
CA PRO E 317 33.95 18.14 9.94
C PRO E 317 35.42 17.80 10.17
N PRO F 2 -17.56 2.13 -21.98
CA PRO F 2 -17.49 3.38 -21.19
C PRO F 2 -17.49 4.63 -22.07
N ASN F 3 -18.27 5.60 -21.67
CA ASN F 3 -18.36 6.88 -22.36
C ASN F 3 -17.56 7.93 -21.61
N ILE F 4 -17.16 8.97 -22.34
CA ILE F 4 -16.50 10.11 -21.74
C ILE F 4 -17.52 10.93 -20.96
N LYS F 5 -17.20 11.23 -19.71
CA LYS F 5 -17.92 12.22 -18.92
C LYS F 5 -16.93 13.29 -18.49
N ILE F 6 -17.24 14.54 -18.81
CA ILE F 6 -16.41 15.69 -18.43
C ILE F 6 -17.12 16.41 -17.30
N PHE F 7 -16.41 16.59 -16.19
CA PHE F 7 -16.91 17.38 -15.08
C PHE F 7 -15.98 18.57 -14.89
N SER F 8 -16.56 19.72 -14.57
CA SER F 8 -15.82 20.92 -14.29
C SER F 8 -15.79 21.18 -12.79
N GLY F 9 -14.61 21.48 -12.28
CA GLY F 9 -14.52 22.13 -11.00
C GLY F 9 -14.89 23.59 -11.12
N SER F 10 -14.82 24.29 -10.00
CA SER F 10 -15.21 25.70 -10.02
C SER F 10 -14.10 26.63 -10.49
N SER F 11 -12.87 26.13 -10.63
CA SER F 11 -11.75 27.03 -10.94
C SER F 11 -11.87 27.64 -12.33
N HIS F 12 -12.08 26.81 -13.36
CA HIS F 12 -12.03 27.28 -14.74
C HIS F 12 -13.22 26.68 -15.49
N GLN F 13 -14.39 27.32 -15.36
CA GLN F 13 -15.59 26.81 -15.99
C GLN F 13 -15.58 27.00 -17.50
N ASP F 14 -15.06 28.13 -17.96
CA ASP F 14 -15.07 28.45 -19.38
C ASP F 14 -14.19 27.47 -20.14
N LEU F 15 -13.02 27.12 -19.59
CA LEU F 15 -12.15 26.15 -20.23
C LEU F 15 -12.82 24.79 -20.33
N SER F 16 -13.49 24.36 -19.26
CA SER F 16 -14.17 23.07 -19.28
C SER F 16 -15.28 23.06 -20.32
N GLN F 17 -16.02 24.16 -20.43
CA GLN F 17 -17.06 24.25 -21.44
C GLN F 17 -16.47 24.17 -22.84
N LYS F 18 -15.36 24.87 -23.08
CA LYS F 18 -14.72 24.81 -24.39
C LYS F 18 -14.29 23.40 -24.72
N ILE F 19 -13.70 22.70 -23.75
CA ILE F 19 -13.29 21.32 -23.95
C ILE F 19 -14.50 20.46 -24.27
N ALA F 20 -15.59 20.64 -23.53
CA ALA F 20 -16.78 19.82 -23.75
C ALA F 20 -17.38 20.08 -25.12
N ASP F 21 -17.42 21.34 -25.56
CA ASP F 21 -17.91 21.62 -26.91
C ASP F 21 -17.04 20.96 -27.96
N ARG F 22 -15.72 21.00 -27.79
CA ARG F 22 -14.86 20.37 -28.80
C ARG F 22 -15.06 18.87 -28.86
N LEU F 23 -15.48 18.25 -27.75
CA LEU F 23 -15.76 16.82 -27.73
C LEU F 23 -17.19 16.48 -28.12
N GLY F 24 -18.04 17.47 -28.38
CA GLY F 24 -19.43 17.20 -28.65
C GLY F 24 -20.18 16.64 -27.46
N LEU F 25 -19.92 17.16 -26.27
CA LEU F 25 -20.51 16.66 -25.04
C LEU F 25 -21.03 17.82 -24.21
N GLU F 26 -21.98 17.52 -23.35
CA GLU F 26 -22.39 18.44 -22.30
C GLU F 26 -21.58 18.15 -21.05
N LEU F 27 -21.34 19.19 -20.27
CA LEU F 27 -20.68 19.02 -18.99
C LEU F 27 -21.55 18.19 -18.06
N GLY F 28 -20.93 17.26 -17.34
CA GLY F 28 -21.66 16.45 -16.40
C GLY F 28 -22.29 17.28 -15.30
N LYS F 29 -23.44 16.83 -14.83
CA LYS F 29 -24.14 17.53 -13.75
C LYS F 29 -23.40 17.31 -12.45
N VAL F 30 -22.94 18.39 -11.85
CA VAL F 30 -22.28 18.34 -10.56
C VAL F 30 -22.57 19.63 -9.82
N VAL F 31 -22.86 19.49 -8.54
CA VAL F 31 -23.00 20.63 -7.64
C VAL F 31 -21.70 20.76 -6.87
N THR F 32 -21.02 21.88 -7.02
CA THR F 32 -19.75 22.15 -6.34
C THR F 32 -19.89 23.50 -5.65
N LYS F 33 -20.15 23.47 -4.35
CA LYS F 33 -20.35 24.70 -3.58
C LYS F 33 -19.70 24.59 -2.22
N LYS F 34 -20.07 25.47 -1.29
CA LYS F 34 -19.52 25.44 0.05
C LYS F 34 -20.63 25.37 1.08
N PHE F 35 -20.44 24.53 2.09
CA PHE F 35 -21.30 24.57 3.27
C PHE F 35 -21.10 25.91 3.99
N SER F 36 -21.94 26.13 5.00
CA SER F 36 -21.87 27.39 5.74
C SER F 36 -20.50 27.60 6.37
N ASN F 37 -19.92 26.55 6.93
CA ASN F 37 -18.60 26.64 7.54
C ASN F 37 -17.46 26.56 6.53
N GLN F 38 -17.74 26.71 5.24
CA GLN F 38 -16.76 26.82 4.16
C GLN F 38 -16.10 25.49 3.82
N GLU F 39 -16.68 24.36 4.22
CA GLU F 39 -16.21 23.07 3.76
C GLU F 39 -16.77 22.82 2.37
N THR F 40 -15.97 22.20 1.51
CA THR F 40 -16.41 21.92 0.15
C THR F 40 -17.55 20.91 0.14
N CYS F 41 -18.60 21.22 -0.63
CA CYS F 41 -19.74 20.35 -0.83
C CYS F 41 -19.76 19.94 -2.29
N VAL F 42 -19.79 18.64 -2.54
CA VAL F 42 -19.79 18.09 -3.89
C VAL F 42 -20.91 17.07 -4.00
N GLU F 43 -21.66 17.15 -5.09
CA GLU F 43 -22.77 16.24 -5.34
C GLU F 43 -22.77 15.89 -6.82
N ILE F 44 -22.50 14.63 -7.14
CA ILE F 44 -22.51 14.20 -8.54
C ILE F 44 -23.96 13.97 -8.95
N GLY F 45 -24.42 14.76 -9.92
CA GLY F 45 -25.82 14.78 -10.32
C GLY F 45 -26.24 13.73 -11.31
N GLU F 46 -25.35 12.84 -11.73
CA GLU F 46 -25.68 11.80 -12.67
C GLU F 46 -24.80 10.59 -12.39
N SER F 47 -25.29 9.41 -12.73
CA SER F 47 -24.53 8.20 -12.55
C SER F 47 -23.27 8.25 -13.40
N VAL F 48 -22.15 7.88 -12.81
CA VAL F 48 -20.89 7.75 -13.54
C VAL F 48 -20.42 6.30 -13.55
N ARG F 49 -21.30 5.39 -13.15
CA ARG F 49 -20.96 3.98 -13.02
C ARG F 49 -20.50 3.44 -14.37
N GLY F 50 -19.27 2.92 -14.40
CA GLY F 50 -18.73 2.35 -15.62
C GLY F 50 -18.28 3.35 -16.65
N GLU F 51 -18.23 4.64 -16.34
CA GLU F 51 -17.87 5.66 -17.31
C GLU F 51 -16.42 6.08 -17.13
N ASP F 52 -15.91 6.73 -18.17
CA ASP F 52 -14.55 7.28 -18.20
C ASP F 52 -14.64 8.75 -17.84
N VAL F 53 -14.31 9.09 -16.59
CA VAL F 53 -14.59 10.41 -16.03
C VAL F 53 -13.35 11.28 -16.13
N TYR F 54 -13.52 12.50 -16.62
CA TYR F 54 -12.46 13.50 -16.67
C TYR F 54 -12.92 14.72 -15.87
N ILE F 55 -12.11 15.12 -14.91
CA ILE F 55 -12.43 16.26 -14.04
C ILE F 55 -11.43 17.36 -14.35
N VAL F 56 -11.95 18.51 -14.77
CA VAL F 56 -11.11 19.62 -15.20
C VAL F 56 -11.03 20.63 -14.06
N GLN F 57 -9.81 20.86 -13.57
CA GLN F 57 -9.58 21.81 -12.48
C GLN F 57 -8.15 22.29 -12.57
N SER F 58 -7.96 23.60 -12.70
CA SER F 58 -6.62 24.16 -12.75
C SER F 58 -6.19 24.65 -11.38
N GLY F 59 -4.88 24.61 -11.15
CA GLY F 59 -4.29 25.11 -9.92
C GLY F 59 -4.14 26.60 -9.95
N CYS F 60 -5.25 27.32 -9.79
CA CYS F 60 -5.27 28.77 -9.87
C CYS F 60 -6.33 29.30 -8.90
N GLY F 61 -6.42 30.62 -8.82
CA GLY F 61 -7.37 31.23 -7.91
C GLY F 61 -7.08 30.85 -6.47
N GLU F 62 -8.14 30.48 -5.75
CA GLU F 62 -8.03 29.99 -4.38
C GLU F 62 -7.54 28.56 -4.47
N ILE F 63 -6.21 28.41 -4.48
CA ILE F 63 -5.59 27.16 -4.90
C ILE F 63 -5.95 26.03 -3.95
N ASN F 64 -5.95 26.27 -2.65
CA ASN F 64 -6.23 25.20 -1.71
C ASN F 64 -7.68 24.76 -1.79
N ASP F 65 -8.61 25.71 -1.96
CA ASP F 65 -10.00 25.34 -2.16
C ASP F 65 -10.18 24.52 -3.42
N ASN F 66 -9.54 24.93 -4.51
CA ASN F 66 -9.71 24.24 -5.78
C ASN F 66 -9.10 22.84 -5.73
N LEU F 67 -7.94 22.71 -5.11
CA LEU F 67 -7.32 21.40 -4.95
C LEU F 67 -8.19 20.49 -4.10
N MET F 68 -8.70 21.00 -2.98
CA MET F 68 -9.60 20.16 -2.15
C MET F 68 -10.81 19.75 -2.99
N GLU F 69 -11.40 20.69 -3.73
CA GLU F 69 -12.57 20.37 -4.54
C GLU F 69 -12.25 19.26 -5.53
N LEU F 70 -11.10 19.35 -6.18
CA LEU F 70 -10.69 18.32 -7.14
C LEU F 70 -10.57 16.97 -6.46
N LEU F 71 -9.92 16.93 -5.30
CA LEU F 71 -9.75 15.66 -4.61
C LEU F 71 -11.08 15.08 -4.18
N ILE F 72 -11.98 15.93 -3.68
CA ILE F 72 -13.29 15.47 -3.25
C ILE F 72 -14.10 14.95 -4.43
N MET F 73 -14.02 15.63 -5.58
CA MET F 73 -14.71 15.15 -6.78
C MET F 73 -14.17 13.82 -7.24
N ILE F 74 -12.84 13.67 -7.23
CA ILE F 74 -12.24 12.39 -7.62
C ILE F 74 -12.72 11.29 -6.70
N ASN F 75 -12.74 11.55 -5.40
CA ASN F 75 -13.20 10.54 -4.44
C ASN F 75 -14.66 10.18 -4.68
N ALA F 76 -15.51 11.18 -4.93
CA ALA F 76 -16.92 10.92 -5.18
C ALA F 76 -17.10 10.07 -6.43
N CYS F 77 -16.36 10.37 -7.49
CA CYS F 77 -16.48 9.58 -8.71
C CYS F 77 -15.94 8.17 -8.53
N LYS F 78 -14.85 8.02 -7.77
CA LYS F 78 -14.26 6.71 -7.55
C LYS F 78 -15.18 5.80 -6.75
N ILE F 79 -15.77 6.30 -5.66
CA ILE F 79 -16.68 5.44 -4.90
C ILE F 79 -18.05 5.33 -5.54
N ALA F 80 -18.33 6.09 -6.59
CA ALA F 80 -19.51 5.91 -7.40
C ALA F 80 -19.27 4.94 -8.56
N SER F 81 -18.16 4.21 -8.55
CA SER F 81 -17.88 3.10 -9.46
C SER F 81 -17.64 3.58 -10.89
N ALA F 82 -17.03 4.75 -11.05
CA ALA F 82 -16.51 5.12 -12.35
C ALA F 82 -15.45 4.11 -12.78
N SER F 83 -15.44 3.77 -14.07
CA SER F 83 -14.46 2.80 -14.54
C SER F 83 -13.05 3.38 -14.48
N ARG F 84 -12.91 4.67 -14.75
CA ARG F 84 -11.62 5.33 -14.72
C ARG F 84 -11.84 6.80 -14.40
N VAL F 85 -10.95 7.38 -13.60
CA VAL F 85 -11.02 8.78 -13.24
C VAL F 85 -9.71 9.44 -13.63
N THR F 86 -9.80 10.52 -14.40
CA THR F 86 -8.65 11.26 -14.86
C THR F 86 -8.76 12.70 -14.39
N ALA F 87 -7.73 13.20 -13.73
CA ALA F 87 -7.64 14.59 -13.34
C ALA F 87 -7.00 15.37 -14.47
N VAL F 88 -7.74 16.32 -15.04
CA VAL F 88 -7.23 17.21 -16.07
C VAL F 88 -6.86 18.50 -15.36
N ILE F 89 -5.57 18.67 -15.10
CA ILE F 89 -5.09 19.79 -14.30
C ILE F 89 -4.20 20.66 -15.18
N PRO F 90 -4.75 21.64 -15.90
CA PRO F 90 -3.93 22.40 -16.86
C PRO F 90 -2.73 23.08 -16.22
N CYS F 91 -2.89 23.67 -15.04
CA CYS F 91 -1.78 24.25 -14.29
C CYS F 91 -1.65 23.51 -12.97
N PHE F 92 -0.58 22.76 -12.82
CA PHE F 92 -0.43 21.86 -11.67
C PHE F 92 -0.10 22.66 -10.41
N PRO F 93 -0.90 22.57 -9.36
CA PRO F 93 -0.63 23.34 -8.15
C PRO F 93 0.59 22.81 -7.39
N TYR F 94 1.31 23.73 -6.76
CA TYR F 94 2.51 23.46 -5.98
C TYR F 94 3.65 22.90 -6.82
N ALA F 95 3.61 23.12 -8.13
CA ALA F 95 4.64 22.59 -9.01
C ALA F 95 6.01 23.21 -8.73
N ARG F 96 6.04 24.44 -8.26
CA ARG F 96 7.33 25.09 -7.98
C ARG F 96 7.97 24.59 -6.69
N GLN F 97 7.25 23.88 -5.84
CA GLN F 97 7.84 23.23 -4.67
C GLN F 97 8.11 21.75 -4.98
N ASP F 98 9.05 21.55 -5.90
CA ASP F 98 9.40 20.23 -6.41
C ASP F 98 10.66 19.67 -5.79
N LYS F 99 11.28 20.38 -4.86
CA LYS F 99 12.51 19.94 -4.22
C LYS F 99 12.71 20.76 -2.95
N LYS F 100 13.61 20.28 -2.11
CA LYS F 100 14.02 20.94 -0.86
C LYS F 100 15.25 21.83 -1.07
N ASP F 101 16.32 21.23 -1.55
CA ASP F 101 17.59 21.76 -2.04
C ASP F 101 18.61 22.30 -1.04
N LYS F 102 18.21 22.87 0.08
CA LYS F 102 19.05 22.94 1.28
C LYS F 102 18.24 23.20 2.52
N SER F 103 16.92 23.31 2.37
CA SER F 103 16.09 23.87 3.41
C SER F 103 15.17 22.81 3.99
N ARG F 104 14.76 23.01 5.24
CA ARG F 104 13.87 22.09 5.91
C ARG F 104 12.43 22.40 5.48
N ALA F 105 12.14 22.05 4.25
CA ALA F 105 10.93 22.43 3.55
C ALA F 105 10.20 21.20 3.05
N PRO F 106 8.90 21.30 2.82
CA PRO F 106 8.17 20.20 2.19
C PRO F 106 8.50 20.11 0.71
N ILE F 107 8.30 18.92 0.15
CA ILE F 107 8.21 18.76 -1.29
C ILE F 107 6.71 18.71 -1.57
N SER F 108 6.11 19.88 -1.72
CA SER F 108 4.65 19.98 -1.77
C SER F 108 4.09 19.33 -3.03
N ALA F 109 4.82 19.40 -4.14
CA ALA F 109 4.35 18.76 -5.37
C ALA F 109 4.20 17.25 -5.18
N LYS F 110 5.15 16.63 -4.48
CA LYS F 110 5.03 15.20 -4.20
C LYS F 110 3.84 14.91 -3.29
N LEU F 111 3.60 15.77 -2.31
CA LEU F 111 2.42 15.61 -1.46
C LEU F 111 1.13 15.69 -2.29
N VAL F 112 1.07 16.65 -3.23
CA VAL F 112 -0.10 16.78 -4.07
C VAL F 112 -0.28 15.54 -4.93
N ALA F 113 0.82 15.01 -5.49
CA ALA F 113 0.73 13.78 -6.27
C ALA F 113 0.21 12.62 -5.42
N ASN F 114 0.71 12.49 -4.20
CA ASN F 114 0.24 11.45 -3.30
C ASN F 114 -1.24 11.60 -2.99
N MET F 115 -1.68 12.84 -2.77
CA MET F 115 -3.08 13.08 -2.46
C MET F 115 -3.97 12.75 -3.65
N LEU F 116 -3.55 13.12 -4.85
CA LEU F 116 -4.32 12.78 -6.05
C LEU F 116 -4.40 11.26 -6.21
N SER F 117 -3.30 10.56 -5.96
CA SER F 117 -3.31 9.11 -6.07
C SER F 117 -4.24 8.47 -5.04
N VAL F 118 -4.15 8.89 -3.78
CA VAL F 118 -4.98 8.28 -2.75
C VAL F 118 -6.45 8.66 -2.91
N ALA F 119 -6.74 9.81 -3.53
CA ALA F 119 -8.12 10.14 -3.83
C ALA F 119 -8.72 9.21 -4.86
N GLY F 120 -7.91 8.60 -5.72
CA GLY F 120 -8.38 7.62 -6.66
C GLY F 120 -8.12 7.93 -8.11
N ALA F 121 -7.33 8.96 -8.41
CA ALA F 121 -7.04 9.28 -9.80
C ALA F 121 -6.24 8.16 -10.45
N ASP F 122 -6.70 7.70 -11.61
CA ASP F 122 -6.00 6.69 -12.37
C ASP F 122 -5.07 7.29 -13.42
N HIS F 123 -5.15 8.58 -13.66
CA HIS F 123 -4.48 9.20 -14.79
C HIS F 123 -4.50 10.71 -14.60
N ILE F 124 -3.41 11.37 -15.00
CA ILE F 124 -3.28 12.82 -14.90
C ILE F 124 -2.98 13.37 -16.29
N ILE F 125 -3.69 14.42 -16.66
CA ILE F 125 -3.36 15.20 -17.84
C ILE F 125 -3.06 16.62 -17.39
N THR F 126 -1.90 17.13 -17.78
CA THR F 126 -1.48 18.45 -17.37
C THR F 126 -0.72 19.10 -18.52
N MET F 127 -0.42 20.38 -18.38
CA MET F 127 0.26 21.12 -19.43
C MET F 127 1.46 21.87 -18.87
N ASP F 128 2.61 21.68 -19.51
CA ASP F 128 3.86 22.38 -19.19
C ASP F 128 4.13 22.41 -17.68
N LEU F 129 4.36 21.22 -17.15
CA LEU F 129 4.79 21.09 -15.77
C LEU F 129 6.05 21.92 -15.55
N HIS F 130 6.10 22.60 -14.40
CA HIS F 130 7.27 23.41 -14.07
C HIS F 130 8.55 22.61 -14.14
N ALA F 131 8.52 21.38 -13.64
CA ALA F 131 9.64 20.46 -13.78
C ALA F 131 9.08 19.11 -14.22
N SER F 132 9.59 18.59 -15.33
CA SER F 132 9.03 17.33 -15.83
C SER F 132 9.37 16.15 -14.93
N GLN F 133 10.33 16.31 -14.00
CA GLN F 133 10.54 15.31 -12.97
C GLN F 133 9.30 15.08 -12.13
N ILE F 134 8.36 16.03 -12.12
CA ILE F 134 7.11 15.84 -11.39
C ILE F 134 6.37 14.62 -11.91
N GLN F 135 6.59 14.25 -13.17
CA GLN F 135 5.95 13.03 -13.68
C GLN F 135 6.36 11.81 -12.86
N GLY F 136 7.60 11.81 -12.36
CA GLY F 136 8.08 10.75 -11.51
C GLY F 136 7.56 10.79 -10.08
N PHE F 137 6.87 11.86 -9.70
CA PHE F 137 6.22 11.89 -8.39
C PHE F 137 5.01 10.99 -8.33
N PHE F 138 4.51 10.53 -9.48
CA PHE F 138 3.32 9.69 -9.57
C PHE F 138 3.70 8.25 -9.87
N ASP F 139 2.84 7.33 -9.46
CA ASP F 139 2.90 5.96 -9.95
C ASP F 139 1.89 5.67 -11.04
N ILE F 140 0.91 6.55 -11.23
CA ILE F 140 -0.05 6.44 -12.32
C ILE F 140 0.49 7.18 -13.53
N PRO F 141 0.01 6.89 -14.74
CA PRO F 141 0.51 7.62 -15.92
C PRO F 141 0.17 9.11 -15.84
N VAL F 142 1.08 9.93 -16.35
CA VAL F 142 0.90 11.38 -16.41
C VAL F 142 1.24 11.82 -17.83
N ASP F 143 0.28 12.45 -18.49
CA ASP F 143 0.51 13.01 -19.82
C ASP F 143 0.75 14.51 -19.68
N ASN F 144 1.99 14.91 -19.90
CA ASN F 144 2.40 16.31 -19.78
C ASN F 144 2.39 16.92 -21.17
N LEU F 145 1.32 17.65 -21.48
CA LEU F 145 1.17 18.29 -22.78
C LEU F 145 2.03 19.56 -22.84
N TYR F 146 2.27 20.01 -24.06
CA TYR F 146 3.09 21.20 -24.31
C TYR F 146 2.29 22.24 -25.04
N ALA F 147 2.42 23.49 -24.63
CA ALA F 147 1.81 24.59 -25.36
C ALA F 147 2.60 24.98 -26.60
N GLU F 148 3.78 24.38 -26.80
CA GLU F 148 4.68 24.82 -27.86
C GLU F 148 4.07 24.86 -29.25
N PRO F 149 3.29 23.86 -29.71
CA PRO F 149 2.70 24.00 -31.04
C PRO F 149 1.80 25.22 -31.19
N ALA F 150 0.97 25.49 -30.19
CA ALA F 150 0.12 26.69 -30.22
C ALA F 150 0.96 27.96 -30.15
N VAL F 151 2.05 27.94 -29.37
CA VAL F 151 2.94 29.09 -29.29
C VAL F 151 3.58 29.37 -30.64
N LEU F 152 4.06 28.33 -31.31
CA LEU F 152 4.66 28.49 -32.64
C LEU F 152 3.66 29.04 -33.63
N LYS F 153 2.42 28.53 -33.58
CA LYS F 153 1.38 29.05 -34.44
C LYS F 153 1.14 30.53 -34.17
N TRP F 154 1.06 30.93 -32.90
CA TRP F 154 0.87 32.33 -32.59
C TRP F 154 2.01 33.18 -33.10
N ILE F 155 3.25 32.72 -32.92
CA ILE F 155 4.41 33.49 -33.36
C ILE F 155 4.35 33.69 -34.88
N ARG F 156 4.03 32.64 -35.61
CA ARG F 156 4.02 32.74 -37.06
C ARG F 156 2.88 33.62 -37.56
N GLU F 157 1.75 33.63 -36.86
CA GLU F 157 0.63 34.44 -37.33
C GLU F 157 0.57 35.84 -36.74
N ASN F 158 1.44 36.21 -35.81
CA ASN F 158 1.31 37.51 -35.15
C ASN F 158 2.55 38.38 -35.18
N ILE F 159 3.73 37.82 -35.43
CA ILE F 159 4.96 38.59 -35.45
C ILE F 159 5.51 38.57 -36.87
N SER F 160 5.42 39.71 -37.56
CA SER F 160 5.75 39.75 -38.98
C SER F 160 7.22 39.44 -39.24
N GLU F 161 8.10 39.75 -38.29
CA GLU F 161 9.53 39.57 -38.46
C GLU F 161 10.04 38.33 -37.74
N TRP F 162 9.20 37.30 -37.61
CA TRP F 162 9.57 36.14 -36.80
C TRP F 162 10.76 35.38 -37.38
N ARG F 163 10.99 35.47 -38.69
CA ARG F 163 12.13 34.77 -39.26
C ARG F 163 13.45 35.39 -38.82
N ASN F 164 13.44 36.65 -38.40
CA ASN F 164 14.64 37.32 -37.93
C ASN F 164 14.65 37.48 -36.42
N CYS F 165 13.58 37.08 -35.73
CA CYS F 165 13.44 37.30 -34.30
C CYS F 165 14.45 36.46 -33.53
N THR F 166 14.43 36.62 -32.22
CA THR F 166 15.27 35.87 -31.29
C THR F 166 14.40 35.35 -30.16
N ILE F 167 14.64 34.11 -29.73
CA ILE F 167 13.89 33.49 -28.66
C ILE F 167 14.76 33.51 -27.40
N VAL F 168 14.28 34.20 -26.37
CA VAL F 168 15.10 34.47 -25.18
C VAL F 168 14.50 33.77 -23.97
N SER F 169 15.30 33.00 -23.30
CA SER F 169 14.95 32.43 -22.00
C SER F 169 15.16 33.47 -20.92
N PRO F 170 14.22 33.65 -19.99
CA PRO F 170 14.42 34.64 -18.93
C PRO F 170 15.35 34.16 -17.83
N ASP F 171 15.27 32.89 -17.45
CA ASP F 171 16.19 32.31 -16.49
C ASP F 171 16.91 31.15 -17.16
N ALA F 172 18.11 30.84 -16.67
CA ALA F 172 18.87 29.74 -17.25
C ALA F 172 18.14 28.41 -17.15
N GLY F 173 17.21 28.27 -16.20
CA GLY F 173 16.61 26.98 -15.95
C GLY F 173 15.81 26.45 -17.11
N GLY F 174 14.98 27.29 -17.73
CA GLY F 174 14.08 26.86 -18.77
C GLY F 174 14.56 27.06 -20.19
N ALA F 175 15.87 27.21 -20.42
CA ALA F 175 16.36 27.51 -21.76
C ALA F 175 16.12 26.34 -22.71
N LYS F 176 15.81 25.16 -22.18
CA LYS F 176 15.49 24.01 -23.02
C LYS F 176 14.25 24.31 -23.88
N ARG F 177 13.23 24.89 -23.27
CA ARG F 177 12.03 25.27 -24.01
C ARG F 177 12.37 26.20 -25.16
N VAL F 178 13.20 27.20 -24.89
CA VAL F 178 13.48 28.20 -25.92
C VAL F 178 14.37 27.62 -27.01
N THR F 179 15.26 26.68 -26.65
CA THR F 179 16.04 26.02 -27.70
C THR F 179 15.15 25.18 -28.60
N SER F 180 14.19 24.47 -28.02
CA SER F 180 13.26 23.70 -28.84
C SER F 180 12.48 24.63 -29.78
N ILE F 181 11.99 25.76 -29.24
CA ILE F 181 11.23 26.70 -30.06
C ILE F 181 12.09 27.30 -31.16
N ALA F 182 13.32 27.69 -30.83
CA ALA F 182 14.21 28.27 -31.84
C ALA F 182 14.57 27.26 -32.91
N ASP F 183 14.78 26.00 -32.52
CA ASP F 183 15.03 24.96 -33.50
C ASP F 183 13.84 24.78 -34.42
N ARG F 184 12.63 24.78 -33.87
CA ARG F 184 11.44 24.69 -34.70
C ARG F 184 11.31 25.87 -35.65
N LEU F 185 11.60 27.08 -35.19
CA LEU F 185 11.51 28.27 -36.03
C LEU F 185 12.75 28.50 -36.85
N ASN F 186 13.84 27.79 -36.57
CA ASN F 186 15.14 28.03 -37.19
C ASN F 186 15.60 29.48 -36.97
N VAL F 187 15.77 29.84 -35.69
CA VAL F 187 16.24 31.16 -35.30
C VAL F 187 17.25 31.00 -34.17
N ASP F 188 17.87 32.11 -33.79
CA ASP F 188 18.82 32.12 -32.69
C ASP F 188 18.09 32.19 -31.36
N PHE F 189 18.65 31.51 -30.36
CA PHE F 189 18.16 31.62 -29.00
C PHE F 189 19.16 32.40 -28.15
N ALA F 190 18.86 33.68 -27.94
CA ALA F 190 19.58 34.54 -27.02
C ALA F 190 19.21 34.18 -25.60
N LEU F 191 20.17 34.24 -24.69
CA LEU F 191 19.95 33.87 -23.30
C LEU F 191 20.24 35.02 -22.34
N ILE F 192 19.53 34.99 -21.23
CA ILE F 192 19.59 36.04 -20.20
C ILE F 192 19.68 35.38 -18.84
N HIS F 193 20.54 35.90 -17.97
CA HIS F 193 20.44 35.55 -16.55
C HIS F 193 21.04 36.67 -15.71
N LYS F 194 20.58 36.75 -14.46
CA LYS F 194 21.05 37.80 -13.56
C LYS F 194 22.35 37.40 -12.90
N GLU F 195 23.18 38.39 -12.58
CA GLU F 195 24.47 38.15 -11.96
C GLU F 195 24.34 38.16 -10.44
N ASP F 203 21.70 42.59 -9.30
CA ASP F 203 20.64 43.43 -9.82
C ASP F 203 20.88 43.77 -11.29
N ARG F 204 21.91 43.15 -11.87
CA ARG F 204 22.23 43.33 -13.28
C ARG F 204 22.02 42.03 -14.03
N MET F 205 21.83 42.15 -15.34
CA MET F 205 21.51 41.02 -16.20
C MET F 205 22.56 40.90 -17.29
N VAL F 206 22.83 39.67 -17.73
CA VAL F 206 23.76 39.42 -18.82
C VAL F 206 23.02 38.65 -19.92
N LEU F 207 23.24 39.08 -21.15
CA LEU F 207 22.56 38.59 -22.35
C LEU F 207 23.58 38.19 -23.40
N VAL F 208 23.40 36.99 -23.97
CA VAL F 208 24.16 36.52 -25.12
C VAL F 208 23.23 36.34 -26.29
N GLY F 209 23.64 36.82 -27.46
CA GLY F 209 22.80 36.68 -28.63
C GLY F 209 22.43 38.06 -29.13
N ASP F 210 22.72 38.30 -30.41
CA ASP F 210 22.42 39.58 -31.02
C ASP F 210 20.92 39.85 -30.99
N VAL F 211 20.53 40.92 -30.30
CA VAL F 211 19.13 41.34 -30.27
C VAL F 211 18.93 42.70 -30.91
N LYS F 212 19.99 43.40 -31.29
CA LYS F 212 19.88 44.76 -31.79
C LYS F 212 19.03 44.81 -33.04
N ASP F 213 18.12 45.80 -33.08
CA ASP F 213 17.22 46.06 -34.20
C ASP F 213 16.35 44.87 -34.56
N ARG F 214 16.22 43.89 -33.66
CA ARG F 214 15.44 42.69 -33.89
C ARG F 214 14.28 42.64 -32.91
N VAL F 215 13.40 41.67 -33.15
CA VAL F 215 12.38 41.34 -32.17
C VAL F 215 12.91 40.25 -31.26
N ALA F 216 12.80 40.45 -29.95
CA ALA F 216 13.12 39.42 -28.97
C ALA F 216 11.82 38.85 -28.42
N ILE F 217 11.79 37.54 -28.24
CA ILE F 217 10.61 36.85 -27.74
C ILE F 217 11.02 36.10 -26.49
N LEU F 218 10.59 36.58 -25.34
CA LEU F 218 10.77 35.83 -24.11
C LEU F 218 9.76 34.71 -24.02
N VAL F 219 10.23 33.52 -23.70
CA VAL F 219 9.38 32.35 -23.55
C VAL F 219 9.68 31.73 -22.19
N ASP F 220 8.62 31.42 -21.44
CA ASP F 220 8.77 30.82 -20.12
C ASP F 220 7.51 30.01 -19.83
N ASP F 221 7.60 29.19 -18.79
CA ASP F 221 6.46 28.34 -18.45
C ASP F 221 5.37 29.12 -17.72
N MET F 222 5.72 30.14 -16.94
CA MET F 222 4.71 30.86 -16.20
C MET F 222 5.22 32.25 -15.82
N ALA F 223 4.26 33.14 -15.59
CA ALA F 223 4.55 34.48 -15.09
C ALA F 223 3.69 34.69 -13.86
N ASP F 224 4.30 34.69 -12.68
CA ASP F 224 3.55 34.82 -11.43
C ASP F 224 3.48 36.27 -10.97
N THR F 225 4.61 36.82 -10.54
CA THR F 225 4.70 38.21 -10.17
C THR F 225 5.29 39.06 -11.28
N CYS F 226 5.71 38.42 -12.37
CA CYS F 226 6.31 39.04 -13.54
C CYS F 226 7.63 39.73 -13.23
N GLY F 227 8.21 39.47 -12.06
CA GLY F 227 9.55 39.94 -11.80
C GLY F 227 10.56 39.36 -12.76
N THR F 228 10.40 38.09 -13.12
CA THR F 228 11.34 37.43 -14.01
C THR F 228 11.32 38.03 -15.41
N ILE F 229 10.14 38.20 -16.00
CA ILE F 229 10.09 38.70 -17.38
C ILE F 229 10.33 40.20 -17.45
N CYS F 230 9.96 40.96 -16.42
CA CYS F 230 10.18 42.41 -16.49
C CYS F 230 11.67 42.75 -16.43
N HIS F 231 12.41 42.05 -15.58
CA HIS F 231 13.86 42.24 -15.53
C HIS F 231 14.52 41.85 -16.85
N ALA F 232 14.11 40.71 -17.41
CA ALA F 232 14.64 40.27 -18.69
C ALA F 232 14.32 41.27 -19.80
N ALA F 233 13.10 41.80 -19.79
CA ALA F 233 12.73 42.78 -20.81
C ALA F 233 13.51 44.07 -20.66
N ASP F 234 13.75 44.50 -19.43
CA ASP F 234 14.59 45.67 -19.22
C ASP F 234 15.97 45.46 -19.82
N LYS F 235 16.57 44.31 -19.54
CA LYS F 235 17.86 43.99 -20.16
C LYS F 235 17.77 44.04 -21.68
N LEU F 236 16.77 43.39 -22.26
CA LEU F 236 16.67 43.32 -23.71
C LEU F 236 16.53 44.70 -24.32
N LEU F 237 15.71 45.56 -23.71
CA LEU F 237 15.57 46.91 -24.21
C LEU F 237 16.86 47.71 -24.05
N SER F 238 17.68 47.36 -23.06
CA SER F 238 18.99 48.00 -22.95
C SER F 238 19.84 47.72 -24.19
N ALA F 239 19.69 46.54 -24.78
CA ALA F 239 20.51 46.11 -25.90
C ALA F 239 19.84 46.33 -27.24
N GLY F 240 18.89 47.25 -27.33
CA GLY F 240 18.44 47.77 -28.61
C GLY F 240 17.41 46.96 -29.35
N ALA F 241 16.75 46.00 -28.71
CA ALA F 241 15.71 45.25 -29.38
C ALA F 241 14.54 46.17 -29.74
N THR F 242 14.10 46.08 -30.99
CA THR F 242 13.04 46.96 -31.47
C THR F 242 11.74 46.73 -30.70
N ARG F 243 11.36 45.48 -30.50
CA ARG F 243 10.21 45.11 -29.70
C ARG F 243 10.57 43.91 -28.86
N VAL F 244 9.88 43.75 -27.73
CA VAL F 244 10.04 42.60 -26.86
C VAL F 244 8.67 42.00 -26.62
N TYR F 245 8.57 40.69 -26.79
CA TYR F 245 7.36 39.96 -26.48
C TYR F 245 7.64 38.99 -25.35
N ALA F 246 6.59 38.68 -24.58
CA ALA F 246 6.66 37.62 -23.60
C ALA F 246 5.57 36.62 -23.93
N ILE F 247 5.91 35.33 -23.94
CA ILE F 247 4.93 34.28 -24.19
C ILE F 247 5.07 33.25 -23.07
N LEU F 248 3.95 32.91 -22.45
CA LEU F 248 3.92 32.01 -21.31
C LEU F 248 2.70 31.08 -21.41
N THR F 249 2.89 29.84 -20.99
CA THR F 249 1.72 28.99 -20.94
C THR F 249 0.81 29.33 -19.76
N HIS F 250 1.35 29.57 -18.57
CA HIS F 250 0.53 29.83 -17.38
C HIS F 250 0.62 31.29 -16.99
N GLY F 251 -0.48 32.02 -17.15
CA GLY F 251 -0.59 33.40 -16.74
C GLY F 251 -1.14 33.61 -15.34
N ILE F 252 -0.34 33.34 -14.31
CA ILE F 252 -0.85 33.45 -12.94
C ILE F 252 -1.12 34.89 -12.57
N PHE F 253 -0.15 35.78 -12.80
CA PHE F 253 -0.31 37.22 -12.65
C PHE F 253 -0.79 37.62 -11.26
N SER F 254 -0.14 37.11 -10.23
CA SER F 254 -0.52 37.47 -8.87
C SER F 254 0.28 38.68 -8.39
N GLY F 255 -0.18 39.26 -7.29
CA GLY F 255 0.51 40.36 -6.66
C GLY F 255 0.60 41.60 -7.51
N PRO F 256 1.81 42.11 -7.69
CA PRO F 256 1.98 43.36 -8.45
C PRO F 256 2.14 43.15 -9.95
N ALA F 257 1.75 41.96 -10.44
CA ALA F 257 2.09 41.59 -11.82
C ALA F 257 1.47 42.54 -12.84
N ILE F 258 0.19 42.89 -12.66
CA ILE F 258 -0.50 43.70 -13.66
C ILE F 258 0.13 45.09 -13.76
N SER F 259 0.48 45.69 -12.62
CA SER F 259 1.11 47.00 -12.64
C SER F 259 2.49 46.94 -13.30
N ARG F 260 3.28 45.90 -13.00
CA ARG F 260 4.59 45.77 -13.62
C ARG F 260 4.47 45.61 -15.13
N ILE F 261 3.52 44.79 -15.58
CA ILE F 261 3.32 44.62 -17.02
C ILE F 261 2.90 45.93 -17.65
N ASN F 262 2.02 46.68 -16.98
CA ASN F 262 1.56 47.95 -17.53
C ASN F 262 2.71 48.93 -17.65
N ASN F 263 3.64 48.92 -16.70
CA ASN F 263 4.77 49.83 -16.73
C ASN F 263 5.97 49.30 -17.50
N ALA F 264 5.89 48.08 -18.04
CA ALA F 264 7.01 47.52 -18.78
C ALA F 264 6.86 47.81 -20.26
N CYS F 265 7.91 47.47 -21.02
CA CYS F 265 7.98 47.82 -22.43
C CYS F 265 7.50 46.71 -23.35
N PHE F 266 6.81 45.70 -22.82
CA PHE F 266 6.35 44.59 -23.64
C PHE F 266 5.44 45.08 -24.75
N GLU F 267 5.71 44.63 -25.97
CA GLU F 267 4.73 44.78 -27.03
C GLU F 267 3.49 43.95 -26.75
N ALA F 268 3.69 42.73 -26.23
CA ALA F 268 2.59 41.85 -25.89
C ALA F 268 3.04 40.84 -24.86
N VAL F 269 2.12 40.49 -23.97
CA VAL F 269 2.29 39.40 -23.03
C VAL F 269 1.23 38.38 -23.38
N VAL F 270 1.64 37.30 -24.00
CA VAL F 270 0.74 36.26 -24.48
C VAL F 270 0.75 35.12 -23.48
N VAL F 271 -0.42 34.64 -23.08
CA VAL F 271 -0.54 33.51 -22.18
C VAL F 271 -1.53 32.52 -22.76
N THR F 272 -1.40 31.27 -22.37
CA THR F 272 -2.50 30.35 -22.71
C THR F 272 -3.66 30.52 -21.74
N ASN F 273 -4.79 29.91 -22.06
CA ASN F 273 -5.92 29.90 -21.13
C ASN F 273 -5.94 28.64 -20.27
N THR F 274 -4.79 28.24 -19.72
CA THR F 274 -4.82 27.23 -18.66
C THR F 274 -5.37 27.80 -17.38
N ILE F 275 -5.37 29.13 -17.25
CA ILE F 275 -5.89 29.87 -16.11
C ILE F 275 -6.83 30.92 -16.69
N PRO F 276 -7.98 31.18 -16.09
CA PRO F 276 -8.86 32.23 -16.62
C PRO F 276 -8.18 33.59 -16.60
N GLN F 277 -8.37 34.35 -17.67
CA GLN F 277 -7.62 35.59 -17.87
C GLN F 277 -8.49 36.83 -18.04
N GLU F 278 -9.82 36.70 -18.06
CA GLU F 278 -10.67 37.83 -18.38
C GLU F 278 -10.50 38.98 -17.40
N ASP F 279 -10.46 38.67 -16.10
CA ASP F 279 -10.30 39.71 -15.09
C ASP F 279 -8.97 40.43 -15.25
N LYS F 280 -7.89 39.68 -15.46
CA LYS F 280 -6.59 40.30 -15.68
C LYS F 280 -6.56 41.08 -17.00
N MET F 281 -7.24 40.57 -18.02
CA MET F 281 -7.26 41.26 -19.31
C MET F 281 -8.00 42.58 -19.21
N LYS F 282 -8.95 42.70 -18.28
CA LYS F 282 -9.65 43.97 -18.10
C LYS F 282 -8.69 45.07 -17.67
N HIS F 283 -7.74 44.76 -16.79
CA HIS F 283 -6.83 45.74 -16.23
C HIS F 283 -5.52 45.86 -16.99
N CYS F 284 -5.29 45.06 -18.02
CA CYS F 284 -4.02 45.08 -18.74
C CYS F 284 -4.30 44.88 -20.23
N SER F 285 -4.03 45.90 -21.03
CA SER F 285 -4.40 45.85 -22.44
C SER F 285 -3.47 44.98 -23.26
N LYS F 286 -2.24 44.76 -22.81
CA LYS F 286 -1.28 44.03 -23.62
C LYS F 286 -1.28 42.53 -23.37
N ILE F 287 -2.21 42.01 -22.58
CA ILE F 287 -2.33 40.57 -22.38
C ILE F 287 -3.20 39.98 -23.49
N GLN F 288 -2.67 38.98 -24.20
CA GLN F 288 -3.44 38.21 -25.17
C GLN F 288 -3.40 36.74 -24.80
N VAL F 289 -4.46 36.03 -25.16
CA VAL F 289 -4.67 34.65 -24.72
C VAL F 289 -4.63 33.73 -25.94
N ILE F 290 -3.89 32.64 -25.82
CA ILE F 290 -3.93 31.54 -26.77
C ILE F 290 -4.84 30.46 -26.21
N ASP F 291 -5.84 30.07 -26.99
CA ASP F 291 -6.72 29.00 -26.55
C ASP F 291 -5.99 27.67 -26.72
N ILE F 292 -5.89 26.90 -25.63
CA ILE F 292 -5.33 25.57 -25.71
C ILE F 292 -6.38 24.50 -25.47
N SER F 293 -7.66 24.87 -25.54
CA SER F 293 -8.71 23.90 -25.30
C SER F 293 -8.72 22.80 -26.35
N MET F 294 -8.26 23.09 -27.58
CA MET F 294 -8.21 22.02 -28.58
C MET F 294 -7.18 20.96 -28.20
N ILE F 295 -6.05 21.39 -27.65
CA ILE F 295 -5.01 20.44 -27.24
C ILE F 295 -5.52 19.56 -26.11
N LEU F 296 -6.15 20.15 -25.10
CA LEU F 296 -6.68 19.37 -23.99
C LEU F 296 -7.80 18.45 -24.44
N ALA F 297 -8.69 18.94 -25.30
CA ALA F 297 -9.77 18.09 -25.82
C ALA F 297 -9.20 16.92 -26.62
N GLU F 298 -8.20 17.18 -27.46
CA GLU F 298 -7.59 16.09 -28.21
C GLU F 298 -6.90 15.10 -27.29
N ALA F 299 -6.24 15.57 -26.25
CA ALA F 299 -5.61 14.65 -25.31
C ALA F 299 -6.65 13.78 -24.63
N ILE F 300 -7.76 14.37 -24.20
CA ILE F 300 -8.82 13.59 -23.57
C ILE F 300 -9.36 12.55 -24.55
N ARG F 301 -9.65 12.98 -25.76
CA ARG F 301 -10.20 12.09 -26.78
C ARG F 301 -9.24 10.96 -27.12
N ARG F 302 -7.96 11.26 -27.22
CA ARG F 302 -6.98 10.24 -27.57
C ARG F 302 -6.72 9.27 -26.42
N THR F 303 -6.67 9.74 -25.18
CA THR F 303 -6.55 8.81 -24.07
C THR F 303 -7.78 7.91 -23.99
N HIS F 304 -8.96 8.47 -24.24
CA HIS F 304 -10.17 7.63 -24.23
C HIS F 304 -10.14 6.58 -25.33
N ASN F 305 -9.70 6.95 -26.53
CA ASN F 305 -9.74 6.04 -27.66
C ASN F 305 -8.50 5.17 -27.80
N GLY F 306 -7.53 5.28 -26.90
CA GLY F 306 -6.31 4.52 -27.06
C GLY F 306 -5.44 4.97 -28.20
N GLU F 307 -5.54 6.23 -28.60
CA GLU F 307 -4.75 6.82 -29.66
C GLU F 307 -3.52 7.51 -29.08
N SER F 308 -2.53 7.77 -29.93
CA SER F 308 -1.28 8.34 -29.47
C SER F 308 -1.49 9.77 -28.97
N VAL F 309 -1.09 10.03 -27.72
CA VAL F 309 -1.13 11.38 -27.19
C VAL F 309 0.12 12.16 -27.59
N SER F 310 1.26 11.50 -27.65
CA SER F 310 2.51 12.18 -27.97
C SER F 310 2.49 12.79 -29.36
N TYR F 311 1.59 12.34 -30.22
CA TYR F 311 1.40 12.97 -31.52
C TYR F 311 1.07 14.46 -31.37
N LEU F 312 0.41 14.84 -30.28
CA LEU F 312 0.10 16.23 -30.00
C LEU F 312 1.32 17.06 -29.63
N PHE F 313 2.44 16.44 -29.26
CA PHE F 313 3.62 17.21 -28.88
C PHE F 313 4.13 18.05 -30.03
N SER F 314 3.83 17.66 -31.27
CA SER F 314 4.34 18.36 -32.43
C SER F 314 3.28 18.79 -33.44
N HIS F 315 2.00 18.53 -33.18
CA HIS F 315 0.94 18.81 -34.15
C HIS F 315 -0.18 19.60 -33.51
N VAL F 316 -0.57 20.70 -34.15
CA VAL F 316 -1.75 21.46 -33.77
C VAL F 316 -2.97 20.77 -34.35
N PRO F 317 -3.94 20.34 -33.53
CA PRO F 317 -5.14 19.68 -34.08
C PRO F 317 -6.13 20.65 -34.69
PG ATP G . -26.67 3.36 17.46
O1G ATP G . -26.53 2.19 16.57
O2G ATP G . -28.08 3.50 18.07
O3G ATP G . -26.29 4.69 16.79
PB ATP G . -24.66 2.15 19.18
O1B ATP G . -23.70 1.84 18.10
O2B ATP G . -24.07 2.60 20.51
O3B ATP G . -25.71 3.25 18.72
PA ATP G . -25.58 -0.61 18.99
O1A ATP G . -25.10 -0.73 17.60
O2A ATP G . -26.97 -1.18 19.24
O3A ATP G . -25.61 0.90 19.47
O5' ATP G . -24.60 -1.34 20.02
C5' ATP G . -23.18 -1.49 19.85
C4' ATP G . -22.65 -2.26 21.03
O4' ATP G . -22.83 -3.68 20.79
C3' ATP G . -21.15 -2.07 21.33
O3' ATP G . -20.92 -2.05 22.73
C2' ATP G . -20.51 -3.29 20.66
O2' ATP G . -19.30 -3.66 21.29
C1' ATP G . -21.59 -4.34 20.88
N9 ATP G . -21.58 -5.42 19.89
C8 ATP G . -20.73 -5.53 18.82
N7 ATP G . -20.92 -6.61 18.10
C5 ATP G . -21.97 -7.25 18.74
C6 ATP G . -22.66 -8.45 18.47
N6 ATP G . -22.36 -9.26 17.46
N1 ATP G . -23.67 -8.79 19.31
C2 ATP G . -23.96 -7.99 20.33
N3 ATP G . -23.38 -6.84 20.68
C4 ATP G . -22.40 -6.52 19.84
C1 HSX H . -28.91 -3.46 17.72
O4 HSX H . -29.77 -4.22 18.56
C2 HSX H . -29.56 -3.51 16.33
O2 HSX H . -29.21 -2.45 15.47
C3 HSX H . -31.05 -3.53 16.66
O3 HSX H . -31.57 -2.22 16.87
C4 HSX H . -31.08 -4.36 17.96
C5 HSX H . -31.41 -5.82 17.80
O5 HSX H . -30.53 -6.61 18.64
P' HSX H . -31.10 -7.20 20.02
O1X HSX H . -30.57 -6.30 21.12
O2X HSX H . -32.61 -7.15 19.90
O3X HSX H . -30.57 -8.62 20.11
O1 HSX H . -28.80 -2.16 18.16
P PO4 I . -25.59 4.93 -9.46
O1 PO4 I . -24.69 5.98 -8.89
O2 PO4 I . -25.79 3.85 -8.44
O3 PO4 I . -24.97 4.34 -10.69
O4 PO4 I . -26.90 5.56 -9.81
MG MG J . -24.42 0.71 16.37
MG MG K . -30.31 0.13 16.81
C1 PRP L . -24.63 17.77 13.06
C2 PRP L . -24.24 18.05 14.49
C3 PRP L . -24.99 19.31 14.86
C4 PRP L . -25.45 19.87 13.53
C5 PRP L . -25.10 21.33 13.34
O1 PRP L . -25.84 17.02 13.09
O2 PRP L . -24.63 16.98 15.36
O3 PRP L . -26.16 18.97 15.59
O4 PRP L . -24.90 19.05 12.50
O5 PRP L . -26.33 21.95 12.98
P PRP L . -26.42 23.53 12.76
O1P PRP L . -25.81 24.10 14.02
O2P PRP L . -25.63 23.75 11.50
O3P PRP L . -27.89 23.79 12.60
PA PRP L . -26.24 15.99 11.91
O1A PRP L . -24.99 15.51 11.22
O2A PRP L . -27.31 16.63 11.08
O3A PRP L . -26.96 14.78 12.70
PB PRP L . -26.26 13.66 13.62
O1B PRP L . -25.51 14.39 14.70
O2B PRP L . -27.46 12.88 14.12
O3B PRP L . -25.36 12.88 12.71
P AMP M . -27.12 13.19 8.84
O1P AMP M . -25.85 12.57 9.37
O2P AMP M . -27.60 12.54 7.55
O3P AMP M . -28.21 13.31 9.88
O5' AMP M . -26.74 14.71 8.42
C5' AMP M . -25.46 14.95 7.78
C4' AMP M . -25.68 15.86 6.59
O4' AMP M . -24.81 17.02 6.72
C3' AMP M . -25.36 15.25 5.22
O3' AMP M . -26.39 15.57 4.28
C2' AMP M . -24.03 15.91 4.84
O2' AMP M . -23.87 16.01 3.44
C1' AMP M . -24.19 17.27 5.49
N9 AMP M . -22.93 17.96 5.73
C8 AMP M . -21.66 17.48 5.52
N7 AMP M . -20.73 18.34 5.81
C5 AMP M . -21.41 19.46 6.24
C6 AMP M . -20.98 20.72 6.69
N6 AMP M . -19.69 21.08 6.78
N1 AMP M . -21.92 21.63 7.03
C2 AMP M . -23.21 21.27 6.94
N3 AMP M . -23.74 20.13 6.53
C4 AMP M . -22.78 19.25 6.20
P PO4 N . -5.02 3.84 26.95
O1 PO4 N . -5.59 3.74 28.34
O2 PO4 N . -5.55 5.07 26.27
O3 PO4 N . -3.53 3.90 27.01
O4 PO4 N . -5.44 2.62 26.17
MG MG O . -24.08 13.39 11.01
MG MG P . -25.54 15.59 16.00
PG ATP Q . 5.72 -32.04 0.19
O1G ATP Q . 5.22 -31.35 1.41
O2G ATP Q . 6.11 -33.51 0.44
O3G ATP Q . 6.88 -31.32 -0.49
PB ATP Q . 3.07 -31.60 -0.96
O1B ATP Q . 2.98 -30.18 -0.61
O2B ATP Q . 2.49 -32.01 -2.31
O3B ATP Q . 4.58 -32.12 -0.93
PA ATP Q . 1.49 -32.18 1.42
O1A ATP Q . 1.91 -30.92 2.05
O2A ATP Q . 1.52 -33.41 2.32
O3A ATP Q . 2.39 -32.51 0.15
O5' ATP Q . 0.01 -32.09 0.84
C5' ATP Q . -0.62 -30.90 0.33
C4' ATP Q . -2.03 -31.24 -0.08
O4' ATP Q . -2.89 -31.23 1.07
C3' ATP Q . -2.67 -30.30 -1.10
O3' ATP Q . -3.47 -31.01 -2.03
C2' ATP Q . -3.51 -29.37 -0.22
O2' ATP Q . -4.63 -28.86 -0.92
C1' ATP Q . -3.97 -30.34 0.87
N9 ATP Q . -4.27 -29.69 2.14
C8 ATP Q . -4.18 -28.35 2.42
N7 ATP Q . -4.54 -28.03 3.64
C5 ATP Q . -4.89 -29.24 4.21
C6 ATP Q . -5.36 -29.60 5.48
N6 ATP Q . -5.59 -28.72 6.46
N1 ATP Q . -5.61 -30.91 5.72
C2 ATP Q . -5.41 -31.79 4.74
N3 ATP Q . -4.97 -31.57 3.50
C4 ATP Q . -4.73 -30.27 3.29
C1 HSX R . 1.53 -33.58 5.49
O4 HSX R . 0.83 -34.76 5.84
C2 HSX R . 2.41 -33.26 6.71
O2 HSX R . 3.55 -32.48 6.44
C3 HSX R . 2.77 -34.65 7.24
O3 HSX R . 3.89 -35.21 6.57
C4 HSX R . 1.49 -35.44 6.94
C5 HSX R . 0.52 -35.58 8.08
O5 HSX R . -0.84 -35.37 7.60
P' HSX R . -1.78 -36.66 7.38
O1X HSX R . -1.14 -37.79 8.16
O2X HSX R . -1.79 -36.91 5.88
O3X HSX R . -3.15 -36.27 7.92
O1 HSX R . 2.32 -33.79 4.37
P PO4 S . 19.54 -13.65 14.69
O1 PO4 S . 20.80 -14.37 15.12
O2 PO4 S . 18.36 -14.53 14.93
O3 PO4 S . 19.39 -12.38 15.46
O4 PO4 S . 19.63 -13.34 13.23
MG MG T . 3.27 -29.50 1.42
MG MG U . 5.01 -34.17 4.80
PG ATP V . 14.53 -29.14 -2.51
O1G ATP V . 14.51 -28.22 -3.67
O2G ATP V . 15.06 -30.54 -2.84
O3G ATP V . 13.18 -29.28 -1.80
PB ATP V . 16.44 -27.31 -1.27
O1B ATP V . 15.67 -26.07 -1.54
O2B ATP V . 17.18 -27.38 0.05
O3B ATP V . 15.52 -28.60 -1.37
PA ATP V . 18.02 -26.71 -3.66
O1A ATP V . 16.92 -25.89 -4.22
O2A ATP V . 18.69 -27.67 -4.63
O3A ATP V . 17.51 -27.58 -2.43
O5' ATP V . 19.17 -25.80 -3.04
C5' ATP V . 19.00 -24.50 -2.45
C4' ATP V . 20.35 -23.98 -2.03
O4' ATP V . 21.03 -23.39 -3.17
C3' ATP V . 20.34 -22.91 -0.94
O3' ATP V . 21.42 -23.07 -0.04
C2' ATP V . 20.46 -21.61 -1.74
O2' ATP V . 21.08 -20.58 -1.00
C1' ATP V . 21.37 -22.05 -2.88
N9 ATP V . 21.21 -21.28 -4.11
C8 ATP V . 20.35 -20.23 -4.30
N7 ATP V . 20.44 -19.69 -5.50
C5 ATP V . 21.43 -20.43 -6.12
C6 ATP V . 21.99 -20.36 -7.41
N6 ATP V . 21.63 -19.45 -8.33
N1 ATP V . 22.94 -21.26 -7.73
C2 ATP V . 23.31 -22.15 -6.81
N3 ATP V . 22.86 -22.31 -5.57
C4 ATP V . 21.91 -21.41 -5.28
C1 HSX W . 18.71 -27.61 -7.80
O4 HSX W . 19.97 -28.14 -8.21
C2 HSX W . 17.79 -27.79 -9.02
O2 HSX W . 16.42 -27.84 -8.72
C3 HSX W . 18.31 -29.09 -9.63
O3 HSX W . 17.74 -30.24 -9.03
C4 HSX W . 19.82 -29.00 -9.37
C5 HSX W . 20.67 -28.48 -10.50
O5 HSX W . 21.65 -27.55 -9.97
P' HSX W . 23.17 -28.05 -9.80
O1X HSX W . 23.36 -28.33 -8.33
O2X HSX W . 23.30 -29.30 -10.67
O3X HSX W . 24.04 -26.90 -10.30
O1 HSX W . 18.22 -28.31 -6.71
P PO4 X . -7.72 -21.46 -16.11
O1 PO4 X . -7.95 -21.34 -14.63
O2 PO4 X . -6.25 -21.46 -16.39
O3 PO4 X . -8.36 -20.30 -16.81
O4 PO4 X . -8.33 -22.73 -16.61
MG MG Y . 15.00 -25.58 -3.52
MG MG Z . 16.26 -30.17 -7.22
PG ATP AA . 19.82 19.51 -17.15
O1G ATP AA . 20.38 18.43 -16.29
O2G ATP AA . 20.88 20.46 -17.72
O3G ATP AA . 18.73 20.33 -16.45
PB ATP AA . 18.89 17.41 -18.94
O1B ATP AA . 18.28 16.56 -17.89
O2B ATP AA . 18.14 17.47 -20.26
O3B ATP AA . 19.09 18.89 -18.43
PA ATP AA . 21.24 15.70 -18.81
O1A ATP AA . 20.92 15.28 -17.43
O2A ATP AA . 22.71 16.05 -19.05
O3A ATP AA . 20.39 16.96 -19.25
O5' ATP AA . 20.87 14.57 -19.88
C5' ATP AA . 19.79 13.61 -19.75
C4' ATP AA . 19.82 12.71 -20.96
O4' ATP AA . 20.79 11.66 -20.76
C3' ATP AA . 18.49 12.02 -21.27
O3' ATP AA . 18.29 11.93 -22.68
C2' ATP AA . 18.69 10.63 -20.65
O2' ATP AA . 17.92 9.63 -21.32
C1' ATP AA . 20.18 10.40 -20.89
N9 ATP AA . 20.79 9.49 -19.93
C8 ATP AA . 20.17 8.86 -18.88
N7 ATP AA . 20.96 8.07 -18.18
C5 ATP AA . 22.18 8.19 -18.82
C6 ATP AA . 23.44 7.61 -18.58
N6 ATP AA . 23.68 6.74 -17.59
N1 ATP AA . 24.46 7.95 -19.40
C2 ATP AA . 24.23 8.81 -20.39
N3 ATP AA . 23.09 9.42 -20.72
C4 ATP AA . 22.09 9.06 -19.90
C1 HSX BA . 25.28 15.27 -17.37
O4 HSX BA . 26.35 15.14 -18.30
C2 HSX BA . 25.95 15.52 -16.02
O2 HSX BA . 25.15 16.19 -15.07
C3 HSX BA . 27.19 16.33 -16.41
O3 HSX BA . 26.92 17.72 -16.53
C4 HSX BA . 27.57 15.71 -17.76
C5 HSX BA . 28.64 14.65 -17.72
O5 HSX BA . 28.26 13.55 -18.59
P' HSX BA . 28.97 13.42 -20.03
O1X HSX BA . 30.22 14.27 -19.96
O2X HSX BA . 27.95 13.94 -21.03
O3X HSX BA . 29.27 11.95 -20.21
O1 HSX BA . 24.46 16.32 -17.71
P PO4 CA . 18.47 18.49 9.99
O1 PO4 CA . 19.13 19.75 10.47
O2 PO4 CA . 19.32 17.84 8.94
O3 PO4 CA . 18.30 17.55 11.15
O4 PO4 CA . 17.13 18.80 9.42
MG MG DA . 19.42 15.92 -16.16
MG MG EA . 24.79 18.65 -16.27
PG ATP FA . 15.07 26.32 -12.08
O1G ATP FA . 13.58 26.18 -12.16
O2G ATP FA . 15.62 27.51 -12.86
O3G ATP FA . 15.82 25.05 -12.50
PB ATP FA . 14.71 26.71 -9.21
O1B ATP FA . 13.82 25.56 -8.99
O2B ATP FA . 15.73 26.99 -8.11
O3B ATP FA . 15.53 26.58 -10.57
PA ATP FA . 12.35 28.41 -9.32
O1A ATP FA . 11.49 27.26 -9.70
O2A ATP FA . 12.11 29.69 -10.11
O3A ATP FA . 13.89 28.05 -9.45
O5' ATP FA . 12.16 28.78 -7.79
C5' ATP FA . 11.83 27.85 -6.72
C4' ATP FA . 11.72 28.63 -5.43
O4' ATP FA . 10.40 29.23 -5.34
C3' ATP FA . 11.90 27.81 -4.16
O3' ATP FA . 12.61 28.56 -3.17
C2' ATP FA . 10.46 27.53 -3.73
O2' ATP FA . 10.35 27.35 -2.31
C1' ATP FA . 9.76 28.81 -4.16
N9 ATP FA . 8.34 28.65 -4.43
C8 ATP FA . 7.61 27.49 -4.34
N7 ATP FA . 6.35 27.64 -4.64
C5 ATP FA . 6.22 28.98 -4.92
C6 ATP FA . 5.12 29.78 -5.30
N6 ATP FA . 3.88 29.30 -5.44
N1 ATP FA . 5.34 31.09 -5.52
C2 ATP FA . 6.57 31.57 -5.37
N3 ATP FA . 7.69 30.92 -5.02
C4 ATP FA . 7.45 29.62 -4.81
C1 HSX GA . 9.60 30.56 -11.85
O4 HSX GA . 9.50 31.97 -11.72
C2 HSX GA . 8.85 30.21 -13.13
O2 HSX GA . 9.25 29.00 -13.74
C3 HSX GA . 9.13 31.42 -14.01
O3 HSX GA . 10.36 31.32 -14.71
C4 HSX GA . 9.15 32.57 -13.00
C5 HSX GA . 7.86 33.34 -12.85
O5 HSX GA . 7.60 33.58 -11.44
P' HSX GA . 7.90 35.06 -10.84
O1X HSX GA . 9.22 34.94 -10.09
O2X HSX GA . 7.98 35.98 -12.04
O3X HSX GA . 6.74 35.37 -9.94
O1 HSX GA . 10.92 30.18 -11.93
P PO4 HA . 1.71 7.81 -26.87
O1 PO4 HA . 2.81 7.15 -26.08
O2 PO4 HA . 1.37 9.12 -26.23
O3 PO4 HA . 0.51 6.91 -26.87
O4 PO4 HA . 2.17 8.03 -28.27
MG MG IA . 12.02 25.30 -10.15
MG MG JA . 11.87 29.54 -14.44
#